data_7C07
#
_entry.id   7C07
#
_cell.length_a   94.487
_cell.length_b   256.947
_cell.length_c   94.591
_cell.angle_alpha   90.000
_cell.angle_beta   100.751
_cell.angle_gamma   90.000
#
_symmetry.space_group_name_H-M   'P 1 21 1'
#
loop_
_entity.id
_entity.type
_entity.pdbx_description
1 polymer 'Splicing factor U2AF 23 kDa subunit'
2 polymer 'Splicing factor U2AF 59 kDa subunit'
3 polymer "RNA (5'-R(*U*AP*AP*GP*GP*U)-3')"
4 non-polymer 'ZINC ION'
#
loop_
_entity_poly.entity_id
_entity_poly.type
_entity_poly.pdbx_seq_one_letter_code
_entity_poly.pdbx_strand_id
1 'polypeptide(L)'
;MASHLASIYGTEQDKVNCSFYYKIGACRHGERCSRKHVKPNFSQTILCPNMYKNPIHEPNGKKFTQRELAEQFDAFYEDM
FCEFSKYGEVEQLVVCDNVGDHLVGNVYVRFKYEESAQNAIDDLNSRWYSQRPVYAELSPVTDFREACCRQHETSECQRG
GLCNFMHAKKPSPQLLRDLVLAQRKYLALNAAEEMKKEPNSDSTNRWVSVTAERKN
;
A,D,G,J,M,P,S,V,Y
2 'polypeptide(L)' SSVGRSRSPPPSRERSVRSIEQELEQLRDVTPINQWKRKRSLWDIKPPGYELVTADQAKMSGVFPLPGA B,E,H,K,N,Q,T,W,Z
3 'polyribonucleotide' UAAGGU C,F,I,L,O,R,U,X,1
#
# COMPACT_ATOMS: atom_id res chain seq x y z
N ALA A 2 21.76 -5.89 16.57
CA ALA A 2 22.60 -6.96 16.06
C ALA A 2 22.71 -6.88 14.53
N SER A 3 22.05 -5.89 13.95
CA SER A 3 22.06 -5.69 12.51
C SER A 3 23.24 -4.87 12.03
N HIS A 4 23.89 -4.12 12.92
CA HIS A 4 25.00 -3.25 12.54
C HIS A 4 25.83 -2.95 13.77
N LEU A 5 27.12 -2.70 13.54
CA LEU A 5 28.02 -2.33 14.63
C LEU A 5 27.72 -0.93 15.11
N ALA A 6 27.88 -0.71 16.41
CA ALA A 6 27.66 0.60 17.01
C ALA A 6 28.96 1.40 17.01
N SER A 7 28.85 2.68 16.69
CA SER A 7 29.99 3.57 16.61
C SER A 7 29.80 4.75 17.56
N ILE A 8 30.88 5.49 17.79
CA ILE A 8 30.86 6.66 18.67
C ILE A 8 31.54 7.83 17.97
N TYR A 9 31.74 7.71 16.65
CA TYR A 9 32.40 8.77 15.90
C TYR A 9 31.55 10.03 15.89
N GLY A 10 32.21 11.18 16.07
CA GLY A 10 31.52 12.45 16.10
C GLY A 10 30.62 12.68 17.30
N THR A 11 30.55 11.73 18.23
CA THR A 11 29.69 11.86 19.39
C THR A 11 30.43 12.54 20.52
N GLU A 12 29.68 12.96 21.54
CA GLU A 12 30.28 13.56 22.72
C GLU A 12 31.13 12.57 23.50
N GLN A 13 30.93 11.27 23.27
CA GLN A 13 31.77 10.25 23.89
C GLN A 13 33.07 10.05 23.14
N ASP A 14 33.17 10.51 21.90
CA ASP A 14 34.41 10.42 21.13
C ASP A 14 35.45 11.33 21.77
N LYS A 15 36.58 10.75 22.17
CA LYS A 15 37.58 11.46 22.95
C LYS A 15 38.77 11.92 22.11
N VAL A 16 38.73 11.74 20.79
CA VAL A 16 39.77 12.26 19.90
C VAL A 16 39.20 13.26 18.90
N ASN A 17 38.02 12.98 18.35
CA ASN A 17 37.33 13.94 17.49
C ASN A 17 36.48 14.87 18.33
N CYS A 18 36.45 16.15 17.95
CA CYS A 18 35.62 17.13 18.63
C CYS A 18 34.18 16.98 18.15
N SER A 19 33.27 16.68 19.07
CA SER A 19 31.87 16.52 18.68
C SER A 19 31.24 17.85 18.31
N PHE A 20 31.62 18.92 19.01
CA PHE A 20 31.00 20.22 18.76
C PHE A 20 31.43 20.80 17.42
N TYR A 21 32.67 20.55 17.00
CA TYR A 21 33.12 21.02 15.70
C TYR A 21 32.59 20.14 14.56
N TYR A 22 32.36 18.85 14.84
CA TYR A 22 31.86 17.95 13.80
C TYR A 22 30.38 18.20 13.50
N LYS A 23 29.62 18.67 14.49
CA LYS A 23 28.19 18.90 14.32
C LYS A 23 27.86 20.37 14.05
N ILE A 24 28.42 21.27 14.86
CA ILE A 24 28.09 22.69 14.76
C ILE A 24 29.04 23.47 13.86
N GLY A 25 30.24 22.95 13.60
CA GLY A 25 31.19 23.64 12.76
C GLY A 25 32.01 24.70 13.47
N ALA A 26 31.91 24.80 14.79
CA ALA A 26 32.68 25.78 15.54
C ALA A 26 32.72 25.36 16.99
N CYS A 27 33.93 25.33 17.56
CA CYS A 27 34.14 24.96 18.95
C CYS A 27 34.62 26.18 19.75
N ARG A 28 34.27 26.18 21.03
CA ARG A 28 34.62 27.31 21.90
C ARG A 28 36.12 27.42 22.11
N HIS A 29 36.87 26.33 21.94
CA HIS A 29 38.32 26.38 22.16
C HIS A 29 39.09 26.73 20.89
N GLY A 30 38.52 26.45 19.72
CA GLY A 30 39.17 26.82 18.47
C GLY A 30 40.39 25.98 18.19
N GLU A 31 41.49 26.64 17.82
CA GLU A 31 42.71 25.94 17.47
C GLU A 31 43.45 25.40 18.69
N ARG A 32 43.05 25.78 19.90
CA ARG A 32 43.66 25.30 21.12
C ARG A 32 42.94 24.09 21.72
N CYS A 33 41.96 23.54 21.01
CA CYS A 33 41.20 22.41 21.53
C CYS A 33 42.05 21.15 21.59
N SER A 34 41.78 20.32 22.61
CA SER A 34 42.51 19.08 22.78
C SER A 34 42.08 17.99 21.80
N ARG A 35 40.87 18.09 21.24
CA ARG A 35 40.38 17.13 20.27
C ARG A 35 40.47 17.68 18.85
N LYS A 36 40.38 16.78 17.88
CA LYS A 36 40.66 17.13 16.50
C LYS A 36 39.51 17.89 15.85
N HIS A 37 39.86 18.95 15.12
CA HIS A 37 38.94 19.70 14.27
C HIS A 37 39.31 19.39 12.83
N VAL A 38 38.58 18.47 12.20
CA VAL A 38 38.90 18.06 10.84
C VAL A 38 38.25 19.05 9.87
N LYS A 39 39.08 19.78 9.13
CA LYS A 39 38.59 20.72 8.13
C LYS A 39 38.40 20.00 6.80
N PRO A 40 37.17 19.93 6.28
CA PRO A 40 36.95 19.16 5.05
C PRO A 40 37.53 19.85 3.82
N ASN A 41 38.04 19.05 2.90
CA ASN A 41 38.51 19.56 1.61
C ASN A 41 37.38 19.65 0.60
N PHE A 42 36.39 18.77 0.70
CA PHE A 42 35.20 18.78 -0.13
C PHE A 42 33.99 18.87 0.78
N SER A 43 33.17 19.89 0.59
CA SER A 43 31.99 20.07 1.43
C SER A 43 30.98 20.92 0.69
N GLN A 44 29.71 20.79 1.10
CA GLN A 44 28.63 21.60 0.56
C GLN A 44 28.33 22.83 1.40
N THR A 45 28.80 22.87 2.64
CA THR A 45 28.50 23.96 3.56
C THR A 45 29.74 24.82 3.76
N ILE A 46 29.56 26.14 3.71
CA ILE A 46 30.62 27.11 3.93
C ILE A 46 30.28 27.91 5.19
N LEU A 47 31.32 28.49 5.79
CA LEU A 47 31.17 29.25 7.02
C LEU A 47 31.79 30.63 6.85
N CYS A 48 31.04 31.66 7.25
CA CYS A 48 31.50 33.05 7.28
C CYS A 48 31.39 33.52 8.73
N PRO A 49 32.44 33.35 9.54
CA PRO A 49 32.33 33.69 10.96
C PRO A 49 32.20 35.19 11.18
N ASN A 50 31.34 35.56 12.12
CA ASN A 50 31.15 36.95 12.56
C ASN A 50 30.81 37.86 11.38
N MET A 51 29.74 37.50 10.68
CA MET A 51 29.27 38.30 9.56
C MET A 51 28.01 39.09 9.90
N TYR A 52 27.11 38.53 10.70
CA TYR A 52 25.89 39.21 11.11
C TYR A 52 26.14 39.91 12.44
N LYS A 53 26.17 41.24 12.42
CA LYS A 53 26.28 42.04 13.64
C LYS A 53 24.88 42.47 14.06
N ASN A 54 24.33 41.75 15.03
CA ASN A 54 23.00 42.05 15.54
C ASN A 54 23.03 43.41 16.23
N PRO A 55 22.19 44.37 15.82
CA PRO A 55 22.22 45.69 16.45
C PRO A 55 21.93 45.68 17.94
N ILE A 56 21.26 44.65 18.45
CA ILE A 56 20.94 44.60 19.89
C ILE A 56 22.21 44.59 20.73
N HIS A 57 23.30 44.06 20.21
CA HIS A 57 24.58 44.02 20.91
C HIS A 57 25.49 45.17 20.53
N GLU A 58 24.93 46.35 20.33
CA GLU A 58 25.66 47.55 19.99
C GLU A 58 25.38 48.65 21.01
N PRO A 59 26.27 49.64 21.15
CA PRO A 59 26.03 50.71 22.13
C PRO A 59 24.74 51.48 21.87
N ASN A 60 24.47 51.86 20.63
CA ASN A 60 23.25 52.58 20.26
C ASN A 60 22.25 51.68 19.55
N GLY A 61 22.18 50.41 19.94
CA GLY A 61 21.38 49.45 19.19
C GLY A 61 20.18 48.89 19.92
N LYS A 62 19.67 49.60 20.92
CA LYS A 62 18.39 49.29 21.55
C LYS A 62 17.39 50.42 21.36
N LYS A 63 17.60 51.26 20.34
CA LYS A 63 16.72 52.38 20.01
C LYS A 63 15.69 52.03 18.96
N PHE A 64 15.83 50.89 18.30
CA PHE A 64 14.94 50.45 17.23
C PHE A 64 13.75 49.69 17.80
N THR A 65 12.62 49.77 17.11
CA THR A 65 11.42 49.07 17.53
C THR A 65 11.40 47.65 16.96
N GLN A 66 10.41 46.87 17.39
CA GLN A 66 10.32 45.47 17.00
C GLN A 66 10.07 45.33 15.51
N ARG A 67 9.25 46.21 14.92
CA ARG A 67 9.00 46.13 13.48
C ARG A 67 10.23 46.53 12.68
N GLU A 68 10.97 47.53 13.16
CA GLU A 68 12.17 47.97 12.46
C GLU A 68 13.28 46.92 12.54
N LEU A 69 13.37 46.21 13.67
CA LEU A 69 14.37 45.17 13.82
C LEU A 69 14.10 44.00 12.88
N ALA A 70 12.82 43.69 12.61
CA ALA A 70 12.49 42.60 11.71
C ALA A 70 12.85 42.95 10.27
N GLU A 71 12.60 44.20 9.87
CA GLU A 71 12.92 44.61 8.51
C GLU A 71 14.43 44.74 8.30
N GLN A 72 15.18 45.05 9.36
CA GLN A 72 16.63 45.15 9.23
C GLN A 72 17.27 43.79 9.05
N PHE A 73 16.75 42.77 9.75
CA PHE A 73 17.30 41.43 9.57
C PHE A 73 16.90 40.84 8.23
N ASP A 74 15.70 41.17 7.74
CA ASP A 74 15.28 40.73 6.41
C ASP A 74 16.18 41.35 5.34
N ALA A 75 16.59 42.60 5.54
CA ALA A 75 17.52 43.22 4.59
C ALA A 75 18.87 42.54 4.61
N PHE A 76 19.28 41.99 5.76
CA PHE A 76 20.53 41.25 5.85
C PHE A 76 20.39 39.88 5.21
N TYR A 77 19.33 39.15 5.57
CA TYR A 77 19.12 37.82 5.01
C TYR A 77 18.93 37.88 3.50
N GLU A 78 18.21 38.91 3.02
CA GLU A 78 18.10 39.11 1.58
C GLU A 78 19.44 39.43 0.95
N ASP A 79 20.25 40.24 1.63
CA ASP A 79 21.57 40.59 1.10
C ASP A 79 22.51 39.39 1.07
N MET A 80 22.29 38.43 1.96
CA MET A 80 23.13 37.23 1.99
C MET A 80 22.68 36.23 0.92
N PHE A 81 21.39 35.89 0.91
CA PHE A 81 20.89 34.87 -0.01
C PHE A 81 21.09 35.28 -1.46
N CYS A 82 20.92 36.56 -1.76
CA CYS A 82 21.07 37.02 -3.15
C CYS A 82 22.52 36.97 -3.60
N GLU A 83 23.46 37.32 -2.72
CA GLU A 83 24.86 37.31 -3.10
C GLU A 83 25.43 35.89 -3.14
N PHE A 84 25.00 35.04 -2.21
CA PHE A 84 25.46 33.66 -2.21
C PHE A 84 24.86 32.86 -3.36
N SER A 85 23.77 33.33 -3.95
CA SER A 85 23.15 32.63 -5.07
C SER A 85 23.98 32.72 -6.34
N LYS A 86 24.89 33.70 -6.42
CA LYS A 86 25.74 33.84 -7.59
C LYS A 86 26.82 32.77 -7.68
N TYR A 87 27.01 31.99 -6.61
CA TYR A 87 27.98 30.90 -6.60
C TYR A 87 27.35 29.54 -6.82
N GLY A 88 26.12 29.50 -7.30
CA GLY A 88 25.39 28.26 -7.52
C GLY A 88 24.11 28.23 -6.71
N GLU A 89 23.48 27.06 -6.70
CA GLU A 89 22.21 26.90 -6.01
C GLU A 89 22.43 26.81 -4.50
N VAL A 90 21.66 27.58 -3.75
CA VAL A 90 21.74 27.61 -2.30
C VAL A 90 20.59 26.79 -1.75
N GLU A 91 20.91 25.78 -0.95
CA GLU A 91 19.89 24.91 -0.35
C GLU A 91 19.35 25.46 0.96
N GLN A 92 20.22 26.04 1.79
CA GLN A 92 19.79 26.56 3.08
C GLN A 92 20.74 27.65 3.53
N LEU A 93 20.17 28.68 4.18
CA LEU A 93 20.93 29.80 4.73
C LEU A 93 20.57 29.95 6.19
N VAL A 94 21.58 29.83 7.06
CA VAL A 94 21.39 29.88 8.51
C VAL A 94 22.26 31.00 9.06
N VAL A 95 21.67 31.83 9.93
CA VAL A 95 22.36 32.94 10.58
C VAL A 95 22.29 32.72 12.07
N CYS A 96 23.45 32.73 12.74
CA CYS A 96 23.53 32.49 14.17
C CYS A 96 23.41 33.79 14.94
N ASP A 97 22.60 33.78 15.99
CA ASP A 97 22.37 34.94 16.85
C ASP A 97 22.99 34.73 18.23
N ASN A 98 24.14 34.07 18.28
CA ASN A 98 24.81 33.78 19.54
C ASN A 98 25.75 34.92 19.91
N VAL A 99 26.30 34.85 21.12
CA VAL A 99 27.25 35.83 21.61
C VAL A 99 28.63 35.23 21.88
N GLY A 100 28.75 33.90 21.92
CA GLY A 100 30.05 33.29 22.08
C GLY A 100 30.97 33.64 20.93
N ASP A 101 32.26 33.81 21.24
CA ASP A 101 33.22 34.28 20.24
C ASP A 101 33.36 33.32 19.07
N HIS A 102 32.93 32.07 19.22
CA HIS A 102 33.04 31.09 18.14
C HIS A 102 31.78 30.99 17.30
N LEU A 103 30.65 31.52 17.78
CA LEU A 103 29.39 31.42 17.05
C LEU A 103 28.66 32.75 16.93
N VAL A 104 29.31 33.87 17.24
CA VAL A 104 28.65 35.17 17.17
C VAL A 104 28.53 35.58 15.71
N GLY A 105 27.30 35.77 15.25
CA GLY A 105 27.06 36.23 13.90
C GLY A 105 27.58 35.31 12.82
N ASN A 106 27.66 34.01 13.10
CA ASN A 106 28.12 33.06 12.10
C ASN A 106 27.06 32.85 11.03
N VAL A 107 27.51 32.73 9.78
CA VAL A 107 26.62 32.56 8.64
C VAL A 107 27.02 31.27 7.93
N TYR A 108 26.13 30.29 7.93
CA TYR A 108 26.35 29.02 7.26
C TYR A 108 25.51 28.96 6.00
N VAL A 109 26.11 28.49 4.91
CA VAL A 109 25.44 28.38 3.63
C VAL A 109 25.76 27.00 3.06
N ARG A 110 24.72 26.22 2.77
CA ARG A 110 24.87 24.89 2.19
C ARG A 110 24.45 24.95 0.73
N PHE A 111 25.38 24.66 -0.17
CA PHE A 111 25.10 24.60 -1.59
C PHE A 111 24.64 23.20 -1.99
N LYS A 112 24.12 23.09 -3.21
CA LYS A 112 23.69 21.79 -3.72
C LYS A 112 24.88 20.96 -4.19
N TYR A 113 25.86 21.60 -4.80
CA TYR A 113 27.03 20.91 -5.32
C TYR A 113 28.27 21.32 -4.53
N GLU A 114 29.22 20.37 -4.44
CA GLU A 114 30.45 20.65 -3.69
C GLU A 114 31.34 21.66 -4.40
N GLU A 115 31.30 21.69 -5.74
CA GLU A 115 32.10 22.67 -6.47
C GLU A 115 31.58 24.09 -6.27
N SER A 116 30.27 24.23 -6.03
CA SER A 116 29.72 25.55 -5.76
C SER A 116 30.25 26.14 -4.47
N ALA A 117 30.50 25.30 -3.47
CA ALA A 117 31.02 25.78 -2.19
C ALA A 117 32.49 26.16 -2.27
N GLN A 118 33.27 25.43 -3.07
CA GLN A 118 34.69 25.73 -3.19
C GLN A 118 34.91 27.04 -3.93
N ASN A 119 34.10 27.30 -4.97
CA ASN A 119 34.21 28.56 -5.70
C ASN A 119 33.76 29.75 -4.87
N ALA A 120 32.95 29.52 -3.84
CA ALA A 120 32.49 30.62 -2.99
C ALA A 120 33.60 31.10 -2.06
N ILE A 121 34.29 30.18 -1.39
CA ILE A 121 35.34 30.58 -0.45
C ILE A 121 36.53 31.17 -1.19
N ASP A 122 36.74 30.79 -2.46
CA ASP A 122 37.84 31.36 -3.23
C ASP A 122 37.58 32.81 -3.61
N ASP A 123 36.31 33.22 -3.64
CA ASP A 123 35.95 34.59 -3.99
C ASP A 123 35.60 35.45 -2.78
N LEU A 124 34.98 34.85 -1.75
CA LEU A 124 34.60 35.63 -0.58
C LEU A 124 35.81 36.08 0.23
N ASN A 125 36.89 35.29 0.22
CA ASN A 125 38.09 35.64 0.97
C ASN A 125 38.83 36.85 0.39
N SER A 126 38.38 37.38 -0.74
CA SER A 126 38.98 38.57 -1.33
C SER A 126 38.00 39.73 -1.43
N ARG A 127 36.82 39.62 -0.82
CA ARG A 127 35.80 40.65 -0.87
C ARG A 127 35.60 41.26 0.51
N TRP A 128 34.74 42.27 0.57
CA TRP A 128 34.43 42.98 1.79
C TRP A 128 32.91 42.97 2.01
N TYR A 129 32.51 43.25 3.25
CA TYR A 129 31.09 43.43 3.57
C TYR A 129 30.99 44.29 4.81
N SER A 130 30.31 45.42 4.69
CA SER A 130 30.08 46.35 5.80
C SER A 130 31.41 46.80 6.42
N GLN A 131 32.33 47.22 5.57
CA GLN A 131 33.63 47.76 5.98
C GLN A 131 34.44 46.75 6.78
N ARG A 132 34.31 45.46 6.45
CA ARG A 132 35.03 44.39 7.12
C ARG A 132 35.39 43.32 6.10
N PRO A 133 36.61 42.79 6.16
CA PRO A 133 36.98 41.70 5.24
C PRO A 133 36.22 40.43 5.56
N VAL A 134 35.85 39.70 4.51
CA VAL A 134 35.01 38.52 4.64
C VAL A 134 35.89 37.30 4.85
N TYR A 135 35.66 36.57 5.94
CA TYR A 135 36.32 35.31 6.20
C TYR A 135 35.42 34.18 5.69
N ALA A 136 35.98 33.30 4.87
CA ALA A 136 35.22 32.20 4.30
C ALA A 136 36.04 30.92 4.39
N GLU A 137 35.37 29.82 4.76
CA GLU A 137 36.02 28.52 4.85
C GLU A 137 34.96 27.44 4.76
N LEU A 138 35.39 26.24 4.37
CA LEU A 138 34.47 25.12 4.29
C LEU A 138 34.13 24.61 5.69
N SER A 139 32.86 24.30 5.90
CA SER A 139 32.41 23.83 7.20
C SER A 139 31.89 22.40 7.10
N PRO A 140 32.20 21.55 8.07
CA PRO A 140 31.73 20.17 8.05
C PRO A 140 30.28 19.98 8.45
N VAL A 141 29.51 21.05 8.58
CA VAL A 141 28.11 20.94 8.97
C VAL A 141 27.31 20.35 7.82
N THR A 142 26.56 19.28 8.10
CA THR A 142 25.70 18.65 7.11
C THR A 142 24.23 18.83 7.46
N ASP A 143 23.81 18.36 8.63
CA ASP A 143 22.44 18.49 9.09
C ASP A 143 22.39 19.58 10.16
N PHE A 144 21.62 20.63 9.90
CA PHE A 144 21.51 21.73 10.86
C PHE A 144 20.65 21.35 12.06
N ARG A 145 19.82 20.31 11.94
CA ARG A 145 18.99 19.88 13.07
C ARG A 145 19.85 19.34 14.20
N GLU A 146 20.94 18.64 13.87
CA GLU A 146 21.85 18.13 14.89
C GLU A 146 22.78 19.19 15.44
N ALA A 147 22.74 20.42 14.90
CA ALA A 147 23.60 21.50 15.38
C ALA A 147 22.84 22.63 16.05
N CYS A 148 21.54 22.77 15.77
CA CYS A 148 20.74 23.81 16.41
C CYS A 148 20.37 23.39 17.83
N CYS A 149 20.10 24.39 18.67
CA CYS A 149 19.72 24.13 20.05
C CYS A 149 18.27 23.66 20.10
N ARG A 150 18.05 22.53 20.76
CA ARG A 150 16.71 21.96 20.80
C ARG A 150 15.79 22.73 21.74
N GLN A 151 16.32 23.24 22.86
CA GLN A 151 15.49 24.00 23.78
C GLN A 151 15.29 25.45 23.34
N HIS A 152 15.88 25.85 22.21
CA HIS A 152 15.70 27.20 21.70
C HIS A 152 14.55 27.31 20.71
N GLU A 153 14.21 26.22 20.01
CA GLU A 153 13.08 26.28 19.08
C GLU A 153 11.78 26.50 19.83
N THR A 154 11.60 25.82 20.96
CA THR A 154 10.44 26.02 21.82
C THR A 154 10.86 26.92 22.99
N SER A 155 10.18 28.05 23.15
CA SER A 155 10.45 29.02 24.22
C SER A 155 11.90 29.49 24.05
N GLU A 156 12.70 29.57 25.11
CA GLU A 156 14.08 30.04 25.00
C GLU A 156 14.99 29.15 25.83
N CYS A 157 16.25 29.07 25.39
CA CYS A 157 17.27 28.31 26.09
C CYS A 157 17.74 29.08 27.32
N GLN A 158 17.77 28.39 28.47
CA GLN A 158 18.14 29.03 29.73
C GLN A 158 19.60 29.48 29.74
N ARG A 159 20.43 28.95 28.83
CA ARG A 159 21.83 29.33 28.77
C ARG A 159 22.05 30.68 28.11
N GLY A 160 21.03 31.23 27.45
CA GLY A 160 21.14 32.54 26.82
C GLY A 160 21.97 32.51 25.56
N GLY A 161 22.56 33.66 25.24
CA GLY A 161 23.37 33.80 24.04
C GLY A 161 24.68 33.04 24.08
N LEU A 162 25.12 32.63 25.26
CA LEU A 162 26.37 31.88 25.41
C LEU A 162 26.19 30.39 25.17
N CYS A 163 25.08 29.97 24.58
CA CYS A 163 24.87 28.56 24.28
C CYS A 163 25.85 28.11 23.21
N ASN A 164 26.38 26.89 23.37
CA ASN A 164 27.34 26.36 22.42
C ASN A 164 26.69 25.81 21.15
N PHE A 165 25.36 25.75 21.11
CA PHE A 165 24.64 25.33 19.91
C PHE A 165 24.11 26.53 19.16
N MET A 166 23.73 26.31 17.90
CA MET A 166 23.28 27.39 17.05
C MET A 166 21.92 27.91 17.50
N HIS A 167 21.87 29.20 17.81
CA HIS A 167 20.60 29.90 18.05
C HIS A 167 20.25 30.64 16.76
N ALA A 168 19.75 29.87 15.79
CA ALA A 168 19.47 30.41 14.47
C ALA A 168 18.35 31.44 14.52
N LYS A 169 18.61 32.62 13.95
CA LYS A 169 17.60 33.66 13.83
C LYS A 169 16.90 33.49 12.50
N LYS A 170 15.63 33.08 12.54
CA LYS A 170 14.92 32.82 11.30
C LYS A 170 14.35 34.12 10.74
N PRO A 171 14.41 34.32 9.42
CA PRO A 171 13.84 35.54 8.84
C PRO A 171 12.32 35.47 8.73
N SER A 172 11.74 36.46 8.05
CA SER A 172 10.30 36.45 7.83
C SER A 172 9.94 35.36 6.82
N PRO A 173 8.81 34.67 7.01
CA PRO A 173 8.39 33.64 6.04
C PRO A 173 8.11 34.22 4.66
N GLN A 174 7.76 35.51 4.56
CA GLN A 174 7.52 36.10 3.25
C GLN A 174 8.82 36.18 2.44
N LEU A 175 9.92 36.57 3.09
CA LEU A 175 11.19 36.69 2.39
C LEU A 175 11.74 35.32 2.03
N LEU A 176 11.61 34.34 2.93
CA LEU A 176 12.14 33.01 2.66
C LEU A 176 11.43 32.37 1.47
N ARG A 177 10.12 32.59 1.35
CA ARG A 177 9.38 32.03 0.22
C ARG A 177 9.73 32.77 -1.07
N ASP A 178 9.87 34.09 -1.01
CA ASP A 178 10.22 34.85 -2.21
C ASP A 178 11.63 34.53 -2.71
N LEU A 179 12.52 34.09 -1.81
CA LEU A 179 13.87 33.75 -2.20
C LEU A 179 13.94 32.38 -2.87
N VAL A 180 13.15 31.42 -2.40
CA VAL A 180 13.16 30.08 -3.01
C VAL A 180 12.52 30.13 -4.39
N LEU A 181 11.43 30.88 -4.54
CA LEU A 181 10.79 31.02 -5.83
C LEU A 181 11.68 31.78 -6.82
N ALA A 182 12.41 32.78 -6.32
CA ALA A 182 13.31 33.54 -7.19
C ALA A 182 14.52 32.72 -7.62
N GLN A 183 15.01 31.83 -6.75
CA GLN A 183 16.16 31.01 -7.12
C GLN A 183 15.78 29.96 -8.16
N ARG A 184 14.60 29.35 -8.04
CA ARG A 184 14.16 28.41 -9.07
C ARG A 184 13.91 29.10 -10.40
N LYS A 185 13.49 30.36 -10.37
CA LYS A 185 13.32 31.10 -11.63
C LYS A 185 14.66 31.44 -12.26
N TYR A 186 15.65 31.78 -11.44
CA TYR A 186 16.99 32.03 -11.96
C TYR A 186 17.62 30.77 -12.54
N LEU A 187 17.35 29.62 -11.92
CA LEU A 187 17.89 28.37 -12.42
C LEU A 187 17.11 27.86 -13.63
N ALA A 188 15.80 28.12 -13.68
CA ALA A 188 15.02 27.73 -14.85
C ALA A 188 15.38 28.59 -16.05
N LEU A 189 15.70 29.86 -15.84
CA LEU A 189 16.12 30.71 -16.95
C LEU A 189 17.48 30.28 -17.48
N ASN A 190 18.38 29.82 -16.61
CA ASN A 190 19.64 29.27 -17.06
C ASN A 190 19.50 27.78 -17.35
N ALA A 191 18.46 27.43 -18.11
CA ALA A 191 18.26 26.05 -18.52
C ALA A 191 17.64 25.94 -19.91
N ALA A 192 16.85 26.94 -20.28
CA ALA A 192 16.26 27.01 -21.62
C ALA A 192 17.24 27.48 -22.68
N GLU A 193 18.50 27.71 -22.32
CA GLU A 193 19.51 28.09 -23.29
C GLU A 193 19.97 26.92 -24.15
N GLU A 194 19.75 25.69 -23.70
CA GLU A 194 20.16 24.51 -24.44
C GLU A 194 18.98 23.58 -24.67
N GLU B 14 12.41 15.93 -26.45
CA GLU B 14 12.74 15.76 -25.05
C GLU B 14 11.71 16.44 -24.15
N ARG B 15 11.43 15.82 -23.00
CA ARG B 15 10.53 16.41 -22.03
C ARG B 15 11.22 17.39 -21.09
N SER B 16 12.55 17.50 -21.17
CA SER B 16 13.26 18.45 -20.32
C SER B 16 12.92 19.89 -20.69
N VAL B 17 12.85 20.19 -21.99
CA VAL B 17 12.47 21.53 -22.41
C VAL B 17 11.02 21.82 -22.05
N ARG B 18 10.15 20.82 -22.08
CA ARG B 18 8.76 21.02 -21.71
C ARG B 18 8.61 21.25 -20.21
N SER B 19 9.43 20.59 -19.39
CA SER B 19 9.37 20.78 -17.95
C SER B 19 9.90 22.14 -17.51
N ILE B 20 10.60 22.84 -18.38
CA ILE B 20 11.11 24.18 -18.07
C ILE B 20 10.09 25.25 -18.41
N GLU B 21 9.47 25.14 -19.59
CA GLU B 21 8.48 26.11 -20.01
C GLU B 21 7.23 26.04 -19.13
N GLN B 22 6.96 24.87 -18.53
CA GLN B 22 5.82 24.76 -17.62
C GLN B 22 6.11 25.45 -16.30
N GLU B 23 7.39 25.57 -15.93
CA GLU B 23 7.77 26.27 -14.71
C GLU B 23 7.95 27.77 -14.93
N LEU B 24 8.44 28.17 -16.10
CA LEU B 24 8.62 29.59 -16.38
C LEU B 24 7.28 30.32 -16.48
N GLU B 25 6.30 29.70 -17.13
CA GLU B 25 4.96 30.30 -17.18
C GLU B 25 4.31 30.27 -15.81
N GLN B 26 4.67 29.28 -14.98
CA GLN B 26 4.16 29.21 -13.62
C GLN B 26 4.76 30.32 -12.76
N LEU B 27 6.04 30.61 -12.94
CA LEU B 27 6.72 31.69 -12.22
C LEU B 27 6.75 32.96 -13.06
N ARG B 28 5.55 33.48 -13.36
CA ARG B 28 5.45 34.70 -14.14
C ARG B 28 5.51 35.96 -13.29
N ASP B 29 4.97 35.91 -12.07
CA ASP B 29 4.96 37.07 -11.18
C ASP B 29 6.05 37.01 -10.12
N VAL B 30 7.14 36.27 -10.40
CA VAL B 30 8.29 36.19 -9.51
C VAL B 30 9.49 36.76 -10.25
N THR B 31 10.22 37.64 -9.59
CA THR B 31 11.44 38.18 -10.15
C THR B 31 12.60 37.22 -9.90
N PRO B 32 13.43 36.93 -10.90
CA PRO B 32 14.57 36.03 -10.67
C PRO B 32 15.58 36.66 -9.73
N ILE B 33 16.37 35.80 -9.09
CA ILE B 33 17.29 36.26 -8.05
C ILE B 33 18.38 37.14 -8.63
N ASN B 34 18.73 36.96 -9.91
CA ASN B 34 19.77 37.76 -10.52
C ASN B 34 19.30 39.16 -10.88
N GLN B 35 18.01 39.46 -10.69
CA GLN B 35 17.45 40.77 -10.99
C GLN B 35 16.80 41.42 -9.77
N TRP B 36 17.16 40.99 -8.57
CA TRP B 36 16.64 41.59 -7.35
C TRP B 36 17.32 42.93 -7.10
N LYS B 37 16.52 43.98 -6.94
CA LYS B 37 17.03 45.32 -6.70
C LYS B 37 17.29 45.51 -5.21
N ARG B 38 18.52 45.19 -4.79
CA ARG B 38 18.90 45.35 -3.40
C ARG B 38 19.10 46.82 -3.10
N LYS B 39 18.27 47.36 -2.20
CA LYS B 39 18.28 48.80 -1.94
C LYS B 39 19.50 49.23 -1.13
N ARG B 40 19.83 48.50 -0.07
CA ARG B 40 20.98 48.85 0.78
C ARG B 40 21.84 47.59 0.98
N SER B 41 22.61 47.24 -0.04
CA SER B 41 23.53 46.11 0.03
C SER B 41 24.88 46.60 0.52
N LEU B 42 25.41 45.94 1.56
CA LEU B 42 26.66 46.33 2.19
C LEU B 42 27.86 45.56 1.63
N TRP B 43 27.70 44.90 0.49
CA TRP B 43 28.79 44.13 -0.10
C TRP B 43 29.80 45.05 -0.78
N ASP B 44 31.07 44.65 -0.74
CA ASP B 44 32.20 45.34 -1.35
C ASP B 44 32.41 46.75 -0.78
N ILE B 45 31.75 47.08 0.33
CA ILE B 45 31.95 48.38 0.96
C ILE B 45 33.18 48.32 1.86
N LYS B 46 34.19 49.13 1.53
CA LYS B 46 35.42 49.15 2.30
C LYS B 46 35.44 50.34 3.25
N PRO B 47 36.13 50.22 4.38
CA PRO B 47 36.21 51.33 5.33
C PRO B 47 36.98 52.49 4.73
N PRO B 48 36.82 53.70 5.26
CA PRO B 48 37.50 54.86 4.68
C PRO B 48 39.02 54.70 4.78
N GLY B 49 39.69 54.89 3.64
CA GLY B 49 41.12 54.75 3.54
C GLY B 49 41.58 53.43 2.95
N TYR B 50 40.76 52.38 3.04
CA TYR B 50 41.15 51.05 2.57
C TYR B 50 40.73 50.80 1.12
N GLU B 51 40.71 51.83 0.27
CA GLU B 51 40.30 51.62 -1.12
C GLU B 51 41.36 50.84 -1.89
N LEU B 52 42.63 50.99 -1.52
CA LEU B 52 43.73 50.32 -2.20
C LEU B 52 44.19 49.07 -1.46
N VAL B 53 43.62 48.78 -0.30
CA VAL B 53 43.98 47.59 0.47
C VAL B 53 43.00 46.48 0.13
N THR B 54 43.53 45.31 -0.23
CA THR B 54 42.67 44.18 -0.53
C THR B 54 42.20 43.51 0.77
N ALA B 55 41.23 42.62 0.63
CA ALA B 55 40.70 41.91 1.79
C ALA B 55 41.74 40.97 2.41
N ASP B 56 42.63 40.41 1.59
CA ASP B 56 43.65 39.52 2.11
C ASP B 56 44.70 40.28 2.91
N GLN B 57 45.10 41.46 2.43
CA GLN B 57 46.09 42.27 3.15
C GLN B 57 45.53 42.81 4.46
N ALA B 58 44.22 43.03 4.54
CA ALA B 58 43.61 43.56 5.75
C ALA B 58 43.49 42.51 6.85
N LYS B 59 43.24 41.26 6.48
CA LYS B 59 43.12 40.21 7.50
C LYS B 59 44.48 39.88 8.11
N MET B 60 45.54 39.92 7.29
CA MET B 60 46.88 39.63 7.78
C MET B 60 47.48 40.79 8.57
N SER B 61 46.95 41.99 8.40
CA SER B 61 47.48 43.15 9.12
C SER B 61 47.10 43.13 10.60
N GLY B 62 46.05 42.40 10.97
CA GLY B 62 45.60 42.33 12.34
C GLY B 62 44.67 43.45 12.77
N VAL B 63 44.32 44.36 11.88
CA VAL B 63 43.40 45.43 12.24
C VAL B 63 41.95 44.95 12.25
N PHE B 64 41.66 43.83 11.58
CA PHE B 64 40.32 43.24 11.53
C PHE B 64 40.39 41.81 12.03
N PRO B 65 40.46 41.59 13.34
CA PRO B 65 40.50 40.24 13.86
C PRO B 65 39.11 39.70 14.19
N LEU B 66 39.01 38.38 14.23
CA LEU B 66 37.79 37.71 14.61
C LEU B 66 37.60 37.75 16.11
N PRO B 67 36.35 37.65 16.59
CA PRO B 67 36.12 37.68 18.04
C PRO B 67 36.84 36.60 18.81
N GLY B 68 37.25 35.51 18.16
CA GLY B 68 38.04 34.51 18.85
C GLY B 68 39.41 35.04 19.24
N ALA B 69 40.10 35.67 18.30
CA ALA B 69 41.42 36.23 18.58
C ALA B 69 41.29 37.67 19.10
N SER D 7 -34.38 -9.80 -21.20
CA SER D 7 -33.36 -9.93 -22.24
C SER D 7 -31.97 -9.65 -21.69
N ILE D 8 -31.91 -8.84 -20.63
CA ILE D 8 -30.63 -8.51 -20.00
C ILE D 8 -30.66 -8.94 -18.54
N TYR D 9 -31.48 -9.96 -18.24
CA TYR D 9 -31.53 -10.49 -16.89
C TYR D 9 -30.23 -11.21 -16.55
N GLY D 10 -29.70 -10.94 -15.36
CA GLY D 10 -28.45 -11.56 -14.95
C GLY D 10 -27.23 -11.05 -15.69
N THR D 11 -27.33 -9.90 -16.35
CA THR D 11 -26.23 -9.32 -17.09
C THR D 11 -25.55 -8.25 -16.24
N GLU D 12 -24.45 -7.69 -16.78
CA GLU D 12 -23.75 -6.63 -16.08
C GLU D 12 -24.55 -5.33 -16.06
N GLN D 13 -25.54 -5.19 -16.94
CA GLN D 13 -26.45 -4.05 -16.90
C GLN D 13 -27.58 -4.25 -15.91
N ASP D 14 -27.80 -5.48 -15.43
CA ASP D 14 -28.77 -5.72 -14.38
C ASP D 14 -28.24 -5.12 -13.08
N LYS D 15 -29.04 -4.25 -12.46
CA LYS D 15 -28.63 -3.55 -11.25
C LYS D 15 -29.18 -4.16 -9.97
N VAL D 16 -29.92 -5.26 -10.05
CA VAL D 16 -30.45 -5.93 -8.88
C VAL D 16 -29.84 -7.31 -8.68
N ASN D 17 -29.71 -8.08 -9.76
CA ASN D 17 -29.04 -9.37 -9.70
C ASN D 17 -27.56 -9.21 -9.96
N CYS D 18 -26.74 -9.95 -9.23
CA CYS D 18 -25.30 -9.95 -9.46
C CYS D 18 -24.99 -10.85 -10.65
N SER D 19 -24.40 -10.28 -11.69
CA SER D 19 -24.10 -11.07 -12.88
C SER D 19 -22.98 -12.06 -12.60
N PHE D 20 -22.00 -11.68 -11.78
CA PHE D 20 -20.86 -12.56 -11.53
C PHE D 20 -21.25 -13.77 -10.68
N TYR D 21 -22.18 -13.60 -9.74
CA TYR D 21 -22.62 -14.75 -8.95
C TYR D 21 -23.59 -15.62 -9.72
N TYR D 22 -24.40 -15.04 -10.62
CA TYR D 22 -25.35 -15.83 -11.39
C TYR D 22 -24.66 -16.61 -12.50
N LYS D 23 -23.53 -16.10 -13.00
CA LYS D 23 -22.80 -16.73 -14.10
C LYS D 23 -21.60 -17.53 -13.62
N ILE D 24 -20.78 -16.96 -12.74
CA ILE D 24 -19.56 -17.64 -12.30
C ILE D 24 -19.77 -18.44 -11.01
N GLY D 25 -20.80 -18.12 -10.23
CA GLY D 25 -21.02 -18.81 -8.97
C GLY D 25 -20.22 -18.29 -7.81
N ALA D 26 -19.48 -17.19 -7.98
CA ALA D 26 -18.69 -16.61 -6.91
C ALA D 26 -18.36 -15.17 -7.28
N CYS D 27 -18.58 -14.25 -6.34
CA CYS D 27 -18.31 -12.84 -6.54
C CYS D 27 -17.15 -12.39 -5.66
N ARG D 28 -16.40 -11.40 -6.15
CA ARG D 28 -15.24 -10.92 -5.41
C ARG D 28 -15.62 -10.23 -4.11
N HIS D 29 -16.84 -9.71 -4.02
CA HIS D 29 -17.28 -9.00 -2.82
C HIS D 29 -17.93 -9.90 -1.79
N GLY D 30 -18.51 -11.03 -2.22
CA GLY D 30 -19.11 -11.94 -1.25
C GLY D 30 -20.40 -11.35 -0.70
N GLU D 31 -20.52 -11.37 0.63
CA GLU D 31 -21.73 -10.84 1.28
C GLU D 31 -21.80 -9.33 1.24
N ARG D 32 -20.73 -8.65 0.82
CA ARG D 32 -20.72 -7.19 0.73
C ARG D 32 -21.12 -6.68 -0.65
N CYS D 33 -21.58 -7.56 -1.54
CA CYS D 33 -21.93 -7.14 -2.89
C CYS D 33 -23.14 -6.22 -2.88
N SER D 34 -23.15 -5.26 -3.80
CA SER D 34 -24.27 -4.34 -3.92
C SER D 34 -25.48 -4.97 -4.58
N ARG D 35 -25.29 -6.05 -5.32
CA ARG D 35 -26.36 -6.79 -5.98
C ARG D 35 -26.63 -8.09 -5.24
N LYS D 36 -27.80 -8.67 -5.50
CA LYS D 36 -28.27 -9.83 -4.76
C LYS D 36 -27.56 -11.10 -5.22
N HIS D 37 -27.18 -11.93 -4.25
CA HIS D 37 -26.66 -13.27 -4.52
C HIS D 37 -27.74 -14.27 -4.10
N VAL D 38 -28.53 -14.72 -5.08
CA VAL D 38 -29.62 -15.65 -4.81
C VAL D 38 -29.04 -17.06 -4.84
N LYS D 39 -29.08 -17.74 -3.70
CA LYS D 39 -28.60 -19.11 -3.63
C LYS D 39 -29.73 -20.07 -3.96
N PRO D 40 -29.62 -20.86 -5.04
CA PRO D 40 -30.72 -21.74 -5.42
C PRO D 40 -30.87 -22.92 -4.47
N ASN D 41 -32.12 -23.31 -4.23
CA ASN D 41 -32.41 -24.49 -3.44
C ASN D 41 -32.42 -25.77 -4.27
N PHE D 42 -32.77 -25.66 -5.55
CA PHE D 42 -32.75 -26.78 -6.47
C PHE D 42 -31.88 -26.40 -7.66
N SER D 43 -30.84 -27.19 -7.92
CA SER D 43 -29.92 -26.91 -9.01
C SER D 43 -29.22 -28.20 -9.40
N GLN D 44 -28.66 -28.21 -10.62
CA GLN D 44 -27.90 -29.35 -11.11
C GLN D 44 -26.40 -29.20 -10.85
N THR D 45 -25.93 -28.00 -10.56
CA THR D 45 -24.50 -27.73 -10.37
C THR D 45 -24.20 -27.50 -8.90
N ILE D 46 -23.12 -28.13 -8.43
CA ILE D 46 -22.66 -27.97 -7.05
C ILE D 46 -21.31 -27.28 -7.05
N LEU D 47 -20.99 -26.65 -5.91
CA LEU D 47 -19.76 -25.90 -5.75
C LEU D 47 -19.04 -26.36 -4.49
N CYS D 48 -17.74 -26.62 -4.62
CA CYS D 48 -16.87 -26.94 -3.49
C CYS D 48 -15.79 -25.88 -3.41
N PRO D 49 -16.03 -24.78 -2.68
CA PRO D 49 -15.06 -23.68 -2.67
C PRO D 49 -13.77 -24.06 -1.96
N ASN D 50 -12.64 -23.63 -2.53
CA ASN D 50 -11.31 -23.82 -1.96
C ASN D 50 -11.04 -25.29 -1.68
N MET D 51 -11.18 -26.11 -2.72
CA MET D 51 -10.94 -27.54 -2.63
C MET D 51 -9.63 -27.98 -3.27
N TYR D 52 -9.24 -27.36 -4.39
CA TYR D 52 -8.00 -27.71 -5.07
C TYR D 52 -6.88 -26.78 -4.58
N LYS D 53 -5.93 -27.35 -3.86
CA LYS D 53 -4.75 -26.63 -3.40
C LYS D 53 -3.61 -26.92 -4.39
N ASN D 54 -3.37 -25.97 -5.28
CA ASN D 54 -2.32 -26.11 -6.28
C ASN D 54 -0.96 -26.14 -5.59
N PRO D 55 -0.14 -27.18 -5.81
CA PRO D 55 1.15 -27.25 -5.12
C PRO D 55 2.07 -26.07 -5.38
N ILE D 56 1.87 -25.33 -6.47
CA ILE D 56 2.69 -24.16 -6.74
C ILE D 56 2.52 -23.11 -5.63
N HIS D 57 1.34 -23.09 -5.00
CA HIS D 57 1.05 -22.15 -3.92
C HIS D 57 1.28 -22.77 -2.54
N GLU D 58 2.21 -23.72 -2.45
CA GLU D 58 2.51 -24.43 -1.22
C GLU D 58 3.99 -24.30 -0.89
N PRO D 59 4.39 -24.57 0.35
CA PRO D 59 5.83 -24.50 0.69
C PRO D 59 6.71 -25.41 -0.15
N ASN D 60 6.21 -26.57 -0.56
CA ASN D 60 6.95 -27.48 -1.44
C ASN D 60 6.74 -27.16 -2.91
N GLY D 61 6.57 -25.89 -3.26
CA GLY D 61 6.10 -25.50 -4.57
C GLY D 61 7.14 -25.30 -5.64
N LYS D 62 8.43 -25.33 -5.32
CA LYS D 62 9.46 -25.10 -6.32
C LYS D 62 10.35 -26.32 -6.55
N LYS D 63 9.94 -27.50 -6.09
CA LYS D 63 10.70 -28.72 -6.29
C LYS D 63 10.16 -29.59 -7.41
N PHE D 64 8.95 -29.35 -7.88
CA PHE D 64 8.32 -30.17 -8.91
C PHE D 64 8.62 -29.64 -10.31
N THR D 65 8.70 -30.56 -11.26
CA THR D 65 8.89 -30.21 -12.66
C THR D 65 7.54 -30.03 -13.36
N GLN D 66 7.59 -29.56 -14.60
CA GLN D 66 6.36 -29.29 -15.34
C GLN D 66 5.58 -30.57 -15.63
N ARG D 67 6.29 -31.66 -15.95
CA ARG D 67 5.60 -32.92 -16.21
C ARG D 67 5.02 -33.49 -14.92
N GLU D 68 5.72 -33.33 -13.79
CA GLU D 68 5.21 -33.83 -12.53
C GLU D 68 3.98 -33.06 -12.07
N LEU D 69 3.93 -31.76 -12.38
CA LEU D 69 2.76 -30.96 -12.01
C LEU D 69 1.52 -31.42 -12.76
N ALA D 70 1.68 -31.84 -14.02
CA ALA D 70 0.55 -32.33 -14.79
C ALA D 70 0.06 -33.67 -14.26
N GLU D 71 0.99 -34.55 -13.87
CA GLU D 71 0.60 -35.85 -13.34
C GLU D 71 -0.02 -35.73 -11.95
N GLN D 72 0.39 -34.73 -11.18
CA GLN D 72 -0.20 -34.52 -9.86
C GLN D 72 -1.62 -34.00 -9.97
N PHE D 73 -1.87 -33.11 -10.94
CA PHE D 73 -3.22 -32.60 -11.14
C PHE D 73 -4.14 -33.66 -11.74
N ASP D 74 -3.59 -34.52 -12.60
CA ASP D 74 -4.39 -35.61 -13.15
C ASP D 74 -4.85 -36.57 -12.06
N ALA D 75 -3.98 -36.80 -11.06
CA ALA D 75 -4.39 -37.61 -9.93
C ALA D 75 -5.48 -36.93 -9.11
N PHE D 76 -5.49 -35.60 -9.09
CA PHE D 76 -6.55 -34.89 -8.38
C PHE D 76 -7.87 -34.94 -9.15
N TYR D 77 -7.82 -34.65 -10.45
CA TYR D 77 -9.03 -34.70 -11.27
C TYR D 77 -9.58 -36.12 -11.33
N GLU D 78 -8.70 -37.13 -11.41
CA GLU D 78 -9.17 -38.51 -11.35
C GLU D 78 -9.81 -38.80 -10.00
N ASP D 79 -9.23 -38.28 -8.91
CA ASP D 79 -9.80 -38.51 -7.59
C ASP D 79 -11.13 -37.79 -7.42
N MET D 80 -11.35 -36.71 -8.16
CA MET D 80 -12.61 -35.98 -8.08
C MET D 80 -13.69 -36.65 -8.91
N PHE D 81 -13.40 -36.93 -10.18
CA PHE D 81 -14.41 -37.49 -11.08
C PHE D 81 -14.93 -38.83 -10.59
N CYS D 82 -14.05 -39.66 -10.02
CA CYS D 82 -14.48 -40.98 -9.55
C CYS D 82 -15.37 -40.86 -8.32
N GLU D 83 -15.06 -39.93 -7.42
CA GLU D 83 -15.86 -39.80 -6.20
C GLU D 83 -17.19 -39.11 -6.48
N PHE D 84 -17.20 -38.11 -7.37
CA PHE D 84 -18.45 -37.44 -7.71
C PHE D 84 -19.37 -38.31 -8.55
N SER D 85 -18.84 -39.36 -9.19
CA SER D 85 -19.66 -40.22 -10.03
C SER D 85 -20.59 -41.13 -9.24
N LYS D 86 -20.29 -41.38 -7.95
CA LYS D 86 -21.15 -42.23 -7.15
C LYS D 86 -22.45 -41.54 -6.74
N TYR D 87 -22.58 -40.24 -6.99
CA TYR D 87 -23.79 -39.50 -6.69
C TYR D 87 -24.67 -39.30 -7.92
N GLY D 88 -24.42 -40.06 -8.99
CA GLY D 88 -25.14 -39.94 -10.24
C GLY D 88 -24.20 -39.62 -11.38
N GLU D 89 -24.81 -39.31 -12.53
CA GLU D 89 -24.03 -39.03 -13.73
C GLU D 89 -23.44 -37.62 -13.66
N VAL D 90 -22.14 -37.52 -13.93
CA VAL D 90 -21.44 -36.24 -13.93
C VAL D 90 -21.27 -35.80 -15.38
N GLU D 91 -21.79 -34.61 -15.68
CA GLU D 91 -21.72 -34.08 -17.04
C GLU D 91 -20.43 -33.31 -17.29
N GLN D 92 -19.98 -32.53 -16.32
CA GLN D 92 -18.77 -31.73 -16.49
C GLN D 92 -18.15 -31.45 -15.14
N LEU D 93 -16.81 -31.47 -15.09
CA LEU D 93 -16.06 -31.15 -13.89
C LEU D 93 -15.04 -30.07 -14.22
N VAL D 94 -15.13 -28.94 -13.54
CA VAL D 94 -14.28 -27.78 -13.78
C VAL D 94 -13.57 -27.42 -12.48
N VAL D 95 -12.25 -27.20 -12.57
CA VAL D 95 -11.44 -26.80 -11.44
C VAL D 95 -10.79 -25.46 -11.78
N CYS D 96 -11.00 -24.47 -10.90
CA CYS D 96 -10.48 -23.13 -11.12
C CYS D 96 -9.09 -22.98 -10.54
N ASP D 97 -8.20 -22.34 -11.29
CA ASP D 97 -6.82 -22.11 -10.88
C ASP D 97 -6.58 -20.63 -10.58
N ASN D 98 -7.58 -19.97 -10.00
CA ASN D 98 -7.48 -18.56 -9.68
C ASN D 98 -6.87 -18.37 -8.28
N VAL D 99 -6.59 -17.11 -7.95
CA VAL D 99 -6.05 -16.78 -6.64
C VAL D 99 -6.97 -15.88 -5.82
N GLY D 100 -8.01 -15.30 -6.43
CA GLY D 100 -8.95 -14.52 -5.66
C GLY D 100 -9.63 -15.38 -4.61
N ASP D 101 -9.91 -14.76 -3.45
CA ASP D 101 -10.44 -15.51 -2.32
C ASP D 101 -11.79 -16.14 -2.58
N HIS D 102 -12.47 -15.73 -3.66
CA HIS D 102 -13.76 -16.30 -4.02
C HIS D 102 -13.68 -17.41 -5.05
N LEU D 103 -12.59 -17.49 -5.80
CA LEU D 103 -12.45 -18.49 -6.86
C LEU D 103 -11.20 -19.34 -6.73
N VAL D 104 -10.50 -19.28 -5.60
CA VAL D 104 -9.26 -20.05 -5.42
C VAL D 104 -9.62 -21.51 -5.16
N GLY D 105 -9.16 -22.40 -6.04
CA GLY D 105 -9.37 -23.82 -5.84
C GLY D 105 -10.81 -24.26 -5.86
N ASN D 106 -11.68 -23.52 -6.55
CA ASN D 106 -13.08 -23.90 -6.62
C ASN D 106 -13.27 -25.11 -7.53
N VAL D 107 -14.18 -25.99 -7.14
CA VAL D 107 -14.47 -27.22 -7.89
C VAL D 107 -15.96 -27.20 -8.21
N TYR D 108 -16.27 -27.13 -9.51
CA TYR D 108 -17.65 -27.14 -9.99
C TYR D 108 -17.98 -28.48 -10.61
N VAL D 109 -19.14 -29.02 -10.28
CA VAL D 109 -19.61 -30.30 -10.80
C VAL D 109 -21.06 -30.14 -11.22
N ARG D 110 -21.34 -30.44 -12.49
CA ARG D 110 -22.69 -30.37 -13.03
C ARG D 110 -23.23 -31.78 -13.20
N PHE D 111 -24.30 -32.11 -12.48
CA PHE D 111 -24.94 -33.40 -12.59
C PHE D 111 -26.04 -33.36 -13.66
N LYS D 112 -26.51 -34.55 -14.03
CA LYS D 112 -27.59 -34.65 -15.01
C LYS D 112 -28.94 -34.38 -14.37
N TYR D 113 -29.14 -34.83 -13.14
CA TYR D 113 -30.40 -34.67 -12.43
C TYR D 113 -30.23 -33.72 -11.25
N GLU D 114 -31.29 -33.00 -10.91
CA GLU D 114 -31.23 -32.07 -9.78
C GLU D 114 -31.17 -32.81 -8.45
N GLU D 115 -31.77 -34.01 -8.37
CA GLU D 115 -31.71 -34.79 -7.14
C GLU D 115 -30.30 -35.30 -6.88
N SER D 116 -29.52 -35.53 -7.93
CA SER D 116 -28.14 -35.97 -7.75
C SER D 116 -27.30 -34.91 -7.05
N ALA D 117 -27.60 -33.63 -7.30
CA ALA D 117 -26.83 -32.56 -6.68
C ALA D 117 -27.19 -32.38 -5.21
N GLN D 118 -28.46 -32.57 -4.85
CA GLN D 118 -28.86 -32.41 -3.46
C GLN D 118 -28.31 -33.51 -2.58
N ASN D 119 -28.30 -34.75 -3.09
CA ASN D 119 -27.74 -35.85 -2.31
C ASN D 119 -26.23 -35.74 -2.17
N ALA D 120 -25.57 -35.02 -3.08
CA ALA D 120 -24.12 -34.86 -2.99
C ALA D 120 -23.74 -33.86 -1.89
N ILE D 121 -24.41 -32.71 -1.86
CA ILE D 121 -24.08 -31.70 -0.85
C ILE D 121 -24.47 -32.17 0.54
N ASP D 122 -25.48 -33.05 0.63
CA ASP D 122 -25.88 -33.58 1.94
C ASP D 122 -24.85 -34.56 2.48
N ASP D 123 -24.03 -35.16 1.61
CA ASP D 123 -23.01 -36.10 2.04
C ASP D 123 -21.61 -35.50 2.03
N LEU D 124 -21.32 -34.60 1.09
CA LEU D 124 -19.99 -34.00 1.03
C LEU D 124 -19.74 -33.05 2.20
N ASN D 125 -20.79 -32.39 2.69
CA ASN D 125 -20.66 -31.47 3.81
C ASN D 125 -20.35 -32.17 5.13
N SER D 126 -20.33 -33.50 5.15
CA SER D 126 -19.98 -34.26 6.35
C SER D 126 -18.74 -35.11 6.14
N ARG D 127 -18.02 -34.94 5.04
CA ARG D 127 -16.83 -35.72 4.73
C ARG D 127 -15.59 -34.81 4.78
N TRP D 128 -14.44 -35.44 4.58
CA TRP D 128 -13.15 -34.75 4.58
C TRP D 128 -12.41 -35.06 3.29
N TYR D 129 -11.41 -34.22 3.00
CA TYR D 129 -10.52 -34.46 1.87
C TYR D 129 -9.20 -33.76 2.14
N SER D 130 -8.11 -34.52 2.15
CA SER D 130 -6.77 -34.00 2.36
C SER D 130 -6.68 -33.23 3.68
N GLN D 131 -7.18 -33.87 4.75
CA GLN D 131 -7.11 -33.32 6.11
C GLN D 131 -7.82 -31.97 6.24
N ARG D 132 -8.90 -31.79 5.49
CA ARG D 132 -9.67 -30.55 5.51
C ARG D 132 -11.15 -30.86 5.34
N PRO D 133 -12.02 -30.21 6.10
CA PRO D 133 -13.46 -30.44 5.94
C PRO D 133 -13.96 -29.90 4.61
N VAL D 134 -14.89 -30.63 4.00
CA VAL D 134 -15.37 -30.32 2.66
C VAL D 134 -16.58 -29.38 2.77
N TYR D 135 -16.49 -28.22 2.13
CA TYR D 135 -17.60 -27.30 2.01
C TYR D 135 -18.30 -27.55 0.67
N ALA D 136 -19.62 -27.75 0.73
CA ALA D 136 -20.41 -28.05 -0.45
C ALA D 136 -21.67 -27.20 -0.45
N GLU D 137 -22.03 -26.68 -1.62
CA GLU D 137 -23.24 -25.87 -1.76
C GLU D 137 -23.67 -25.87 -3.22
N LEU D 138 -24.95 -25.61 -3.43
CA LEU D 138 -25.50 -25.54 -4.77
C LEU D 138 -25.09 -24.25 -5.45
N SER D 139 -24.71 -24.35 -6.73
CA SER D 139 -24.27 -23.20 -7.49
C SER D 139 -25.22 -22.92 -8.65
N PRO D 140 -25.53 -21.66 -8.91
CA PRO D 140 -26.42 -21.31 -10.02
C PRO D 140 -25.77 -21.36 -11.40
N VAL D 141 -24.55 -21.89 -11.51
CA VAL D 141 -23.87 -21.96 -12.79
C VAL D 141 -24.56 -22.99 -13.69
N THR D 142 -24.91 -22.57 -14.91
CA THR D 142 -25.55 -23.45 -15.88
C THR D 142 -24.64 -23.74 -17.06
N ASP D 143 -24.18 -22.70 -17.76
CA ASP D 143 -23.29 -22.86 -18.90
C ASP D 143 -21.88 -22.46 -18.48
N PHE D 144 -20.94 -23.40 -18.58
CA PHE D 144 -19.56 -23.11 -18.21
C PHE D 144 -18.86 -22.24 -19.25
N ARG D 145 -19.38 -22.19 -20.47
CA ARG D 145 -18.78 -21.32 -21.48
C ARG D 145 -18.96 -19.84 -21.13
N GLU D 146 -20.09 -19.50 -20.52
CA GLU D 146 -20.35 -18.14 -20.07
C GLU D 146 -19.60 -17.79 -18.79
N ALA D 147 -18.88 -18.75 -18.19
CA ALA D 147 -18.15 -18.50 -16.96
C ALA D 147 -16.64 -18.52 -17.12
N CYS D 148 -16.13 -19.15 -18.18
CA CYS D 148 -14.69 -19.18 -18.40
C CYS D 148 -14.22 -17.86 -19.00
N CYS D 149 -12.94 -17.55 -18.78
CA CYS D 149 -12.34 -16.33 -19.29
C CYS D 149 -12.06 -16.48 -20.78
N ARG D 150 -12.49 -15.49 -21.56
CA ARG D 150 -12.31 -15.56 -23.01
C ARG D 150 -10.85 -15.36 -23.40
N GLN D 151 -10.12 -14.52 -22.67
CA GLN D 151 -8.72 -14.25 -22.95
C GLN D 151 -7.78 -15.31 -22.40
N HIS D 152 -8.27 -16.38 -21.78
CA HIS D 152 -7.36 -17.39 -21.27
C HIS D 152 -7.10 -18.54 -22.24
N GLU D 153 -8.06 -18.91 -23.08
CA GLU D 153 -7.80 -19.94 -24.08
C GLU D 153 -6.85 -19.42 -25.15
N THR D 154 -7.10 -18.21 -25.64
CA THR D 154 -6.22 -17.55 -26.60
C THR D 154 -5.36 -16.54 -25.86
N SER D 155 -4.05 -16.61 -26.04
CA SER D 155 -3.10 -15.70 -25.38
C SER D 155 -3.26 -15.90 -23.88
N GLU D 156 -3.14 -14.85 -23.07
CA GLU D 156 -3.28 -14.95 -21.63
C GLU D 156 -4.09 -13.77 -21.12
N CYS D 157 -4.76 -13.97 -19.98
CA CYS D 157 -5.53 -12.91 -19.35
C CYS D 157 -4.60 -11.93 -18.67
N GLN D 158 -4.76 -10.64 -18.98
CA GLN D 158 -3.88 -9.62 -18.42
C GLN D 158 -4.06 -9.46 -16.92
N ARG D 159 -5.19 -9.91 -16.36
CA ARG D 159 -5.44 -9.80 -14.93
C ARG D 159 -4.72 -10.88 -14.12
N GLY D 160 -4.20 -11.91 -14.76
CA GLY D 160 -3.49 -12.95 -14.03
C GLY D 160 -4.44 -13.85 -13.26
N GLY D 161 -3.93 -14.40 -12.17
CA GLY D 161 -4.73 -15.31 -11.35
C GLY D 161 -5.87 -14.64 -10.61
N LEU D 162 -5.84 -13.31 -10.49
CA LEU D 162 -6.89 -12.56 -9.83
C LEU D 162 -8.07 -12.25 -10.76
N CYS D 163 -8.16 -12.92 -11.90
CA CYS D 163 -9.28 -12.70 -12.80
C CYS D 163 -10.58 -13.19 -12.16
N ASN D 164 -11.65 -12.43 -12.38
CA ASN D 164 -12.95 -12.78 -11.83
C ASN D 164 -13.68 -13.86 -12.62
N PHE D 165 -13.14 -14.28 -13.75
CA PHE D 165 -13.72 -15.37 -14.53
C PHE D 165 -12.94 -16.66 -14.28
N MET D 166 -13.55 -17.78 -14.70
CA MET D 166 -12.99 -19.09 -14.42
C MET D 166 -11.72 -19.32 -15.25
N HIS D 167 -10.60 -19.56 -14.55
CA HIS D 167 -9.38 -20.01 -15.20
C HIS D 167 -9.29 -21.52 -15.01
N ALA D 168 -10.06 -22.23 -15.82
CA ALA D 168 -10.17 -23.68 -15.68
C ALA D 168 -8.84 -24.36 -15.99
N LYS D 169 -8.39 -25.22 -15.09
CA LYS D 169 -7.19 -26.02 -15.29
C LYS D 169 -7.59 -27.34 -15.92
N LYS D 170 -7.26 -27.52 -17.19
CA LYS D 170 -7.69 -28.72 -17.90
C LYS D 170 -6.70 -29.87 -17.68
N PRO D 171 -7.21 -31.08 -17.49
CA PRO D 171 -6.32 -32.25 -17.35
C PRO D 171 -5.82 -32.73 -18.70
N SER D 172 -5.19 -33.90 -18.71
CA SER D 172 -4.77 -34.50 -19.98
C SER D 172 -6.01 -34.97 -20.75
N PRO D 173 -6.01 -34.80 -22.08
CA PRO D 173 -7.18 -35.27 -22.84
C PRO D 173 -7.39 -36.77 -22.77
N GLN D 174 -6.33 -37.55 -22.53
CA GLN D 174 -6.49 -38.99 -22.40
C GLN D 174 -7.27 -39.35 -21.13
N LEU D 175 -7.00 -38.63 -20.03
CA LEU D 175 -7.70 -38.92 -18.78
C LEU D 175 -9.17 -38.53 -18.89
N LEU D 176 -9.47 -37.41 -19.54
CA LEU D 176 -10.85 -36.97 -19.68
C LEU D 176 -11.65 -37.96 -20.51
N ARG D 177 -11.04 -38.53 -21.56
CA ARG D 177 -11.73 -39.53 -22.36
C ARG D 177 -11.89 -40.84 -21.60
N ASP D 178 -10.87 -41.24 -20.85
CA ASP D 178 -10.97 -42.49 -20.09
C ASP D 178 -11.99 -42.40 -18.98
N LEU D 179 -12.26 -41.19 -18.47
CA LEU D 179 -13.24 -41.04 -17.40
C LEU D 179 -14.67 -41.05 -17.92
N VAL D 180 -14.91 -40.43 -19.08
CA VAL D 180 -16.27 -40.43 -19.63
C VAL D 180 -16.65 -41.81 -20.15
N LEU D 181 -15.70 -42.52 -20.77
CA LEU D 181 -15.97 -43.86 -21.25
C LEU D 181 -16.20 -44.83 -20.08
N ALA D 182 -15.47 -44.64 -18.98
CA ALA D 182 -15.67 -45.49 -17.82
C ALA D 182 -17.01 -45.21 -17.14
N GLN D 183 -17.45 -43.95 -17.14
CA GLN D 183 -18.76 -43.63 -16.58
C GLN D 183 -19.87 -44.16 -17.47
N ARG D 184 -19.67 -44.12 -18.79
CA ARG D 184 -20.65 -44.67 -19.72
C ARG D 184 -20.78 -46.18 -19.55
N LYS D 185 -19.69 -46.86 -19.16
CA LYS D 185 -19.77 -48.28 -18.88
C LYS D 185 -20.49 -48.54 -17.56
N TYR D 186 -20.24 -47.69 -16.55
CA TYR D 186 -20.91 -47.84 -15.27
C TYR D 186 -22.41 -47.60 -15.39
N LEU D 187 -22.81 -46.66 -16.24
CA LEU D 187 -24.24 -46.38 -16.43
C LEU D 187 -24.91 -47.42 -17.31
N ALA D 188 -24.20 -47.96 -18.29
CA ALA D 188 -24.77 -49.01 -19.12
C ALA D 188 -24.97 -50.30 -18.34
N LEU D 189 -24.07 -50.60 -17.40
CA LEU D 189 -24.25 -51.78 -16.55
C LEU D 189 -25.43 -51.60 -15.60
N ASN D 190 -25.65 -50.38 -15.11
CA ASN D 190 -26.82 -50.07 -14.30
C ASN D 190 -28.01 -49.67 -15.18
N ALA D 191 -28.32 -50.52 -16.16
CA ALA D 191 -29.46 -50.33 -17.04
C ALA D 191 -30.19 -51.60 -17.41
N ALA D 192 -29.53 -52.76 -17.43
CA ALA D 192 -30.19 -54.03 -17.68
C ALA D 192 -30.94 -54.55 -16.45
N GLU D 193 -30.75 -53.92 -15.30
CA GLU D 193 -31.48 -54.30 -14.10
C GLU D 193 -32.53 -53.26 -13.73
N ARG E 18 -33.20 -52.99 -25.49
CA ARG E 18 -32.46 -53.15 -26.74
C ARG E 18 -31.50 -52.00 -26.96
N SER E 19 -31.88 -50.80 -26.49
CA SER E 19 -31.07 -49.61 -26.65
C SER E 19 -29.79 -49.63 -25.80
N ILE E 20 -29.70 -50.56 -24.84
CA ILE E 20 -28.51 -50.70 -24.01
C ILE E 20 -27.49 -51.63 -24.62
N GLU E 21 -27.95 -52.74 -25.21
CA GLU E 21 -27.04 -53.78 -25.69
C GLU E 21 -26.12 -53.33 -26.82
N GLN E 22 -26.52 -52.33 -27.62
CA GLN E 22 -25.61 -51.88 -28.66
C GLN E 22 -24.47 -51.01 -28.12
N GLU E 23 -24.65 -50.40 -26.96
CA GLU E 23 -23.59 -49.60 -26.35
C GLU E 23 -22.64 -50.40 -25.48
N LEU E 24 -23.14 -51.46 -24.82
CA LEU E 24 -22.29 -52.22 -23.89
C LEU E 24 -21.19 -52.99 -24.61
N GLU E 25 -21.47 -53.57 -25.77
CA GLU E 25 -20.43 -54.30 -26.50
C GLU E 25 -19.37 -53.35 -27.03
N GLN E 26 -19.72 -52.09 -27.26
CA GLN E 26 -18.75 -51.11 -27.72
C GLN E 26 -17.70 -50.81 -26.66
N LEU E 27 -18.11 -50.72 -25.40
CA LEU E 27 -17.18 -50.40 -24.31
C LEU E 27 -16.65 -51.67 -23.65
N ARG E 28 -15.96 -52.47 -24.45
CA ARG E 28 -15.29 -53.66 -23.95
C ARG E 28 -13.86 -53.32 -23.55
N ASP E 29 -13.33 -54.09 -22.60
CA ASP E 29 -11.99 -53.88 -22.04
C ASP E 29 -11.86 -52.52 -21.37
N VAL E 30 -12.98 -51.94 -20.92
CA VAL E 30 -12.99 -50.68 -20.19
C VAL E 30 -13.53 -50.97 -18.79
N THR E 31 -12.84 -50.47 -17.78
CA THR E 31 -13.28 -50.68 -16.41
C THR E 31 -14.35 -49.64 -16.04
N PRO E 32 -15.45 -50.06 -15.43
CA PRO E 32 -16.47 -49.10 -14.98
C PRO E 32 -15.94 -48.24 -13.84
N ILE E 33 -16.58 -47.08 -13.66
CA ILE E 33 -16.09 -46.09 -12.71
C ILE E 33 -16.17 -46.62 -11.28
N ASN E 34 -17.07 -47.56 -11.00
CA ASN E 34 -17.17 -48.09 -9.65
C ASN E 34 -16.09 -49.10 -9.32
N GLN E 35 -15.23 -49.44 -10.28
CA GLN E 35 -14.13 -50.38 -10.06
C GLN E 35 -12.78 -49.77 -10.42
N TRP E 36 -12.69 -48.44 -10.47
CA TRP E 36 -11.41 -47.79 -10.72
C TRP E 36 -10.54 -47.81 -9.48
N LYS E 37 -9.31 -48.30 -9.64
CA LYS E 37 -8.34 -48.37 -8.55
C LYS E 37 -7.70 -47.00 -8.41
N ARG E 38 -8.28 -46.17 -7.54
CA ARG E 38 -7.78 -44.82 -7.33
C ARG E 38 -6.45 -44.89 -6.58
N LYS E 39 -5.38 -44.48 -7.27
CA LYS E 39 -4.03 -44.53 -6.71
C LYS E 39 -3.85 -43.39 -5.73
N ARG E 40 -3.70 -43.74 -4.44
CA ARG E 40 -3.54 -42.77 -3.37
C ARG E 40 -4.65 -41.72 -3.40
N SER E 41 -5.83 -42.11 -2.95
CA SER E 41 -6.98 -41.22 -2.89
C SER E 41 -7.00 -40.50 -1.54
N LEU E 42 -7.15 -39.19 -1.58
CA LEU E 42 -7.12 -38.35 -0.39
C LEU E 42 -8.50 -38.11 0.21
N TRP E 43 -9.50 -38.88 -0.20
CA TRP E 43 -10.84 -38.72 0.34
C TRP E 43 -10.94 -39.35 1.72
N ASP E 44 -11.76 -38.74 2.57
CA ASP E 44 -12.03 -39.17 3.94
C ASP E 44 -10.79 -39.20 4.81
N ILE E 45 -9.69 -38.60 4.37
CA ILE E 45 -8.46 -38.54 5.16
C ILE E 45 -8.59 -37.37 6.14
N LYS E 46 -8.58 -37.69 7.42
CA LYS E 46 -8.69 -36.72 8.50
C LYS E 46 -7.32 -36.42 9.10
N PRO E 47 -7.12 -35.22 9.62
CA PRO E 47 -5.82 -34.88 10.23
C PRO E 47 -5.56 -35.71 11.48
N PRO E 48 -4.30 -35.84 11.88
CA PRO E 48 -3.99 -36.67 13.06
C PRO E 48 -4.60 -36.10 14.33
N GLY E 49 -5.31 -36.95 15.06
CA GLY E 49 -5.97 -36.55 16.29
C GLY E 49 -7.46 -36.27 16.13
N TYR E 50 -7.90 -35.98 14.91
CA TYR E 50 -9.28 -35.60 14.63
C TYR E 50 -10.18 -36.80 14.35
N GLU E 51 -9.92 -37.94 14.99
CA GLU E 51 -10.72 -39.14 14.72
C GLU E 51 -12.14 -38.99 15.24
N LEU E 52 -12.34 -38.22 16.31
CA LEU E 52 -13.65 -38.03 16.91
C LEU E 52 -14.30 -36.72 16.50
N VAL E 53 -13.64 -35.89 15.71
CA VAL E 53 -14.19 -34.61 15.28
C VAL E 53 -14.86 -34.81 13.92
N THR E 54 -16.12 -34.43 13.83
CA THR E 54 -16.85 -34.49 12.57
C THR E 54 -16.53 -33.27 11.71
N ALA E 55 -16.96 -33.33 10.45
CA ALA E 55 -16.73 -32.21 9.54
C ALA E 55 -17.48 -30.97 9.98
N ASP E 56 -18.65 -31.14 10.61
CA ASP E 56 -19.41 -30.00 11.08
C ASP E 56 -18.73 -29.32 12.26
N GLN E 57 -18.14 -30.12 13.16
CA GLN E 57 -17.46 -29.55 14.32
C GLN E 57 -16.21 -28.77 13.90
N ALA E 58 -15.60 -29.15 12.79
CA ALA E 58 -14.41 -28.44 12.31
C ALA E 58 -14.79 -27.09 11.71
N LYS E 59 -15.97 -27.01 11.07
CA LYS E 59 -16.40 -25.74 10.48
C LYS E 59 -16.80 -24.74 11.56
N MET E 60 -17.38 -25.21 12.67
CA MET E 60 -17.78 -24.30 13.73
C MET E 60 -16.60 -23.83 14.58
N SER E 61 -15.48 -24.57 14.58
CA SER E 61 -14.34 -24.17 15.38
C SER E 61 -13.58 -23.00 14.77
N GLY E 62 -13.69 -22.78 13.46
CA GLY E 62 -12.99 -21.70 12.80
C GLY E 62 -11.55 -21.97 12.44
N VAL E 63 -11.04 -23.18 12.73
CA VAL E 63 -9.65 -23.49 12.40
C VAL E 63 -9.48 -23.82 10.92
N PHE E 64 -10.58 -24.15 10.21
CA PHE E 64 -10.54 -24.41 8.77
C PHE E 64 -11.52 -23.46 8.10
N PRO E 65 -11.16 -22.18 7.95
CA PRO E 65 -12.05 -21.23 7.29
C PRO E 65 -11.79 -21.11 5.79
N LEU E 66 -12.81 -20.67 5.08
CA LEU E 66 -12.66 -20.42 3.66
C LEU E 66 -11.98 -19.06 3.44
N PRO E 67 -11.31 -18.88 2.31
CA PRO E 67 -10.63 -17.60 2.04
C PRO E 67 -11.63 -16.45 2.03
N GLY E 68 -11.38 -15.48 2.91
CA GLY E 68 -12.26 -14.32 3.04
C GLY E 68 -13.18 -14.41 4.24
N ALA G 2 9.10 46.88 -4.43
CA ALA G 2 10.41 47.27 -3.93
C ALA G 2 11.52 46.49 -4.63
N SER G 3 12.09 45.52 -3.92
CA SER G 3 13.18 44.73 -4.50
C SER G 3 12.66 43.65 -5.44
N HIS G 4 11.60 42.95 -5.03
CA HIS G 4 11.03 41.87 -5.80
C HIS G 4 9.53 42.07 -5.95
N LEU G 5 8.92 41.22 -6.77
CA LEU G 5 7.47 41.25 -6.99
C LEU G 5 6.82 40.17 -6.14
N ALA G 6 5.88 40.57 -5.28
CA ALA G 6 5.20 39.63 -4.41
C ALA G 6 4.22 38.78 -5.23
N SER G 7 4.40 37.47 -5.18
CA SER G 7 3.54 36.53 -5.87
C SER G 7 2.63 35.81 -4.87
N ILE G 8 1.77 34.94 -5.39
CA ILE G 8 0.84 34.21 -4.55
C ILE G 8 0.88 32.73 -4.89
N TYR G 9 1.87 32.31 -5.69
CA TYR G 9 1.96 30.93 -6.10
C TYR G 9 2.25 30.02 -4.89
N GLY G 10 1.70 28.81 -4.94
CA GLY G 10 1.88 27.86 -3.86
C GLY G 10 1.22 28.24 -2.56
N THR G 11 0.46 29.33 -2.54
CA THR G 11 -0.21 29.80 -1.35
C THR G 11 -1.68 29.42 -1.38
N GLU G 12 -2.34 29.56 -0.22
CA GLU G 12 -3.77 29.33 -0.15
C GLU G 12 -4.56 30.37 -0.90
N GLN G 13 -3.95 31.50 -1.25
CA GLN G 13 -4.57 32.50 -2.11
C GLN G 13 -4.41 32.20 -3.59
N ASP G 14 -3.54 31.24 -3.95
CA ASP G 14 -3.39 30.83 -5.34
C ASP G 14 -4.65 30.09 -5.77
N LYS G 15 -5.44 30.71 -6.65
CA LYS G 15 -6.75 30.18 -6.99
C LYS G 15 -6.70 29.08 -8.05
N VAL G 16 -5.53 28.79 -8.62
CA VAL G 16 -5.42 27.78 -9.67
C VAL G 16 -4.58 26.59 -9.23
N ASN G 17 -3.47 26.83 -8.53
CA ASN G 17 -2.65 25.76 -7.98
C ASN G 17 -3.11 25.40 -6.57
N CYS G 18 -3.09 24.11 -6.27
CA CYS G 18 -3.43 23.63 -4.93
C CYS G 18 -2.23 23.82 -4.01
N SER G 19 -2.40 24.60 -2.95
CA SER G 19 -1.28 24.85 -2.04
C SER G 19 -0.95 23.60 -1.24
N PHE G 20 -1.96 22.82 -0.86
CA PHE G 20 -1.71 21.65 -0.02
C PHE G 20 -0.98 20.55 -0.78
N TYR G 21 -1.24 20.40 -2.08
CA TYR G 21 -0.51 19.41 -2.86
C TYR G 21 0.90 19.89 -3.22
N TYR G 22 1.09 21.20 -3.34
CA TYR G 22 2.41 21.73 -3.67
C TYR G 22 3.35 21.67 -2.47
N LYS G 23 2.81 21.73 -1.24
CA LYS G 23 3.62 21.71 -0.04
C LYS G 23 3.67 20.34 0.62
N ILE G 24 2.52 19.68 0.78
CA ILE G 24 2.47 18.40 1.47
C ILE G 24 2.58 17.21 0.53
N GLY G 25 2.28 17.39 -0.76
CA GLY G 25 2.31 16.28 -1.69
C GLY G 25 1.07 15.42 -1.69
N ALA G 26 0.03 15.82 -0.95
CA ALA G 26 -1.21 15.07 -0.89
C ALA G 26 -2.30 15.99 -0.36
N CYS G 27 -3.43 16.03 -1.06
CA CYS G 27 -4.57 16.84 -0.67
C CYS G 27 -5.73 15.93 -0.22
N ARG G 28 -6.55 16.45 0.70
CA ARG G 28 -7.65 15.66 1.22
C ARG G 28 -8.71 15.37 0.18
N HIS G 29 -8.79 16.18 -0.87
CA HIS G 29 -9.80 15.97 -1.91
C HIS G 29 -9.31 15.08 -3.03
N GLY G 30 -8.00 15.03 -3.28
CA GLY G 30 -7.48 14.16 -4.32
C GLY G 30 -7.87 14.68 -5.68
N GLU G 31 -8.40 13.79 -6.52
CA GLU G 31 -8.80 14.18 -7.86
C GLU G 31 -10.07 15.03 -7.86
N ARG G 32 -10.73 15.17 -6.71
CA ARG G 32 -11.93 15.98 -6.58
C ARG G 32 -11.62 17.40 -6.15
N CYS G 33 -10.35 17.78 -6.10
CA CYS G 33 -9.96 19.11 -5.66
C CYS G 33 -10.34 20.16 -6.70
N SER G 34 -10.71 21.35 -6.21
CA SER G 34 -11.06 22.45 -7.09
C SER G 34 -9.84 23.10 -7.71
N ARG G 35 -8.66 22.95 -7.10
CA ARG G 35 -7.42 23.51 -7.61
C ARG G 35 -6.58 22.42 -8.26
N LYS G 36 -5.61 22.85 -9.07
CA LYS G 36 -4.82 21.93 -9.88
C LYS G 36 -3.76 21.23 -9.04
N HIS G 37 -3.59 19.94 -9.30
CA HIS G 37 -2.51 19.14 -8.73
C HIS G 37 -1.50 18.90 -9.83
N VAL G 38 -0.42 19.67 -9.82
CA VAL G 38 0.60 19.60 -10.86
C VAL G 38 1.52 18.44 -10.55
N LYS G 39 1.58 17.46 -11.47
CA LYS G 39 2.41 16.29 -11.29
C LYS G 39 3.82 16.60 -11.77
N PRO G 40 4.83 16.58 -10.92
CA PRO G 40 6.18 16.93 -11.37
C PRO G 40 6.78 15.83 -12.23
N ASN G 41 7.50 16.23 -13.27
CA ASN G 41 8.20 15.27 -14.11
C ASN G 41 9.60 14.97 -13.61
N PHE G 42 10.27 15.95 -13.02
CA PHE G 42 11.61 15.78 -12.44
C PHE G 42 11.57 16.23 -11.00
N SER G 43 11.97 15.34 -10.09
CA SER G 43 11.95 15.66 -8.67
C SER G 43 12.93 14.75 -7.94
N GLN G 44 13.36 15.21 -6.76
CA GLN G 44 14.23 14.44 -5.89
C GLN G 44 13.47 13.67 -4.82
N THR G 45 12.21 13.99 -4.58
CA THR G 45 11.42 13.39 -3.52
C THR G 45 10.39 12.44 -4.13
N ILE G 46 10.26 11.25 -3.53
CA ILE G 46 9.30 10.25 -3.97
C ILE G 46 8.30 10.03 -2.85
N LEU G 47 7.12 9.53 -3.23
CA LEU G 47 6.02 9.31 -2.30
C LEU G 47 5.53 7.88 -2.44
N CYS G 48 5.37 7.19 -1.30
CA CYS G 48 4.80 5.85 -1.24
C CYS G 48 3.56 5.92 -0.36
N PRO G 49 2.38 6.15 -0.94
CA PRO G 49 1.18 6.33 -0.13
C PRO G 49 0.76 5.02 0.55
N ASN G 50 0.32 5.15 1.80
CA ASN G 50 -0.19 4.02 2.58
C ASN G 50 0.82 2.88 2.67
N MET G 51 2.02 3.20 3.13
CA MET G 51 3.08 2.22 3.30
C MET G 51 3.34 1.86 4.76
N TYR G 52 3.26 2.82 5.66
CA TYR G 52 3.49 2.57 7.08
C TYR G 52 2.16 2.25 7.76
N LYS G 53 2.00 1.00 8.19
CA LYS G 53 0.83 0.58 8.94
C LYS G 53 1.17 0.63 10.42
N ASN G 54 0.77 1.71 11.08
CA ASN G 54 1.01 1.88 12.51
C ASN G 54 0.22 0.83 13.27
N PRO G 55 0.86 -0.01 14.09
CA PRO G 55 0.09 -1.06 14.79
C PRO G 55 -1.00 -0.52 15.70
N ILE G 56 -0.90 0.73 16.15
CA ILE G 56 -1.95 1.30 17.00
C ILE G 56 -3.27 1.37 16.23
N HIS G 57 -3.21 1.45 14.91
CA HIS G 57 -4.39 1.47 14.05
C HIS G 57 -4.77 0.08 13.54
N GLU G 58 -3.96 -0.93 13.85
CA GLU G 58 -4.16 -2.31 13.41
C GLU G 58 -5.05 -3.06 14.38
N PRO G 59 -5.61 -4.20 13.97
CA PRO G 59 -6.42 -5.02 14.90
C PRO G 59 -5.64 -5.48 16.12
N ASN G 60 -4.35 -5.77 15.98
CA ASN G 60 -3.50 -6.09 17.12
C ASN G 60 -2.79 -4.82 17.60
N GLY G 61 -3.60 -3.94 18.20
CA GLY G 61 -3.13 -2.59 18.49
C GLY G 61 -3.13 -2.16 19.94
N LYS G 62 -3.57 -3.02 20.86
CA LYS G 62 -3.53 -2.69 22.28
C LYS G 62 -2.78 -3.75 23.08
N LYS G 63 -1.97 -4.58 22.43
CA LYS G 63 -1.22 -5.61 23.13
C LYS G 63 0.23 -5.25 23.40
N PHE G 64 0.75 -4.23 22.72
CA PHE G 64 2.15 -3.86 22.84
C PHE G 64 2.37 -2.83 23.94
N THR G 65 3.54 -2.89 24.57
CA THR G 65 3.96 -1.93 25.58
C THR G 65 4.71 -0.79 24.93
N GLN G 66 5.06 0.22 25.74
CA GLN G 66 5.72 1.41 25.21
C GLN G 66 7.10 1.08 24.66
N ARG G 67 7.82 0.15 25.30
CA ARG G 67 9.14 -0.23 24.81
C ARG G 67 9.04 -1.02 23.51
N GLU G 68 8.02 -1.88 23.39
CA GLU G 68 7.87 -2.68 22.18
C GLU G 68 7.47 -1.82 20.99
N LEU G 69 6.63 -0.80 21.21
CA LEU G 69 6.21 0.07 20.12
C LEU G 69 7.36 0.92 19.58
N ALA G 70 8.28 1.35 20.44
CA ALA G 70 9.39 2.18 19.97
C ALA G 70 10.37 1.36 19.13
N GLU G 71 10.69 0.15 19.57
CA GLU G 71 11.61 -0.69 18.80
C GLU G 71 10.96 -1.22 17.53
N GLN G 72 9.63 -1.36 17.53
CA GLN G 72 8.93 -1.86 16.35
C GLN G 72 8.96 -0.84 15.22
N PHE G 73 8.86 0.45 15.55
CA PHE G 73 8.94 1.48 14.51
C PHE G 73 10.35 1.63 13.98
N ASP G 74 11.37 1.45 14.83
CA ASP G 74 12.74 1.51 14.36
C ASP G 74 13.03 0.42 13.34
N ALA G 75 12.43 -0.76 13.51
CA ALA G 75 12.60 -1.82 12.53
C ALA G 75 11.97 -1.45 11.20
N PHE G 76 10.92 -0.63 11.21
CA PHE G 76 10.30 -0.19 9.96
C PHE G 76 11.17 0.85 9.26
N TYR G 77 11.60 1.87 9.99
CA TYR G 77 12.45 2.91 9.40
C TYR G 77 13.77 2.32 8.93
N GLU G 78 14.33 1.38 9.69
CA GLU G 78 15.53 0.68 9.24
C GLU G 78 15.25 -0.10 7.96
N ASP G 79 14.10 -0.76 7.88
CA ASP G 79 13.75 -1.51 6.67
C ASP G 79 13.50 -0.58 5.49
N MET G 80 13.07 0.65 5.76
CA MET G 80 12.84 1.62 4.68
C MET G 80 14.14 2.25 4.22
N PHE G 81 14.91 2.79 5.16
CA PHE G 81 16.13 3.52 4.80
C PHE G 81 17.13 2.62 4.09
N CYS G 82 17.22 1.36 4.50
CA CYS G 82 18.19 0.45 3.88
C CYS G 82 17.77 0.09 2.46
N GLU G 83 16.47 -0.11 2.24
CA GLU G 83 16.02 -0.49 0.91
C GLU G 83 16.02 0.71 -0.04
N PHE G 84 15.67 1.89 0.46
CA PHE G 84 15.71 3.09 -0.36
C PHE G 84 17.14 3.53 -0.66
N SER G 85 18.10 3.08 0.14
CA SER G 85 19.50 3.46 -0.08
C SER G 85 20.08 2.76 -1.30
N LYS G 86 19.48 1.65 -1.72
CA LYS G 86 19.97 0.91 -2.88
C LYS G 86 19.67 1.61 -4.20
N TYR G 87 18.83 2.66 -4.17
CA TYR G 87 18.53 3.44 -5.37
C TYR G 87 19.30 4.75 -5.42
N GLY G 88 20.35 4.87 -4.61
CA GLY G 88 21.16 6.09 -4.54
C GLY G 88 21.17 6.66 -3.15
N GLU G 89 21.74 7.86 -3.04
CA GLU G 89 21.89 8.52 -1.74
C GLU G 89 20.57 9.10 -1.28
N VAL G 90 20.20 8.82 -0.03
CA VAL G 90 18.98 9.33 0.58
C VAL G 90 19.34 10.49 1.50
N GLU G 91 18.76 11.65 1.25
CA GLU G 91 19.04 12.82 2.08
C GLU G 91 18.12 12.89 3.29
N GLN G 92 16.84 12.55 3.13
CA GLN G 92 15.90 12.59 4.22
C GLN G 92 14.75 11.62 3.93
N LEU G 93 14.29 10.92 4.96
CA LEU G 93 13.17 10.00 4.85
C LEU G 93 12.17 10.37 5.93
N VAL G 94 10.94 10.67 5.52
CA VAL G 94 9.89 11.13 6.44
C VAL G 94 8.73 10.15 6.35
N VAL G 95 8.21 9.74 7.51
CA VAL G 95 7.08 8.82 7.61
C VAL G 95 5.95 9.53 8.33
N CYS G 96 4.78 9.57 7.71
CA CYS G 96 3.63 10.26 8.27
C CYS G 96 2.81 9.33 9.15
N ASP G 97 2.39 9.83 10.31
CA ASP G 97 1.59 9.08 11.27
C ASP G 97 0.16 9.61 11.32
N ASN G 98 -0.36 10.02 10.17
CA ASN G 98 -1.71 10.57 10.09
C ASN G 98 -2.72 9.45 9.87
N VAL G 99 -4.00 9.82 9.95
CA VAL G 99 -5.09 8.89 9.71
C VAL G 99 -5.95 9.28 8.52
N GLY G 100 -5.81 10.50 8.00
CA GLY G 100 -6.55 10.88 6.80
C GLY G 100 -6.21 10.00 5.62
N ASP G 101 -7.22 9.75 4.78
CA ASP G 101 -7.06 8.81 3.67
C ASP G 101 -6.01 9.24 2.66
N HIS G 102 -5.56 10.49 2.70
CA HIS G 102 -4.56 10.98 1.75
C HIS G 102 -3.16 11.06 2.35
N LEU G 103 -3.01 10.91 3.67
CA LEU G 103 -1.72 11.00 4.32
C LEU G 103 -1.46 9.87 5.31
N VAL G 104 -2.28 8.82 5.29
CA VAL G 104 -2.12 7.72 6.25
C VAL G 104 -0.94 6.86 5.83
N GLY G 105 0.06 6.76 6.69
CA GLY G 105 1.21 5.92 6.42
C GLY G 105 2.01 6.31 5.20
N ASN G 106 1.98 7.59 4.83
CA ASN G 106 2.75 8.04 3.69
C ASN G 106 4.24 8.08 4.03
N VAL G 107 5.07 7.69 3.06
CA VAL G 107 6.52 7.64 3.23
C VAL G 107 7.15 8.51 2.16
N TYR G 108 7.82 9.57 2.58
CA TYR G 108 8.50 10.49 1.68
C TYR G 108 10.00 10.23 1.77
N VAL G 109 10.66 10.16 0.60
CA VAL G 109 12.09 9.93 0.53
C VAL G 109 12.67 10.91 -0.48
N ARG G 110 13.63 11.71 -0.04
CA ARG G 110 14.30 12.70 -0.89
C ARG G 110 15.69 12.19 -1.22
N PHE G 111 15.95 11.96 -2.49
CA PHE G 111 17.28 11.55 -2.93
C PHE G 111 18.15 12.77 -3.24
N LYS G 112 19.45 12.54 -3.39
CA LYS G 112 20.35 13.62 -3.70
C LYS G 112 20.28 13.98 -5.19
N TYR G 113 20.10 12.99 -6.05
CA TYR G 113 20.03 13.19 -7.48
C TYR G 113 18.62 12.91 -7.99
N GLU G 114 18.24 13.63 -9.05
CA GLU G 114 16.91 13.45 -9.61
C GLU G 114 16.77 12.10 -10.34
N GLU G 115 17.86 11.60 -10.92
CA GLU G 115 17.80 10.30 -11.58
C GLU G 115 17.59 9.17 -10.58
N SER G 116 18.08 9.34 -9.35
CA SER G 116 17.88 8.33 -8.32
C SER G 116 16.41 8.16 -7.96
N ALA G 117 15.65 9.27 -8.01
CA ALA G 117 14.23 9.19 -7.66
C ALA G 117 13.40 8.56 -8.78
N GLN G 118 13.77 8.82 -10.03
CA GLN G 118 13.01 8.26 -11.15
C GLN G 118 13.24 6.76 -11.26
N ASN G 119 14.46 6.30 -11.04
CA ASN G 119 14.75 4.87 -11.10
C ASN G 119 14.11 4.10 -9.95
N ALA G 120 13.81 4.78 -8.85
CA ALA G 120 13.17 4.10 -7.71
C ALA G 120 11.70 3.82 -7.98
N ILE G 121 10.96 4.82 -8.47
CA ILE G 121 9.54 4.62 -8.71
C ILE G 121 9.30 3.65 -9.86
N ASP G 122 10.25 3.57 -10.80
CA ASP G 122 10.13 2.62 -11.91
C ASP G 122 10.30 1.18 -11.45
N ASP G 123 10.97 0.97 -10.33
CA ASP G 123 11.19 -0.36 -9.79
C ASP G 123 10.28 -0.69 -8.62
N LEU G 124 9.93 0.30 -7.79
CA LEU G 124 9.07 0.05 -6.64
C LEU G 124 7.64 -0.27 -7.06
N ASN G 125 7.17 0.28 -8.18
CA ASN G 125 5.81 0.04 -8.64
C ASN G 125 5.60 -1.39 -9.12
N SER G 126 6.66 -2.21 -9.16
CA SER G 126 6.55 -3.61 -9.55
C SER G 126 6.97 -4.55 -8.43
N ARG G 127 7.18 -4.05 -7.23
CA ARG G 127 7.61 -4.83 -6.08
C ARG G 127 6.50 -4.89 -5.04
N TRP G 128 6.74 -5.66 -3.98
CA TRP G 128 5.77 -5.85 -2.92
C TRP G 128 6.40 -5.50 -1.57
N TYR G 129 5.54 -5.25 -0.59
CA TYR G 129 5.99 -5.02 0.78
C TYR G 129 4.85 -5.38 1.73
N SER G 130 5.10 -6.32 2.64
CA SER G 130 4.12 -6.73 3.65
C SER G 130 2.82 -7.17 3.00
N GLN G 131 2.94 -8.04 1.99
CA GLN G 131 1.78 -8.63 1.30
C GLN G 131 0.91 -7.55 0.65
N ARG G 132 1.52 -6.47 0.19
CA ARG G 132 0.80 -5.37 -0.46
C ARG G 132 1.68 -4.79 -1.57
N PRO G 133 1.10 -4.50 -2.74
CA PRO G 133 1.89 -3.89 -3.81
C PRO G 133 2.28 -2.46 -3.47
N VAL G 134 3.49 -2.09 -3.87
CA VAL G 134 4.07 -0.79 -3.53
C VAL G 134 3.68 0.22 -4.59
N TYR G 135 3.03 1.30 -4.17
CA TYR G 135 2.73 2.44 -5.04
C TYR G 135 3.82 3.49 -4.89
N ALA G 136 4.39 3.91 -6.02
CA ALA G 136 5.47 4.89 -6.01
C ALA G 136 5.21 5.92 -7.09
N GLU G 137 5.46 7.19 -6.75
CA GLU G 137 5.30 8.29 -7.70
C GLU G 137 6.15 9.46 -7.22
N LEU G 138 6.45 10.36 -8.16
CA LEU G 138 7.24 11.54 -7.82
C LEU G 138 6.38 12.54 -7.05
N SER G 139 6.97 13.13 -6.02
CA SER G 139 6.26 14.07 -5.17
C SER G 139 6.88 15.46 -5.28
N PRO G 140 6.07 16.51 -5.33
CA PRO G 140 6.60 17.87 -5.42
C PRO G 140 7.10 18.44 -4.10
N VAL G 141 7.22 17.62 -3.06
CA VAL G 141 7.69 18.12 -1.77
C VAL G 141 9.18 18.44 -1.87
N THR G 142 9.54 19.66 -1.48
CA THR G 142 10.93 20.10 -1.47
C THR G 142 11.44 20.35 -0.06
N ASP G 143 10.79 21.25 0.68
CA ASP G 143 11.17 21.56 2.05
C ASP G 143 10.15 20.92 2.99
N PHE G 144 10.64 20.01 3.85
CA PHE G 144 9.74 19.35 4.80
C PHE G 144 9.31 20.28 5.93
N ARG G 145 10.06 21.36 6.18
CA ARG G 145 9.66 22.31 7.21
C ARG G 145 8.37 23.03 6.84
N GLU G 146 8.17 23.32 5.56
CA GLU G 146 6.94 23.95 5.10
C GLU G 146 5.76 22.98 5.04
N ALA G 147 5.99 21.69 5.33
CA ALA G 147 4.95 20.69 5.30
C ALA G 147 4.59 20.13 6.67
N CYS G 148 5.48 20.25 7.65
CA CYS G 148 5.20 19.75 8.99
C CYS G 148 4.29 20.71 9.75
N CYS G 149 3.55 20.14 10.70
CA CYS G 149 2.63 20.91 11.52
C CYS G 149 3.40 21.65 12.63
N ARG G 150 3.16 22.97 12.74
CA ARG G 150 3.87 23.75 13.74
C ARG G 150 3.38 23.47 15.15
N GLN G 151 2.08 23.24 15.33
CA GLN G 151 1.56 22.94 16.66
C GLN G 151 1.79 21.50 17.07
N HIS G 152 2.41 20.70 16.20
CA HIS G 152 2.75 19.31 16.50
C HIS G 152 4.15 19.19 17.08
N GLU G 153 5.02 20.16 16.80
CA GLU G 153 6.38 20.13 17.34
C GLU G 153 6.37 20.16 18.86
N THR G 154 5.43 20.90 19.45
CA THR G 154 5.26 20.93 20.90
C THR G 154 4.20 19.94 21.37
N SER G 155 3.71 19.09 20.47
CA SER G 155 2.72 18.06 20.79
C SER G 155 1.44 18.67 21.34
N GLU G 156 0.96 19.72 20.68
CA GLU G 156 -0.26 20.40 21.11
C GLU G 156 -1.17 20.73 19.93
N CYS G 157 -1.17 19.91 18.89
CA CYS G 157 -2.05 20.13 17.75
C CYS G 157 -3.47 19.72 18.11
N GLN G 158 -4.41 20.66 18.02
CA GLN G 158 -5.80 20.38 18.35
C GLN G 158 -6.51 19.52 17.30
N ARG G 159 -5.98 19.44 16.09
CA ARG G 159 -6.65 18.69 15.02
C ARG G 159 -6.43 17.19 15.12
N GLY G 160 -5.46 16.73 15.93
CA GLY G 160 -5.27 15.30 16.09
C GLY G 160 -4.64 14.67 14.85
N GLY G 161 -4.93 13.38 14.66
CA GLY G 161 -4.39 12.65 13.54
C GLY G 161 -4.96 13.04 12.19
N LEU G 162 -6.10 13.73 12.19
CA LEU G 162 -6.75 14.17 10.96
C LEU G 162 -6.19 15.49 10.43
N CYS G 163 -5.01 15.90 10.91
CA CYS G 163 -4.39 17.11 10.41
C CYS G 163 -3.99 16.96 8.95
N ASN G 164 -4.20 18.01 8.17
CA ASN G 164 -3.84 17.99 6.76
C ASN G 164 -2.35 18.23 6.53
N PHE G 165 -1.60 18.54 7.57
CA PHE G 165 -0.15 18.68 7.49
C PHE G 165 0.52 17.42 8.00
N MET G 166 1.80 17.27 7.68
CA MET G 166 2.52 16.05 8.02
C MET G 166 2.79 15.98 9.52
N HIS G 167 2.29 14.91 10.15
CA HIS G 167 2.63 14.58 11.53
C HIS G 167 3.70 13.50 11.47
N ALA G 168 4.93 13.93 11.18
CA ALA G 168 6.03 13.00 10.96
C ALA G 168 6.37 12.24 12.23
N LYS G 169 6.44 10.91 12.12
CA LYS G 169 6.85 10.06 13.23
C LYS G 169 8.36 9.86 13.14
N LYS G 170 9.09 10.46 14.07
CA LYS G 170 10.55 10.44 14.06
C LYS G 170 11.06 9.17 14.75
N PRO G 171 12.11 8.56 14.21
CA PRO G 171 12.66 7.36 14.85
C PRO G 171 13.53 7.70 16.05
N SER G 172 14.22 6.69 16.58
CA SER G 172 15.16 6.93 17.65
C SER G 172 16.39 7.65 17.11
N PRO G 173 16.97 8.58 17.88
CA PRO G 173 18.19 9.26 17.41
C PRO G 173 19.35 8.32 17.18
N GLN G 174 19.37 7.16 17.85
CA GLN G 174 20.44 6.20 17.64
C GLN G 174 20.39 5.61 16.24
N LEU G 175 19.19 5.28 15.76
CA LEU G 175 19.05 4.69 14.43
C LEU G 175 19.33 5.72 13.34
N LEU G 176 18.85 6.96 13.52
CA LEU G 176 19.04 7.98 12.50
C LEU G 176 20.52 8.29 12.30
N ARG G 177 21.30 8.32 13.38
CA ARG G 177 22.74 8.55 13.25
C ARG G 177 23.44 7.34 12.64
N ASP G 178 23.04 6.14 13.04
CA ASP G 178 23.68 4.94 12.50
C ASP G 178 23.38 4.75 11.02
N LEU G 179 22.24 5.30 10.55
CA LEU G 179 21.90 5.18 9.14
C LEU G 179 22.68 6.15 8.27
N VAL G 180 22.92 7.37 8.77
CA VAL G 180 23.67 8.34 8.00
C VAL G 180 25.14 7.94 7.90
N LEU G 181 25.71 7.45 9.01
CA LEU G 181 27.10 7.00 8.99
C LEU G 181 27.27 5.76 8.11
N ALA G 182 26.30 4.85 8.13
CA ALA G 182 26.39 3.66 7.30
C ALA G 182 26.23 4.00 5.82
N GLN G 183 25.39 4.98 5.50
CA GLN G 183 25.23 5.39 4.11
C GLN G 183 26.47 6.12 3.61
N ARG G 184 27.07 6.95 4.46
CA ARG G 184 28.30 7.63 4.07
C ARG G 184 29.44 6.65 3.87
N LYS G 185 29.46 5.55 4.62
CA LYS G 185 30.49 4.53 4.40
C LYS G 185 30.21 3.75 3.13
N TYR G 186 28.94 3.48 2.83
CA TYR G 186 28.59 2.79 1.60
C TYR G 186 28.95 3.63 0.39
N LEU G 187 28.78 4.94 0.48
CA LEU G 187 29.14 5.82 -0.62
C LEU G 187 30.64 6.06 -0.68
N ALA G 188 31.31 6.11 0.47
CA ALA G 188 32.77 6.26 0.47
C ALA G 188 33.45 5.01 -0.06
N LEU G 189 32.88 3.82 0.20
CA LEU G 189 33.44 2.61 -0.35
C LEU G 189 33.24 2.55 -1.86
N ASN G 190 32.12 3.06 -2.35
CA ASN G 190 31.92 3.22 -3.79
C ASN G 190 32.49 4.54 -4.29
N ALA G 191 33.73 4.79 -3.91
CA ALA G 191 34.48 5.98 -4.33
C ALA G 191 35.96 5.73 -4.56
N ALA G 192 36.57 4.75 -3.88
CA ALA G 192 37.96 4.38 -4.11
C ALA G 192 38.15 3.54 -5.36
N GLU G 193 37.15 3.51 -6.23
CA GLU G 193 37.28 2.85 -7.53
C GLU G 193 37.78 3.80 -8.61
N GLU G 194 37.46 5.09 -8.49
CA GLU G 194 37.89 6.09 -9.47
C GLU G 194 38.99 6.97 -8.90
N SER H 16 41.94 14.41 -3.68
CA SER H 16 40.63 13.77 -3.81
C SER H 16 40.66 12.35 -3.25
N VAL H 17 41.61 11.54 -3.73
CA VAL H 17 41.74 10.19 -3.23
C VAL H 17 42.21 10.19 -1.78
N ARG H 18 43.00 11.18 -1.39
CA ARG H 18 43.43 11.29 0.00
C ARG H 18 42.26 11.62 0.92
N SER H 19 41.30 12.40 0.44
CA SER H 19 40.13 12.75 1.24
C SER H 19 39.18 11.58 1.43
N ILE H 20 39.33 10.50 0.66
CA ILE H 20 38.49 9.32 0.83
C ILE H 20 39.05 8.38 1.88
N GLU H 21 40.36 8.13 1.82
CA GLU H 21 40.99 7.27 2.82
C GLU H 21 40.97 7.94 4.19
N GLN H 22 40.94 9.27 4.22
CA GLN H 22 40.84 10.00 5.48
C GLN H 22 39.43 9.92 6.07
N GLU H 23 38.41 9.70 5.24
CA GLU H 23 37.05 9.55 5.74
C GLU H 23 36.73 8.12 6.14
N LEU H 24 37.32 7.14 5.44
CA LEU H 24 37.08 5.75 5.80
C LEU H 24 37.69 5.42 7.16
N GLU H 25 38.86 5.99 7.45
CA GLU H 25 39.48 5.80 8.76
C GLU H 25 38.65 6.45 9.87
N GLN H 26 37.94 7.53 9.55
CA GLN H 26 37.05 8.15 10.52
C GLN H 26 35.85 7.27 10.78
N LEU H 27 35.30 6.65 9.73
CA LEU H 27 34.14 5.77 9.86
C LEU H 27 34.60 4.32 10.00
N ARG H 28 35.36 4.09 11.06
CA ARG H 28 35.84 2.77 11.41
C ARG H 28 34.84 2.08 12.33
N ASP H 29 34.90 0.74 12.35
CA ASP H 29 34.00 -0.13 13.10
C ASP H 29 32.52 0.20 12.86
N VAL H 30 32.21 0.74 11.68
CA VAL H 30 30.83 0.99 11.26
C VAL H 30 30.54 0.10 10.06
N THR H 31 29.40 -0.57 10.09
CA THR H 31 29.01 -1.43 8.98
C THR H 31 28.35 -0.60 7.89
N PRO H 32 28.74 -0.78 6.63
CA PRO H 32 28.09 -0.05 5.53
C PRO H 32 26.64 -0.52 5.36
N ILE H 33 25.83 0.36 4.76
CA ILE H 33 24.40 0.10 4.66
C ILE H 33 24.09 -1.10 3.78
N ASN H 34 24.98 -1.42 2.83
CA ASN H 34 24.73 -2.55 1.94
C ASN H 34 25.01 -3.89 2.61
N GLN H 35 25.48 -3.90 3.85
CA GLN H 35 25.77 -5.14 4.58
C GLN H 35 24.99 -5.22 5.89
N TRP H 36 23.91 -4.45 6.04
CA TRP H 36 23.09 -4.52 7.24
C TRP H 36 22.21 -5.77 7.18
N LYS H 37 22.31 -6.61 8.21
CA LYS H 37 21.50 -7.82 8.29
C LYS H 37 20.16 -7.47 8.93
N ARG H 38 19.20 -7.07 8.10
CA ARG H 38 17.87 -6.71 8.58
C ARG H 38 17.08 -7.98 8.91
N LYS H 39 16.80 -8.20 10.20
CA LYS H 39 16.02 -9.36 10.58
C LYS H 39 14.54 -9.07 10.34
N ARG H 40 13.84 -10.04 9.77
CA ARG H 40 12.41 -9.92 9.44
C ARG H 40 12.16 -8.70 8.55
N SER H 41 12.58 -8.84 7.29
CA SER H 41 12.34 -7.83 6.28
C SER H 41 11.05 -8.15 5.54
N LEU H 42 10.17 -7.15 5.44
CA LEU H 42 8.87 -7.36 4.81
C LEU H 42 8.86 -6.98 3.34
N TRP H 43 10.03 -6.78 2.73
CA TRP H 43 10.09 -6.43 1.32
C TRP H 43 9.91 -7.66 0.44
N ASP H 44 9.27 -7.45 -0.71
CA ASP H 44 9.01 -8.47 -1.72
C ASP H 44 8.16 -9.61 -1.20
N ILE H 45 7.53 -9.45 -0.04
CA ILE H 45 6.66 -10.50 0.51
C ILE H 45 5.29 -10.39 -0.13
N LYS H 46 4.89 -11.42 -0.85
CA LYS H 46 3.59 -11.45 -1.50
C LYS H 46 2.62 -12.28 -0.68
N PRO H 47 1.32 -11.99 -0.75
CA PRO H 47 0.34 -12.78 -0.02
C PRO H 47 0.29 -14.20 -0.55
N PRO H 48 -0.22 -15.15 0.24
CA PRO H 48 -0.22 -16.56 -0.19
C PRO H 48 -1.05 -16.76 -1.45
N GLY H 49 -0.46 -17.47 -2.42
CA GLY H 49 -1.08 -17.72 -3.70
C GLY H 49 -0.60 -16.84 -4.83
N TYR H 50 0.03 -15.70 -4.52
CA TYR H 50 0.42 -14.71 -5.51
C TYR H 50 1.82 -14.97 -6.09
N GLU H 51 2.22 -16.24 -6.25
CA GLU H 51 3.53 -16.51 -6.79
C GLU H 51 3.61 -16.15 -8.28
N LEU H 52 2.50 -16.29 -9.00
CA LEU H 52 2.45 -15.98 -10.43
C LEU H 52 1.80 -14.64 -10.72
N VAL H 53 1.34 -13.92 -9.70
CA VAL H 53 0.70 -12.62 -9.90
C VAL H 53 1.73 -11.53 -9.73
N THR H 54 1.85 -10.66 -10.74
CA THR H 54 2.74 -9.52 -10.68
C THR H 54 2.09 -8.38 -9.91
N ALA H 55 2.90 -7.36 -9.61
CA ALA H 55 2.37 -6.21 -8.89
C ALA H 55 1.36 -5.44 -9.74
N ASP H 56 1.52 -5.45 -11.06
CA ASP H 56 0.57 -4.77 -11.93
C ASP H 56 -0.77 -5.49 -11.96
N GLN H 57 -0.75 -6.82 -11.94
CA GLN H 57 -1.99 -7.59 -11.97
C GLN H 57 -2.78 -7.41 -10.68
N ALA H 58 -2.11 -7.14 -9.57
CA ALA H 58 -2.81 -6.91 -8.31
C ALA H 58 -3.46 -5.53 -8.27
N LYS H 59 -2.82 -4.54 -8.89
CA LYS H 59 -3.40 -3.20 -8.92
C LYS H 59 -4.60 -3.12 -9.83
N MET H 60 -4.61 -3.88 -10.94
CA MET H 60 -5.74 -3.86 -11.85
C MET H 60 -6.95 -4.61 -11.29
N SER H 61 -6.73 -5.53 -10.35
CA SER H 61 -7.83 -6.29 -9.78
C SER H 61 -8.67 -5.47 -8.81
N GLY H 62 -8.11 -4.41 -8.23
CA GLY H 62 -8.83 -3.59 -7.28
C GLY H 62 -8.86 -4.10 -5.86
N VAL H 63 -8.21 -5.23 -5.58
CA VAL H 63 -8.19 -5.76 -4.21
C VAL H 63 -7.22 -5.01 -3.31
N PHE H 64 -6.28 -4.25 -3.87
CA PHE H 64 -5.34 -3.45 -3.08
C PHE H 64 -5.49 -1.99 -3.51
N PRO H 65 -6.54 -1.30 -3.07
CA PRO H 65 -6.72 0.11 -3.41
C PRO H 65 -6.13 1.02 -2.35
N LEU H 66 -5.84 2.25 -2.78
CA LEU H 66 -5.37 3.24 -1.83
C LEU H 66 -6.56 3.81 -1.05
N PRO H 67 -6.32 4.30 0.17
CA PRO H 67 -7.43 4.86 0.96
C PRO H 67 -8.12 6.03 0.27
N GLY H 68 -9.37 5.82 -0.12
CA GLY H 68 -10.13 6.84 -0.81
C GLY H 68 -10.83 6.33 -2.06
N ALA J 2 41.34 -53.33 -41.52
CA ALA J 2 42.44 -53.76 -40.66
C ALA J 2 43.51 -52.67 -40.56
N SER J 3 43.13 -51.44 -40.92
CA SER J 3 44.03 -50.30 -40.86
C SER J 3 43.92 -49.52 -39.56
N HIS J 4 42.87 -49.77 -38.78
CA HIS J 4 42.67 -49.06 -37.51
C HIS J 4 41.66 -49.84 -36.68
N LEU J 5 41.78 -49.69 -35.36
CA LEU J 5 40.87 -50.38 -34.45
C LEU J 5 39.50 -49.73 -34.48
N ALA J 6 38.46 -50.55 -34.69
CA ALA J 6 37.10 -50.04 -34.68
C ALA J 6 36.73 -49.57 -33.28
N SER J 7 35.91 -48.51 -33.22
CA SER J 7 35.54 -47.88 -31.96
C SER J 7 34.03 -47.78 -31.84
N ILE J 8 33.54 -47.93 -30.61
CA ILE J 8 32.13 -47.75 -30.29
C ILE J 8 32.08 -46.78 -29.11
N TYR J 9 32.08 -45.49 -29.40
CA TYR J 9 32.08 -44.46 -28.37
C TYR J 9 31.33 -43.25 -28.89
N GLY J 10 30.50 -42.65 -28.04
CA GLY J 10 29.70 -41.52 -28.45
C GLY J 10 28.66 -41.85 -29.50
N THR J 11 28.33 -43.13 -29.66
CA THR J 11 27.37 -43.59 -30.65
C THR J 11 26.21 -44.30 -29.96
N GLU J 12 25.14 -44.53 -30.72
CA GLU J 12 23.97 -45.20 -30.17
C GLU J 12 24.24 -46.64 -29.80
N GLN J 13 25.32 -47.24 -30.34
CA GLN J 13 25.73 -48.57 -29.91
C GLN J 13 26.54 -48.55 -28.61
N ASP J 14 26.97 -47.38 -28.16
CA ASP J 14 27.68 -47.23 -26.89
C ASP J 14 26.64 -47.02 -25.80
N LYS J 15 26.23 -48.11 -25.16
CA LYS J 15 25.21 -48.04 -24.11
C LYS J 15 25.73 -47.43 -22.82
N VAL J 16 26.98 -46.98 -22.77
CA VAL J 16 27.54 -46.38 -21.56
C VAL J 16 27.36 -44.87 -21.63
N ASN J 17 28.06 -44.22 -22.55
CA ASN J 17 27.92 -42.79 -22.76
C ASN J 17 26.72 -42.49 -23.65
N CYS J 18 26.03 -41.41 -23.34
CA CYS J 18 24.86 -40.98 -24.11
C CYS J 18 25.31 -40.30 -25.39
N SER J 19 24.89 -40.85 -26.53
CA SER J 19 25.29 -40.29 -27.82
C SER J 19 24.64 -38.94 -28.06
N PHE J 20 23.39 -38.77 -27.62
CA PHE J 20 22.67 -37.54 -27.89
C PHE J 20 23.25 -36.35 -27.16
N TYR J 21 23.77 -36.54 -25.94
CA TYR J 21 24.41 -35.44 -25.25
C TYR J 21 25.81 -35.20 -25.78
N TYR J 22 26.47 -36.25 -26.29
CA TYR J 22 27.80 -36.10 -26.87
C TYR J 22 27.74 -35.46 -28.25
N LYS J 23 26.62 -35.62 -28.95
CA LYS J 23 26.45 -35.10 -30.30
C LYS J 23 25.68 -33.78 -30.33
N ILE J 24 24.54 -33.71 -29.64
CA ILE J 24 23.70 -32.51 -29.68
C ILE J 24 23.99 -31.55 -28.53
N GLY J 25 24.58 -32.03 -27.44
CA GLY J 25 24.81 -31.20 -26.29
C GLY J 25 23.63 -31.05 -25.37
N ALA J 26 22.55 -31.79 -25.62
CA ALA J 26 21.36 -31.74 -24.79
C ALA J 26 20.54 -33.00 -25.05
N CYS J 27 20.13 -33.68 -24.00
CA CYS J 27 19.34 -34.90 -24.09
C CYS J 27 17.93 -34.65 -23.57
N ARG J 28 16.97 -35.40 -24.12
CA ARG J 28 15.57 -35.24 -23.73
C ARG J 28 15.31 -35.64 -22.29
N HIS J 29 16.16 -36.49 -21.72
CA HIS J 29 15.98 -36.93 -20.34
C HIS J 29 16.69 -36.03 -19.34
N GLY J 30 17.75 -35.36 -19.75
CA GLY J 30 18.42 -34.43 -18.87
C GLY J 30 19.19 -35.15 -17.77
N GLU J 31 19.00 -34.69 -16.53
CA GLU J 31 19.70 -35.28 -15.40
C GLU J 31 19.14 -36.64 -15.00
N ARG J 32 18.00 -37.04 -15.54
CA ARG J 32 17.39 -38.33 -15.23
C ARG J 32 17.79 -39.43 -16.21
N CYS J 33 18.73 -39.16 -17.12
CA CYS J 33 19.10 -40.15 -18.12
C CYS J 33 19.88 -41.30 -17.49
N SER J 34 19.67 -42.50 -18.02
CA SER J 34 20.37 -43.68 -17.55
C SER J 34 21.81 -43.76 -18.07
N ARG J 35 22.11 -43.05 -19.14
CA ARG J 35 23.44 -43.04 -19.73
C ARG J 35 24.18 -41.76 -19.35
N LYS J 36 25.50 -41.80 -19.50
CA LYS J 36 26.35 -40.73 -18.98
C LYS J 36 26.30 -39.48 -19.86
N HIS J 37 26.16 -38.33 -19.20
CA HIS J 37 26.29 -37.01 -19.83
C HIS J 37 27.58 -36.40 -19.30
N VAL J 38 28.65 -36.49 -20.07
CA VAL J 38 29.95 -35.98 -19.63
C VAL J 38 30.01 -34.49 -19.95
N LYS J 39 30.10 -33.67 -18.91
CA LYS J 39 30.21 -32.22 -19.07
C LYS J 39 31.68 -31.84 -19.21
N PRO J 40 32.10 -31.26 -20.33
CA PRO J 40 33.52 -30.96 -20.50
C PRO J 40 33.95 -29.79 -19.63
N ASN J 41 35.18 -29.88 -19.12
CA ASN J 41 35.77 -28.79 -18.36
C ASN J 41 36.44 -27.77 -19.24
N PHE J 42 37.00 -28.20 -20.37
CA PHE J 42 37.61 -27.32 -21.37
C PHE J 42 36.94 -27.60 -22.70
N SER J 43 36.37 -26.56 -23.31
CA SER J 43 35.68 -26.74 -24.58
C SER J 43 35.63 -25.40 -25.30
N GLN J 44 35.42 -25.47 -26.62
CA GLN J 44 35.29 -24.28 -27.45
C GLN J 44 33.83 -23.86 -27.65
N THR J 45 32.88 -24.74 -27.38
CA THR J 45 31.47 -24.48 -27.62
C THR J 45 30.74 -24.25 -26.30
N ILE J 46 29.91 -23.21 -26.26
CA ILE J 46 29.09 -22.89 -25.10
C ILE J 46 27.63 -23.05 -25.48
N LEU J 47 26.79 -23.25 -24.46
CA LEU J 47 25.37 -23.48 -24.65
C LEU J 47 24.57 -22.50 -23.79
N CYS J 48 23.57 -21.86 -24.40
CA CYS J 48 22.63 -20.99 -23.71
C CYS J 48 21.24 -21.57 -23.91
N PRO J 49 20.77 -22.45 -23.03
CA PRO J 49 19.49 -23.11 -23.25
C PRO J 49 18.31 -22.16 -23.12
N ASN J 50 17.34 -22.31 -24.02
CA ASN J 50 16.09 -21.56 -24.01
C ASN J 50 16.37 -20.06 -24.00
N MET J 51 17.12 -19.63 -25.01
CA MET J 51 17.47 -18.22 -25.15
C MET J 51 16.69 -17.53 -26.27
N TYR J 52 16.42 -18.24 -27.36
CA TYR J 52 15.66 -17.69 -28.48
C TYR J 52 14.19 -18.02 -28.29
N LYS J 53 13.37 -17.00 -28.06
CA LYS J 53 11.93 -17.14 -27.94
C LYS J 53 11.30 -16.85 -29.30
N ASN J 54 10.98 -17.90 -30.03
CA ASN J 54 10.38 -17.75 -31.36
C ASN J 54 9.00 -17.13 -31.23
N PRO J 55 8.73 -15.99 -31.88
CA PRO J 55 7.40 -15.37 -31.76
C PRO J 55 6.26 -16.25 -32.24
N ILE J 56 6.52 -17.22 -33.11
CA ILE J 56 5.46 -18.10 -33.60
C ILE J 56 4.87 -18.91 -32.46
N HIS J 57 5.66 -19.19 -31.43
CA HIS J 57 5.21 -19.96 -30.27
C HIS J 57 4.78 -19.08 -29.12
N GLU J 58 4.18 -17.93 -29.42
CA GLU J 58 3.75 -16.98 -28.39
C GLU J 58 2.26 -16.70 -28.53
N PRO J 59 1.64 -16.04 -27.53
CA PRO J 59 0.24 -15.63 -27.65
C PRO J 59 -0.17 -15.09 -29.02
N ASN J 60 0.45 -13.99 -29.42
CA ASN J 60 0.16 -13.37 -30.72
C ASN J 60 1.16 -13.83 -31.77
N GLY J 61 1.15 -15.14 -32.02
CA GLY J 61 2.16 -15.79 -32.85
C GLY J 61 1.81 -15.98 -34.31
N LYS J 62 0.66 -15.47 -34.78
CA LYS J 62 0.28 -15.63 -36.18
C LYS J 62 -0.15 -14.30 -36.80
N LYS J 63 0.26 -13.17 -36.21
CA LYS J 63 -0.08 -11.86 -36.74
C LYS J 63 1.00 -11.26 -37.61
N PHE J 64 2.22 -11.81 -37.58
CA PHE J 64 3.34 -11.27 -38.33
C PHE J 64 3.40 -11.88 -39.72
N THR J 65 3.90 -11.08 -40.66
CA THR J 65 4.11 -11.51 -42.03
C THR J 65 5.51 -12.08 -42.20
N GLN J 66 5.81 -12.57 -43.41
CA GLN J 66 7.10 -13.19 -43.66
C GLN J 66 8.24 -12.19 -43.51
N ARG J 67 8.03 -10.93 -43.87
CA ARG J 67 9.06 -9.92 -43.72
C ARG J 67 9.31 -9.60 -42.26
N GLU J 68 8.26 -9.54 -41.44
CA GLU J 68 8.45 -9.22 -40.04
C GLU J 68 9.11 -10.36 -39.28
N LEU J 69 8.78 -11.60 -39.63
CA LEU J 69 9.41 -12.74 -38.96
C LEU J 69 10.89 -12.85 -39.32
N ALA J 70 11.23 -12.52 -40.56
CA ALA J 70 12.64 -12.60 -40.98
C ALA J 70 13.47 -11.50 -40.32
N GLU J 71 12.93 -10.29 -40.23
CA GLU J 71 13.68 -9.19 -39.62
C GLU J 71 13.80 -9.34 -38.12
N GLN J 72 12.82 -9.98 -37.48
CA GLN J 72 12.91 -10.17 -36.03
C GLN J 72 13.98 -11.19 -35.67
N PHE J 73 14.12 -12.26 -36.47
CA PHE J 73 15.17 -13.23 -36.21
C PHE J 73 16.54 -12.66 -36.55
N ASP J 74 16.62 -11.83 -37.60
CA ASP J 74 17.87 -11.17 -37.93
C ASP J 74 18.28 -10.22 -36.82
N ALA J 75 17.31 -9.53 -36.21
CA ALA J 75 17.63 -8.66 -35.08
C ALA J 75 18.10 -9.46 -33.88
N PHE J 76 17.61 -10.69 -33.73
CA PHE J 76 18.07 -11.54 -32.63
C PHE J 76 19.47 -12.09 -32.91
N TYR J 77 19.69 -12.62 -34.11
CA TYR J 77 21.00 -13.17 -34.47
C TYR J 77 22.06 -12.07 -34.46
N GLU J 78 21.70 -10.87 -34.92
CA GLU J 78 22.63 -9.75 -34.83
C GLU J 78 22.93 -9.41 -33.37
N ASP J 79 21.89 -9.44 -32.52
CA ASP J 79 22.08 -9.14 -31.12
C ASP J 79 22.92 -10.21 -30.42
N MET J 80 22.88 -11.45 -30.93
CA MET J 80 23.68 -12.52 -30.35
C MET J 80 25.13 -12.46 -30.82
N PHE J 81 25.34 -12.37 -32.13
CA PHE J 81 26.68 -12.41 -32.69
C PHE J 81 27.51 -11.22 -32.21
N CYS J 82 26.88 -10.04 -32.08
CA CYS J 82 27.63 -8.86 -31.66
C CYS J 82 28.01 -8.93 -30.18
N GLU J 83 27.13 -9.47 -29.35
CA GLU J 83 27.43 -9.55 -27.91
C GLU J 83 28.42 -10.66 -27.60
N PHE J 84 28.32 -11.80 -28.30
CA PHE J 84 29.27 -12.88 -28.07
C PHE J 84 30.66 -12.57 -28.61
N SER J 85 30.79 -11.56 -29.47
CA SER J 85 32.09 -11.22 -30.04
C SER J 85 33.03 -10.57 -29.03
N LYS J 86 32.50 -10.02 -27.94
CA LYS J 86 33.37 -9.41 -26.94
C LYS J 86 34.12 -10.44 -26.11
N TYR J 87 33.79 -11.73 -26.25
CA TYR J 87 34.47 -12.79 -25.53
C TYR J 87 35.49 -13.53 -26.41
N GLY J 88 35.85 -12.95 -27.53
CA GLY J 88 36.79 -13.55 -28.46
C GLY J 88 36.17 -13.77 -29.83
N GLU J 89 36.91 -14.48 -30.68
CA GLU J 89 36.47 -14.72 -32.05
C GLU J 89 35.41 -15.81 -32.06
N VAL J 90 34.31 -15.55 -32.77
CA VAL J 90 33.21 -16.49 -32.91
C VAL J 90 33.31 -17.17 -34.27
N GLU J 91 33.40 -18.50 -34.26
CA GLU J 91 33.50 -19.26 -35.50
C GLU J 91 32.14 -19.61 -36.09
N GLN J 92 31.17 -19.95 -35.25
CA GLN J 92 29.85 -20.33 -35.73
C GLN J 92 28.82 -20.06 -34.64
N LEU J 93 27.64 -19.59 -35.06
CA LEU J 93 26.52 -19.35 -34.16
C LEU J 93 25.30 -20.06 -34.71
N VAL J 94 24.74 -20.98 -33.93
CA VAL J 94 23.61 -21.79 -34.35
C VAL J 94 22.47 -21.58 -33.36
N VAL J 95 21.26 -21.37 -33.89
CA VAL J 95 20.07 -21.17 -33.08
C VAL J 95 19.08 -22.27 -33.43
N CYS J 96 18.61 -23.00 -32.42
CA CYS J 96 17.69 -24.11 -32.61
C CYS J 96 16.24 -23.62 -32.52
N ASP J 97 15.42 -24.09 -33.45
CA ASP J 97 14.00 -23.72 -33.53
C ASP J 97 13.12 -24.91 -33.15
N ASN J 98 13.55 -25.70 -32.16
CA ASN J 98 12.81 -26.87 -31.74
C ASN J 98 11.78 -26.49 -30.66
N VAL J 99 10.94 -27.46 -30.32
CA VAL J 99 9.93 -27.27 -29.28
C VAL J 99 10.15 -28.19 -28.08
N GLY J 100 10.99 -29.21 -28.21
CA GLY J 100 11.29 -30.06 -27.05
C GLY J 100 11.94 -29.25 -25.95
N ASP J 101 11.60 -29.59 -24.70
CA ASP J 101 12.07 -28.82 -23.56
C ASP J 101 13.59 -28.84 -23.40
N HIS J 102 14.29 -29.74 -24.11
CA HIS J 102 15.74 -29.83 -24.01
C HIS J 102 16.47 -29.11 -25.14
N LEU J 103 15.76 -28.67 -26.18
CA LEU J 103 16.41 -28.01 -27.30
C LEU J 103 15.63 -26.79 -27.82
N VAL J 104 14.64 -26.30 -27.08
CA VAL J 104 13.85 -25.17 -27.53
C VAL J 104 14.66 -23.89 -27.34
N GLY J 105 14.91 -23.18 -28.45
CA GLY J 105 15.60 -21.91 -28.38
C GLY J 105 17.02 -21.98 -27.87
N ASN J 106 17.69 -23.12 -28.05
CA ASN J 106 19.07 -23.24 -27.60
C ASN J 106 19.99 -22.45 -28.51
N VAL J 107 21.01 -21.82 -27.92
CA VAL J 107 21.97 -21.00 -28.65
C VAL J 107 23.37 -21.57 -28.40
N TYR J 108 23.99 -22.07 -29.46
CA TYR J 108 25.33 -22.62 -29.42
C TYR J 108 26.31 -21.66 -30.05
N VAL J 109 27.46 -21.47 -29.41
CA VAL J 109 28.51 -20.58 -29.90
C VAL J 109 29.83 -21.32 -29.78
N ARG J 110 30.54 -21.46 -30.90
CA ARG J 110 31.84 -22.12 -30.95
C ARG J 110 32.91 -21.05 -31.15
N PHE J 111 33.80 -20.91 -30.17
CA PHE J 111 34.91 -19.97 -30.27
C PHE J 111 36.12 -20.65 -30.91
N LYS J 112 37.10 -19.83 -31.28
CA LYS J 112 38.32 -20.36 -31.86
C LYS J 112 39.25 -20.91 -30.78
N TYR J 113 39.29 -20.27 -29.62
CA TYR J 113 40.15 -20.68 -28.52
C TYR J 113 39.30 -21.23 -27.38
N GLU J 114 39.87 -22.19 -26.64
CA GLU J 114 39.15 -22.79 -25.52
C GLU J 114 39.02 -21.83 -24.36
N GLU J 115 40.00 -20.95 -24.16
CA GLU J 115 39.92 -19.97 -23.07
C GLU J 115 38.84 -18.93 -23.32
N SER J 116 38.53 -18.64 -24.59
CA SER J 116 37.48 -17.68 -24.89
C SER J 116 36.11 -18.18 -24.44
N ALA J 117 35.88 -19.49 -24.49
CA ALA J 117 34.59 -20.03 -24.08
C ALA J 117 34.43 -20.01 -22.56
N GLN J 118 35.52 -20.21 -21.81
CA GLN J 118 35.43 -20.22 -20.36
C GLN J 118 35.12 -18.84 -19.81
N ASN J 119 35.69 -17.79 -20.42
CA ASN J 119 35.41 -16.43 -19.98
C ASN J 119 33.98 -16.00 -20.29
N ALA J 120 33.33 -16.66 -21.25
CA ALA J 120 31.95 -16.30 -21.59
C ALA J 120 30.96 -16.79 -20.54
N ILE J 121 31.09 -18.05 -20.13
CA ILE J 121 30.15 -18.61 -19.16
C ILE J 121 30.33 -17.96 -17.79
N ASP J 122 31.53 -17.48 -17.49
CA ASP J 122 31.77 -16.82 -16.21
C ASP J 122 31.09 -15.45 -16.14
N ASP J 123 30.81 -14.82 -17.28
CA ASP J 123 30.15 -13.52 -17.31
C ASP J 123 28.68 -13.60 -17.68
N LEU J 124 28.30 -14.54 -18.54
CA LEU J 124 26.90 -14.65 -18.96
C LEU J 124 26.00 -15.12 -17.82
N ASN J 125 26.53 -15.92 -16.90
CA ASN J 125 25.74 -16.42 -15.78
C ASN J 125 25.37 -15.34 -14.78
N SER J 126 25.84 -14.11 -14.96
CA SER J 126 25.48 -12.99 -14.08
C SER J 126 24.78 -11.87 -14.83
N ARG J 127 24.40 -12.08 -16.08
CA ARG J 127 23.74 -11.08 -16.90
C ARG J 127 22.31 -11.48 -17.20
N TRP J 128 21.59 -10.58 -17.87
CA TRP J 128 20.19 -10.80 -18.24
C TRP J 128 20.02 -10.62 -19.73
N TYR J 129 18.92 -11.16 -20.25
CA TYR J 129 18.54 -10.93 -21.65
C TYR J 129 17.05 -11.13 -21.78
N SER J 130 16.35 -10.10 -22.26
CA SER J 130 14.90 -10.15 -22.49
C SER J 130 14.15 -10.56 -21.22
N GLN J 131 14.49 -9.88 -20.11
CA GLN J 131 13.83 -10.07 -18.82
C GLN J 131 13.94 -11.51 -18.32
N ARG J 132 15.06 -12.17 -18.63
CA ARG J 132 15.29 -13.53 -18.20
C ARG J 132 16.77 -13.71 -17.90
N PRO J 133 17.12 -14.39 -16.80
CA PRO J 133 18.54 -14.63 -16.52
C PRO J 133 19.14 -15.60 -17.52
N VAL J 134 20.39 -15.35 -17.89
CA VAL J 134 21.06 -16.12 -18.93
C VAL J 134 21.76 -17.32 -18.30
N TYR J 135 21.43 -18.52 -18.76
CA TYR J 135 22.10 -19.74 -18.34
C TYR J 135 23.19 -20.06 -19.35
N ALA J 136 24.41 -20.26 -18.86
CA ALA J 136 25.55 -20.54 -19.72
C ALA J 136 26.37 -21.70 -19.16
N GLU J 137 26.81 -22.58 -20.05
CA GLU J 137 27.61 -23.72 -19.66
C GLU J 137 28.39 -24.20 -20.89
N LEU J 138 29.48 -24.91 -20.64
CA LEU J 138 30.28 -25.46 -21.72
C LEU J 138 29.58 -26.65 -22.34
N SER J 139 29.60 -26.72 -23.67
CA SER J 139 28.93 -27.79 -24.38
C SER J 139 29.94 -28.66 -25.11
N PRO J 140 29.77 -29.99 -25.09
CA PRO J 140 30.70 -30.88 -25.78
C PRO J 140 30.50 -30.96 -27.28
N VAL J 141 29.67 -30.10 -27.87
CA VAL J 141 29.43 -30.14 -29.31
C VAL J 141 30.67 -29.63 -30.03
N THR J 142 31.16 -30.42 -30.99
CA THR J 142 32.31 -30.06 -31.80
C THR J 142 31.91 -29.83 -33.26
N ASP J 143 31.32 -30.84 -33.90
CA ASP J 143 30.88 -30.74 -35.28
C ASP J 143 29.37 -30.58 -35.31
N PHE J 144 28.89 -29.47 -35.87
CA PHE J 144 27.46 -29.23 -35.96
C PHE J 144 26.79 -30.11 -37.02
N ARG J 145 27.57 -30.64 -37.97
CA ARG J 145 26.99 -31.53 -38.97
C ARG J 145 26.51 -32.83 -38.34
N GLU J 146 27.20 -33.32 -37.32
CA GLU J 146 26.78 -34.51 -36.60
C GLU J 146 25.63 -34.25 -35.64
N ALA J 147 25.20 -33.00 -35.50
CA ALA J 147 24.12 -32.63 -34.59
C ALA J 147 22.87 -32.14 -35.30
N CYS J 148 22.98 -31.67 -36.53
CA CYS J 148 21.83 -31.17 -37.27
C CYS J 148 21.00 -32.33 -37.82
N CYS J 149 19.71 -32.06 -38.04
CA CYS J 149 18.80 -33.06 -38.58
C CYS J 149 19.03 -33.21 -40.08
N ARG J 150 19.21 -34.46 -40.52
CA ARG J 150 19.45 -34.70 -41.95
C ARG J 150 18.18 -34.50 -42.78
N GLN J 151 17.02 -34.85 -42.23
CA GLN J 151 15.77 -34.69 -42.94
C GLN J 151 15.23 -33.26 -42.92
N HIS J 152 15.92 -32.32 -42.26
CA HIS J 152 15.48 -30.94 -42.24
C HIS J 152 16.12 -30.13 -43.36
N GLU J 153 17.32 -30.52 -43.78
CA GLU J 153 17.95 -29.87 -44.93
C GLU J 153 17.16 -30.15 -46.20
N THR J 154 16.62 -31.36 -46.31
CA THR J 154 15.78 -31.79 -47.43
C THR J 154 14.34 -31.58 -47.00
N SER J 155 13.85 -30.35 -47.22
CA SER J 155 12.50 -29.90 -46.86
C SER J 155 12.30 -29.92 -45.35
N GLU J 156 11.53 -30.86 -44.83
CA GLU J 156 11.26 -30.88 -43.39
C GLU J 156 11.37 -32.28 -42.83
N CYS J 157 11.70 -32.35 -41.54
CA CYS J 157 11.78 -33.61 -40.82
C CYS J 157 10.39 -34.13 -40.51
N GLN J 158 10.15 -35.41 -40.79
CA GLN J 158 8.82 -35.98 -40.59
C GLN J 158 8.39 -35.98 -39.13
N ARG J 159 9.35 -35.84 -38.21
CA ARG J 159 9.05 -35.78 -36.79
C ARG J 159 8.58 -34.40 -36.35
N GLY J 160 8.75 -33.39 -37.20
CA GLY J 160 8.31 -32.04 -36.87
C GLY J 160 9.22 -31.36 -35.86
N GLY J 161 8.63 -30.45 -35.09
CA GLY J 161 9.39 -29.70 -34.10
C GLY J 161 9.85 -30.54 -32.92
N LEU J 162 9.28 -31.73 -32.75
CA LEU J 162 9.66 -32.61 -31.65
C LEU J 162 10.90 -33.44 -31.98
N CYS J 163 11.65 -33.06 -33.01
CA CYS J 163 12.87 -33.78 -33.37
C CYS J 163 13.94 -33.60 -32.30
N ASN J 164 14.66 -34.68 -32.01
CA ASN J 164 15.75 -34.64 -31.04
C ASN J 164 17.05 -34.09 -31.61
N PHE J 165 17.09 -33.82 -32.91
CA PHE J 165 18.25 -33.23 -33.56
C PHE J 165 18.03 -31.74 -33.79
N MET J 166 19.11 -31.04 -34.08
CA MET J 166 19.06 -29.59 -34.22
C MET J 166 18.31 -29.19 -35.49
N HIS J 167 17.24 -28.42 -35.31
CA HIS J 167 16.56 -27.76 -36.44
C HIS J 167 17.06 -26.33 -36.48
N ALA J 168 18.27 -26.16 -37.01
CA ALA J 168 18.92 -24.85 -37.00
C ALA J 168 18.16 -23.87 -37.88
N LYS J 169 17.85 -22.71 -37.32
CA LYS J 169 17.20 -21.63 -38.05
C LYS J 169 18.27 -20.72 -38.62
N LYS J 170 18.42 -20.74 -39.94
CA LYS J 170 19.48 -19.95 -40.57
C LYS J 170 19.00 -18.52 -40.78
N PRO J 171 19.86 -17.53 -40.53
CA PRO J 171 19.46 -16.13 -40.77
C PRO J 171 19.53 -15.77 -42.23
N SER J 172 19.37 -14.49 -42.53
CA SER J 172 19.54 -14.03 -43.90
C SER J 172 21.01 -14.07 -44.27
N PRO J 173 21.35 -14.44 -45.50
CA PRO J 173 22.77 -14.45 -45.90
C PRO J 173 23.40 -13.07 -45.85
N GLN J 174 22.61 -12.01 -45.95
CA GLN J 174 23.16 -10.66 -45.87
C GLN J 174 23.71 -10.37 -44.47
N LEU J 175 23.00 -10.80 -43.43
CA LEU J 175 23.45 -10.55 -42.07
C LEU J 175 24.67 -11.40 -41.73
N LEU J 176 24.68 -12.66 -42.15
CA LEU J 176 25.81 -13.54 -41.84
C LEU J 176 27.08 -13.05 -42.51
N ARG J 177 26.97 -12.54 -43.75
CA ARG J 177 28.14 -12.02 -44.44
C ARG J 177 28.61 -10.70 -43.83
N ASP J 178 27.68 -9.83 -43.45
CA ASP J 178 28.08 -8.57 -42.83
C ASP J 178 28.69 -8.78 -41.45
N LEU J 179 28.33 -9.87 -40.77
CA LEU J 179 28.88 -10.14 -39.45
C LEU J 179 30.29 -10.73 -39.52
N VAL J 180 30.55 -11.61 -40.48
CA VAL J 180 31.89 -12.20 -40.59
C VAL J 180 32.88 -11.15 -41.08
N LEU J 181 32.46 -10.29 -42.02
CA LEU J 181 33.35 -9.22 -42.47
C LEU J 181 33.62 -8.23 -41.36
N ALA J 182 32.61 -7.96 -40.52
CA ALA J 182 32.80 -7.05 -39.39
C ALA J 182 33.69 -7.65 -38.31
N GLN J 183 33.61 -8.97 -38.11
CA GLN J 183 34.46 -9.61 -37.11
C GLN J 183 35.92 -9.61 -37.54
N ARG J 184 36.18 -9.87 -38.83
CA ARG J 184 37.56 -9.80 -39.32
C ARG J 184 38.09 -8.37 -39.25
N LYS J 185 37.22 -7.37 -39.41
CA LYS J 185 37.65 -5.99 -39.28
C LYS J 185 37.97 -5.65 -37.82
N TYR J 186 37.17 -6.16 -36.88
CA TYR J 186 37.46 -5.94 -35.47
C TYR J 186 38.74 -6.64 -35.04
N LEU J 187 39.00 -7.82 -35.60
CA LEU J 187 40.21 -8.56 -35.23
C LEU J 187 41.45 -7.98 -35.91
N ALA J 188 41.32 -7.48 -37.14
CA ALA J 188 42.45 -6.84 -37.79
C ALA J 188 42.79 -5.51 -37.13
N LEU J 189 41.77 -4.78 -36.67
CA LEU J 189 42.02 -3.54 -35.94
C LEU J 189 42.64 -3.81 -34.58
N ASN J 190 42.21 -4.88 -33.92
CA ASN J 190 42.84 -5.31 -32.67
C ASN J 190 44.02 -6.23 -32.94
N ALA J 191 44.88 -5.79 -33.85
CA ALA J 191 46.12 -6.50 -34.17
C ALA J 191 47.29 -5.56 -34.50
N ALA J 192 47.03 -4.38 -35.05
CA ALA J 192 48.09 -3.39 -35.27
C ALA J 192 48.46 -2.65 -33.99
N GLU J 193 47.70 -2.84 -32.91
CA GLU J 193 48.01 -2.27 -31.61
C GLU J 193 49.10 -3.05 -30.88
N GLU J 194 49.72 -4.02 -31.54
CA GLU J 194 50.76 -4.83 -30.92
C GLU J 194 52.11 -4.58 -31.59
N SER K 16 54.27 -9.74 -41.55
CA SER K 16 53.14 -9.88 -40.64
C SER K 16 52.41 -8.55 -40.47
N VAL K 17 53.18 -7.46 -40.50
CA VAL K 17 52.58 -6.14 -40.35
C VAL K 17 51.94 -5.67 -41.66
N ARG K 18 52.50 -6.07 -42.80
CA ARG K 18 51.95 -5.67 -44.08
C ARG K 18 50.68 -6.41 -44.43
N SER K 19 50.54 -7.67 -44.00
CA SER K 19 49.36 -8.45 -44.30
C SER K 19 48.12 -7.97 -43.55
N ILE K 20 48.28 -7.13 -42.54
CA ILE K 20 47.14 -6.60 -41.81
C ILE K 20 46.60 -5.34 -42.47
N GLU K 21 47.49 -4.42 -42.86
CA GLU K 21 47.07 -3.18 -43.48
C GLU K 21 46.45 -3.41 -44.86
N GLN K 22 46.78 -4.53 -45.53
CA GLN K 22 46.17 -4.85 -46.80
C GLN K 22 44.72 -5.27 -46.67
N GLU K 23 44.31 -5.72 -45.48
CA GLU K 23 42.92 -6.12 -45.27
C GLU K 23 42.03 -4.94 -44.95
N LEU K 24 42.57 -3.91 -44.28
CA LEU K 24 41.75 -2.73 -43.97
C LEU K 24 41.36 -1.99 -45.25
N GLU K 25 42.25 -1.92 -46.23
CA GLU K 25 41.89 -1.28 -47.49
C GLU K 25 40.85 -2.09 -48.24
N GLN K 26 40.87 -3.42 -48.09
CA GLN K 26 39.84 -4.25 -48.69
C GLN K 26 38.52 -4.09 -47.94
N LEU K 27 38.58 -4.07 -46.61
CA LEU K 27 37.40 -3.91 -45.78
C LEU K 27 37.25 -2.44 -45.36
N ARG K 28 37.10 -1.57 -46.35
CA ARG K 28 36.91 -0.15 -46.09
C ARG K 28 35.44 0.23 -45.93
N ASP K 29 34.52 -0.59 -46.42
CA ASP K 29 33.09 -0.29 -46.33
C ASP K 29 32.37 -1.18 -45.34
N VAL K 30 33.09 -1.75 -44.37
CA VAL K 30 32.51 -2.56 -43.32
C VAL K 30 32.76 -1.89 -41.97
N THR K 31 31.73 -1.81 -41.16
CA THR K 31 31.88 -1.27 -39.81
C THR K 31 32.40 -2.36 -38.87
N PRO K 32 33.39 -2.06 -38.03
CA PRO K 32 33.86 -3.08 -37.08
C PRO K 32 32.78 -3.42 -36.07
N ILE K 33 32.88 -4.64 -35.53
CA ILE K 33 31.81 -5.17 -34.69
C ILE K 33 31.68 -4.40 -33.38
N ASN K 34 32.76 -3.78 -32.90
CA ASN K 34 32.69 -3.06 -31.64
C ASN K 34 32.01 -1.70 -31.77
N GLN K 35 31.66 -1.28 -32.99
CA GLN K 35 31.00 0.00 -33.23
C GLN K 35 29.68 -0.18 -33.97
N TRP K 36 29.08 -1.37 -33.91
CA TRP K 36 27.79 -1.60 -34.53
C TRP K 36 26.69 -0.95 -33.72
N LYS K 37 25.86 -0.14 -34.38
CA LYS K 37 24.74 0.53 -33.72
C LYS K 37 23.61 -0.49 -33.62
N ARG K 38 23.60 -1.24 -32.52
CA ARG K 38 22.61 -2.29 -32.31
C ARG K 38 21.26 -1.66 -31.99
N LYS K 39 20.33 -1.74 -32.93
CA LYS K 39 19.00 -1.18 -32.76
C LYS K 39 18.14 -2.15 -31.94
N ARG K 40 17.60 -1.68 -30.82
CA ARG K 40 16.76 -2.48 -29.93
C ARG K 40 17.50 -3.73 -29.44
N SER K 41 18.44 -3.49 -28.52
CA SER K 41 19.19 -4.58 -27.91
C SER K 41 18.50 -5.00 -26.63
N LEU K 42 18.24 -6.31 -26.49
CA LEU K 42 17.54 -6.86 -25.34
C LEU K 42 18.47 -7.39 -24.26
N TRP K 43 19.76 -7.05 -24.34
CA TRP K 43 20.71 -7.52 -23.33
C TRP K 43 20.61 -6.68 -22.07
N ASP K 44 20.84 -7.34 -20.93
CA ASP K 44 20.82 -6.74 -19.60
C ASP K 44 19.48 -6.13 -19.22
N ILE K 45 18.42 -6.43 -19.98
CA ILE K 45 17.09 -5.93 -19.68
C ILE K 45 16.47 -6.84 -18.63
N LYS K 46 16.15 -6.27 -17.47
CA LYS K 46 15.57 -7.03 -16.38
C LYS K 46 14.05 -6.84 -16.34
N PRO K 47 13.31 -7.84 -15.85
CA PRO K 47 11.85 -7.71 -15.75
C PRO K 47 11.48 -6.63 -14.75
N PRO K 48 10.25 -6.11 -14.82
CA PRO K 48 9.86 -5.03 -13.90
C PRO K 48 9.90 -5.51 -12.46
N GLY K 49 10.60 -4.75 -11.62
CA GLY K 49 10.77 -5.05 -10.22
C GLY K 49 12.08 -5.72 -9.88
N TYR K 50 12.71 -6.39 -10.85
CA TYR K 50 13.93 -7.14 -10.61
C TYR K 50 15.20 -6.32 -10.87
N GLU K 51 15.16 -5.00 -10.64
CA GLU K 51 16.32 -4.16 -10.91
C GLU K 51 17.44 -4.37 -9.89
N LEU K 52 17.11 -4.72 -8.65
CA LEU K 52 18.12 -4.84 -7.61
C LEU K 52 18.56 -6.28 -7.34
N VAL K 53 17.92 -7.26 -7.96
CA VAL K 53 18.29 -8.66 -7.81
C VAL K 53 19.20 -9.05 -8.96
N THR K 54 20.32 -9.69 -8.66
CA THR K 54 21.23 -10.11 -9.70
C THR K 54 20.70 -11.35 -10.41
N ALA K 55 21.32 -11.68 -11.55
CA ALA K 55 20.89 -12.84 -12.32
C ALA K 55 21.11 -14.15 -11.58
N ASP K 56 22.15 -14.21 -10.74
CA ASP K 56 22.42 -15.42 -9.99
C ASP K 56 21.37 -15.62 -8.90
N GLN K 57 20.94 -14.54 -8.25
CA GLN K 57 19.92 -14.64 -7.21
C GLN K 57 18.56 -15.02 -7.80
N ALA K 58 18.31 -14.67 -9.06
CA ALA K 58 17.05 -14.99 -9.70
C ALA K 58 16.94 -16.46 -10.09
N LYS K 59 18.07 -17.09 -10.45
CA LYS K 59 18.03 -18.50 -10.83
C LYS K 59 17.77 -19.39 -9.63
N MET K 60 18.30 -19.02 -8.47
CA MET K 60 18.12 -19.81 -7.26
C MET K 60 16.74 -19.64 -6.65
N SER K 61 16.03 -18.55 -6.98
CA SER K 61 14.71 -18.32 -6.43
C SER K 61 13.66 -19.25 -7.04
N GLY K 62 13.94 -19.80 -8.22
CA GLY K 62 13.00 -20.69 -8.89
C GLY K 62 11.94 -20.01 -9.71
N VAL K 63 11.95 -18.67 -9.79
CA VAL K 63 10.95 -17.98 -10.59
C VAL K 63 11.27 -18.01 -12.07
N PHE K 64 12.52 -18.30 -12.45
CA PHE K 64 12.94 -18.39 -13.85
C PHE K 64 13.55 -19.75 -14.12
N PRO K 65 12.72 -20.79 -14.26
CA PRO K 65 13.25 -22.12 -14.55
C PRO K 65 13.31 -22.42 -16.04
N LEU K 66 14.17 -23.36 -16.38
CA LEU K 66 14.31 -23.83 -17.75
C LEU K 66 13.17 -24.77 -18.10
N PRO K 67 12.85 -24.92 -19.39
CA PRO K 67 11.76 -25.82 -19.78
C PRO K 67 12.02 -27.24 -19.30
N GLY K 68 11.12 -27.73 -18.45
CA GLY K 68 11.35 -28.96 -17.73
C GLY K 68 11.92 -28.69 -16.36
N ALA K 69 11.23 -27.85 -15.60
CA ALA K 69 11.70 -27.40 -14.29
C ALA K 69 11.92 -28.56 -13.32
N VAL M 16 -40.48 39.39 11.85
CA VAL M 16 -39.99 38.65 10.69
C VAL M 16 -39.08 37.50 11.14
N ASN M 17 -39.56 36.74 12.11
CA ASN M 17 -38.86 35.54 12.58
C ASN M 17 -39.16 34.38 11.65
N CYS M 18 -38.18 33.51 11.46
CA CYS M 18 -38.35 32.37 10.58
C CYS M 18 -39.23 31.32 11.24
N SER M 19 -40.40 31.07 10.64
CA SER M 19 -41.35 30.11 11.19
C SER M 19 -40.87 28.68 11.03
N PHE M 20 -40.19 28.39 9.91
CA PHE M 20 -39.80 27.01 9.63
C PHE M 20 -38.74 26.50 10.61
N TYR M 21 -37.86 27.37 11.08
CA TYR M 21 -36.89 26.92 12.08
C TYR M 21 -37.53 26.80 13.46
N TYR M 22 -38.54 27.61 13.75
CA TYR M 22 -39.21 27.53 15.04
C TYR M 22 -40.15 26.34 15.12
N LYS M 23 -40.68 25.89 13.98
CA LYS M 23 -41.63 24.78 13.93
C LYS M 23 -40.96 23.46 13.55
N ILE M 24 -40.16 23.46 12.50
CA ILE M 24 -39.54 22.22 12.02
C ILE M 24 -38.15 22.00 12.61
N GLY M 25 -37.49 23.04 13.10
CA GLY M 25 -36.16 22.91 13.63
C GLY M 25 -35.05 22.92 12.61
N ALA M 26 -35.37 23.21 11.35
CA ALA M 26 -34.37 23.24 10.29
C ALA M 26 -34.92 24.03 9.11
N CYS M 27 -34.14 24.98 8.60
CA CYS M 27 -34.52 25.79 7.46
C CYS M 27 -33.65 25.44 6.25
N ARG M 28 -34.22 25.56 5.06
CA ARG M 28 -33.52 25.20 3.84
C ARG M 28 -32.33 26.11 3.55
N HIS M 29 -32.32 27.33 4.09
CA HIS M 29 -31.23 28.26 3.84
C HIS M 29 -30.11 28.13 4.86
N GLY M 30 -30.41 27.66 6.06
CA GLY M 30 -29.36 27.46 7.05
C GLY M 30 -28.84 28.78 7.58
N GLU M 31 -27.51 28.91 7.62
CA GLU M 31 -26.88 30.12 8.15
C GLU M 31 -26.97 31.29 7.18
N ARG M 32 -27.39 31.06 5.94
CA ARG M 32 -27.54 32.13 4.96
C ARG M 32 -28.96 32.68 4.91
N CYS M 33 -29.83 32.28 5.83
CA CYS M 33 -31.21 32.74 5.82
C CYS M 33 -31.30 34.21 6.17
N SER M 34 -32.26 34.89 5.54
CA SER M 34 -32.49 36.31 5.79
C SER M 34 -33.18 36.56 7.13
N ARG M 35 -33.84 35.56 7.68
CA ARG M 35 -34.51 35.68 8.96
C ARG M 35 -33.67 35.05 10.05
N LYS M 36 -33.96 35.42 11.29
CA LYS M 36 -33.12 35.03 12.42
C LYS M 36 -33.40 33.59 12.82
N HIS M 37 -32.33 32.83 13.07
CA HIS M 37 -32.44 31.48 13.62
C HIS M 37 -31.93 31.51 15.06
N VAL M 38 -32.87 31.63 16.00
CA VAL M 38 -32.53 31.70 17.41
C VAL M 38 -32.43 30.28 17.96
N LYS M 39 -31.24 29.91 18.44
CA LYS M 39 -31.04 28.58 19.02
C LYS M 39 -31.40 28.62 20.49
N PRO M 40 -32.38 27.84 20.94
CA PRO M 40 -32.80 27.92 22.34
C PRO M 40 -31.77 27.32 23.28
N ASN M 41 -31.65 27.93 24.46
CA ASN M 41 -30.74 27.44 25.48
C ASN M 41 -31.36 26.36 26.36
N PHE M 42 -32.67 26.41 26.59
CA PHE M 42 -33.38 25.40 27.36
C PHE M 42 -34.51 24.83 26.51
N SER M 43 -34.50 23.51 26.34
CA SER M 43 -35.51 22.84 25.53
C SER M 43 -35.58 21.37 25.95
N GLN M 44 -36.73 20.76 25.66
CA GLN M 44 -36.93 19.34 25.92
C GLN M 44 -36.64 18.46 24.70
N THR M 45 -36.56 19.05 23.51
CA THR M 45 -36.37 18.30 22.28
C THR M 45 -34.95 18.54 21.76
N ILE M 46 -34.30 17.45 21.35
CA ILE M 46 -32.95 17.51 20.80
C ILE M 46 -33.00 17.10 19.33
N LEU M 47 -31.99 17.54 18.59
CA LEU M 47 -31.90 17.28 17.16
C LEU M 47 -30.54 16.68 16.83
N CYS M 48 -30.54 15.60 16.06
CA CYS M 48 -29.33 14.98 15.54
C CYS M 48 -29.41 15.03 14.03
N PRO M 49 -28.92 16.10 13.40
CA PRO M 49 -29.07 16.24 11.95
C PRO M 49 -28.22 15.22 11.21
N ASN M 50 -28.79 14.66 10.15
CA ASN M 50 -28.12 13.69 9.27
C ASN M 50 -27.60 12.51 10.09
N MET M 51 -28.52 11.88 10.82
CA MET M 51 -28.22 10.73 11.67
C MET M 51 -28.71 9.42 11.06
N TYR M 52 -29.85 9.42 10.39
CA TYR M 52 -30.40 8.22 9.77
C TYR M 52 -29.94 8.17 8.31
N LYS M 53 -29.09 7.19 7.99
CA LYS M 53 -28.63 6.96 6.63
C LYS M 53 -29.52 5.90 6.02
N ASN M 54 -30.49 6.35 5.23
CA ASN M 54 -31.46 5.44 4.60
C ASN M 54 -30.76 4.54 3.60
N PRO M 55 -30.87 3.21 3.73
CA PRO M 55 -30.16 2.32 2.79
C PRO M 55 -30.56 2.49 1.34
N ILE M 56 -31.76 3.00 1.05
CA ILE M 56 -32.15 3.21 -0.35
C ILE M 56 -31.24 4.24 -1.01
N HIS M 57 -30.69 5.16 -0.23
CA HIS M 57 -29.77 6.18 -0.73
C HIS M 57 -28.31 5.76 -0.57
N GLU M 58 -28.02 4.47 -0.69
CA GLU M 58 -26.69 3.93 -0.53
C GLU M 58 -26.36 3.04 -1.73
N PRO M 59 -25.06 2.82 -1.99
CA PRO M 59 -24.70 1.95 -3.12
C PRO M 59 -25.27 0.54 -3.02
N ASN M 60 -25.48 0.04 -1.81
CA ASN M 60 -26.14 -1.25 -1.61
C ASN M 60 -27.65 -1.12 -1.55
N GLY M 61 -28.21 -0.24 -2.38
CA GLY M 61 -29.61 0.12 -2.31
C GLY M 61 -30.56 -0.67 -3.20
N LYS M 62 -30.05 -1.57 -4.03
CA LYS M 62 -30.92 -2.38 -4.87
C LYS M 62 -30.80 -3.87 -4.56
N LYS M 63 -30.23 -4.21 -3.40
CA LYS M 63 -30.09 -5.60 -2.99
C LYS M 63 -31.16 -6.04 -2.00
N PHE M 64 -31.80 -5.09 -1.33
CA PHE M 64 -32.77 -5.40 -0.30
C PHE M 64 -34.19 -5.43 -0.85
N THR M 65 -35.02 -6.29 -0.25
CA THR M 65 -36.43 -6.36 -0.59
C THR M 65 -37.22 -5.43 0.34
N GLN M 66 -38.53 -5.31 0.06
CA GLN M 66 -39.35 -4.39 0.85
C GLN M 66 -39.44 -4.83 2.30
N ARG M 67 -39.50 -6.15 2.54
CA ARG M 67 -39.54 -6.64 3.92
C ARG M 67 -38.19 -6.44 4.60
N GLU M 68 -37.09 -6.62 3.87
CA GLU M 68 -35.76 -6.46 4.45
C GLU M 68 -35.49 -5.01 4.82
N LEU M 69 -35.97 -4.07 4.01
CA LEU M 69 -35.79 -2.65 4.32
C LEU M 69 -36.58 -2.25 5.56
N ALA M 70 -37.74 -2.87 5.77
CA ALA M 70 -38.54 -2.54 6.95
C ALA M 70 -37.87 -3.05 8.22
N GLU M 71 -37.28 -4.24 8.18
CA GLU M 71 -36.61 -4.77 9.36
C GLU M 71 -35.34 -4.01 9.69
N GLN M 72 -34.69 -3.43 8.68
CA GLN M 72 -33.48 -2.66 8.93
C GLN M 72 -33.80 -1.34 9.63
N PHE M 73 -34.91 -0.71 9.26
CA PHE M 73 -35.31 0.53 9.93
C PHE M 73 -35.79 0.27 11.34
N ASP M 74 -36.47 -0.85 11.57
CA ASP M 74 -36.88 -1.20 12.93
C ASP M 74 -35.67 -1.42 13.83
N ALA M 75 -34.60 -2.00 13.28
CA ALA M 75 -33.38 -2.16 14.04
C ALA M 75 -32.74 -0.80 14.36
N PHE M 76 -32.93 0.19 13.49
CA PHE M 76 -32.40 1.52 13.74
C PHE M 76 -33.20 2.24 14.81
N TYR M 77 -34.54 2.23 14.68
CA TYR M 77 -35.38 2.89 15.66
C TYR M 77 -35.25 2.22 17.02
N GLU M 78 -35.11 0.90 17.05
CA GLU M 78 -34.84 0.20 18.31
C GLU M 78 -33.50 0.62 18.87
N ASP M 79 -32.48 0.76 18.02
CA ASP M 79 -31.16 1.17 18.47
C ASP M 79 -31.16 2.62 18.95
N MET M 80 -32.06 3.44 18.42
CA MET M 80 -32.13 4.84 18.84
C MET M 80 -32.88 4.99 20.16
N PHE M 81 -34.09 4.43 20.23
CA PHE M 81 -34.93 4.60 21.42
C PHE M 81 -34.26 4.04 22.67
N CYS M 82 -33.55 2.91 22.53
CA CYS M 82 -32.92 2.30 23.69
C CYS M 82 -31.73 3.12 24.18
N GLU M 83 -30.95 3.70 23.25
CA GLU M 83 -29.79 4.49 23.65
C GLU M 83 -30.19 5.85 24.20
N PHE M 84 -31.22 6.47 23.61
CA PHE M 84 -31.68 7.75 24.11
C PHE M 84 -32.38 7.62 25.46
N SER M 85 -32.80 6.41 25.84
CA SER M 85 -33.48 6.21 27.11
C SER M 85 -32.52 6.33 28.28
N LYS M 86 -31.21 6.19 28.04
CA LYS M 86 -30.23 6.31 29.12
C LYS M 86 -30.05 7.74 29.60
N TYR M 87 -30.60 8.72 28.88
CA TYR M 87 -30.52 10.12 29.27
C TYR M 87 -31.82 10.63 29.89
N GLY M 88 -32.70 9.73 30.28
CA GLY M 88 -33.99 10.10 30.85
C GLY M 88 -35.13 9.54 30.04
N GLU M 89 -36.34 10.00 30.37
CA GLU M 89 -37.55 9.52 29.72
C GLU M 89 -37.69 10.14 28.34
N VAL M 90 -37.95 9.30 27.34
CA VAL M 90 -38.15 9.73 25.95
C VAL M 90 -39.64 9.71 25.67
N GLU M 91 -40.18 10.87 25.27
CA GLU M 91 -41.62 10.97 24.98
C GLU M 91 -41.94 10.62 23.54
N GLN M 92 -41.11 11.04 22.59
CA GLN M 92 -41.37 10.77 21.17
C GLN M 92 -40.07 10.78 20.39
N LEU M 93 -39.97 9.90 19.41
CA LEU M 93 -38.82 9.79 18.54
C LEU M 93 -39.29 9.85 17.09
N VAL M 94 -38.79 10.84 16.35
CA VAL M 94 -39.19 11.08 14.97
C VAL M 94 -37.95 11.03 14.10
N VAL M 95 -38.03 10.28 13.00
CA VAL M 95 -36.95 10.15 12.03
C VAL M 95 -37.45 10.63 10.67
N CYS M 96 -36.73 11.57 10.07
CA CYS M 96 -37.13 12.15 8.80
C CYS M 96 -36.54 11.36 7.64
N ASP M 97 -37.38 11.09 6.64
CA ASP M 97 -36.97 10.36 5.45
C ASP M 97 -36.96 11.27 4.22
N ASN M 98 -36.58 12.53 4.42
CA ASN M 98 -36.54 13.52 3.36
C ASN M 98 -35.18 13.52 2.66
N VAL M 99 -35.08 14.31 1.59
CA VAL M 99 -33.85 14.45 0.84
C VAL M 99 -33.28 15.86 0.89
N GLY M 100 -34.05 16.86 1.35
CA GLY M 100 -33.50 18.20 1.46
C GLY M 100 -32.31 18.24 2.39
N ASP M 101 -31.32 19.06 2.04
CA ASP M 101 -30.06 19.09 2.77
C ASP M 101 -30.21 19.58 4.21
N HIS M 102 -31.33 20.23 4.53
CA HIS M 102 -31.51 20.82 5.86
C HIS M 102 -32.08 19.87 6.89
N LEU M 103 -32.75 18.79 6.45
CA LEU M 103 -33.39 17.88 7.40
C LEU M 103 -33.32 16.42 6.95
N VAL M 104 -32.42 16.07 6.04
CA VAL M 104 -32.34 14.70 5.54
C VAL M 104 -31.78 13.81 6.64
N GLY M 105 -32.54 12.78 7.00
CA GLY M 105 -32.12 11.84 8.02
C GLY M 105 -31.98 12.45 9.40
N ASN M 106 -32.70 13.54 9.66
CA ASN M 106 -32.65 14.16 10.98
C ASN M 106 -33.42 13.31 11.98
N VAL M 107 -32.92 13.26 13.22
CA VAL M 107 -33.51 12.47 14.28
C VAL M 107 -33.86 13.41 15.43
N TYR M 108 -35.16 13.53 15.72
CA TYR M 108 -35.66 14.36 16.79
C TYR M 108 -36.07 13.50 17.96
N VAL M 109 -35.69 13.91 19.17
CA VAL M 109 -36.02 13.20 20.40
C VAL M 109 -36.52 14.22 21.41
N ARG M 110 -37.72 14.01 21.92
CA ARG M 110 -38.34 14.89 22.90
C ARG M 110 -38.30 14.20 24.26
N PHE M 111 -37.59 14.81 25.21
CA PHE M 111 -37.54 14.29 26.57
C PHE M 111 -38.67 14.90 27.40
N LYS M 112 -38.89 14.31 28.58
CA LYS M 112 -39.92 14.82 29.47
C LYS M 112 -39.43 16.03 30.25
N TYR M 113 -38.15 16.03 30.65
CA TYR M 113 -37.56 17.10 31.42
C TYR M 113 -36.51 17.83 30.60
N GLU M 114 -36.33 19.12 30.90
CA GLU M 114 -35.34 19.91 30.17
C GLU M 114 -33.92 19.51 30.54
N GLU M 115 -33.70 19.04 31.76
CA GLU M 115 -32.37 18.60 32.15
C GLU M 115 -31.95 17.33 31.42
N SER M 116 -32.92 16.48 31.04
CA SER M 116 -32.59 15.28 30.29
C SER M 116 -32.03 15.61 28.92
N ALA M 117 -32.49 16.70 28.30
CA ALA M 117 -32.00 17.08 26.99
C ALA M 117 -30.62 17.70 27.04
N GLN M 118 -30.32 18.46 28.10
CA GLN M 118 -29.01 19.10 28.21
C GLN M 118 -27.91 18.07 28.45
N ASN M 119 -28.19 17.05 29.27
CA ASN M 119 -27.20 16.01 29.51
C ASN M 119 -26.97 15.14 28.28
N ALA M 120 -27.91 15.10 27.34
CA ALA M 120 -27.74 14.29 26.14
C ALA M 120 -26.78 14.93 25.16
N ILE M 121 -26.94 16.22 24.89
CA ILE M 121 -26.08 16.90 23.92
C ILE M 121 -24.65 17.01 24.43
N ASP M 122 -24.46 17.04 25.75
CA ASP M 122 -23.11 17.10 26.30
C ASP M 122 -22.36 15.78 26.14
N ASP M 123 -23.09 14.67 26.01
CA ASP M 123 -22.47 13.36 25.84
C ASP M 123 -22.50 12.85 24.41
N LEU M 124 -23.57 13.16 23.66
CA LEU M 124 -23.67 12.68 22.29
C LEU M 124 -22.66 13.37 21.38
N ASN M 125 -22.31 14.62 21.66
CA ASN M 125 -21.35 15.35 20.84
C ASN M 125 -19.92 14.83 20.96
N SER M 126 -19.68 13.85 21.84
CA SER M 126 -18.36 13.25 21.98
C SER M 126 -18.36 11.76 21.65
N ARG M 127 -19.45 11.24 21.10
CA ARG M 127 -19.59 9.83 20.76
C ARG M 127 -19.64 9.66 19.25
N TRP M 128 -19.69 8.40 18.82
CA TRP M 128 -19.74 8.05 17.41
C TRP M 128 -20.93 7.14 17.16
N TYR M 129 -21.31 7.03 15.89
CA TYR M 129 -22.36 6.09 15.47
C TYR M 129 -22.14 5.75 14.00
N SER M 130 -21.95 4.46 13.72
CA SER M 130 -21.77 3.97 12.35
C SER M 130 -20.61 4.67 11.65
N GLN M 131 -19.48 4.74 12.34
CA GLN M 131 -18.24 5.31 11.81
C GLN M 131 -18.41 6.79 11.45
N ARG M 132 -19.23 7.52 12.21
CA ARG M 132 -19.48 8.93 11.97
C ARG M 132 -19.67 9.66 13.29
N PRO M 133 -19.08 10.84 13.44
CA PRO M 133 -19.29 11.61 14.68
C PRO M 133 -20.72 12.12 14.78
N VAL M 134 -21.25 12.12 16.00
CA VAL M 134 -22.65 12.47 16.23
C VAL M 134 -22.74 13.97 16.49
N TYR M 135 -23.55 14.65 15.69
CA TYR M 135 -23.88 16.06 15.90
C TYR M 135 -25.18 16.16 16.68
N ALA M 136 -25.16 16.91 17.78
CA ALA M 136 -26.32 17.05 18.64
C ALA M 136 -26.50 18.52 19.02
N GLU M 137 -27.75 18.97 19.01
CA GLU M 137 -28.07 20.35 19.38
C GLU M 137 -29.53 20.40 19.82
N LEU M 138 -29.85 21.43 20.60
CA LEU M 138 -31.21 21.62 21.07
C LEU M 138 -32.09 22.15 19.95
N SER M 139 -33.31 21.60 19.85
CA SER M 139 -34.24 21.99 18.82
C SER M 139 -35.49 22.61 19.43
N PRO M 140 -36.01 23.70 18.84
CA PRO M 140 -37.21 24.34 19.37
C PRO M 140 -38.52 23.64 19.02
N VAL M 141 -38.47 22.43 18.46
CA VAL M 141 -39.69 21.73 18.10
C VAL M 141 -40.41 21.27 19.35
N THR M 142 -41.69 21.61 19.46
CA THR M 142 -42.52 21.21 20.60
C THR M 142 -43.62 20.24 20.17
N ASP M 143 -44.48 20.64 19.26
CA ASP M 143 -45.56 19.79 18.76
C ASP M 143 -45.18 19.29 17.37
N PHE M 144 -45.07 17.97 17.23
CA PHE M 144 -44.73 17.41 15.93
C PHE M 144 -45.89 17.47 14.95
N ARG M 145 -47.13 17.58 15.43
CA ARG M 145 -48.26 17.73 14.52
C ARG M 145 -48.18 19.07 13.79
N GLU M 146 -47.70 20.11 14.48
CA GLU M 146 -47.50 21.40 13.84
C GLU M 146 -46.24 21.44 12.98
N ALA M 147 -45.44 20.36 12.99
CA ALA M 147 -44.23 20.28 12.20
C ALA M 147 -44.28 19.24 11.10
N CYS M 148 -45.14 18.23 11.22
CA CYS M 148 -45.26 17.22 10.18
C CYS M 148 -46.10 17.74 9.02
N CYS M 149 -45.87 17.16 7.85
CA CYS M 149 -46.60 17.56 6.64
C CYS M 149 -48.00 16.95 6.67
N ARG M 150 -49.02 17.80 6.49
CA ARG M 150 -50.40 17.33 6.51
C ARG M 150 -50.73 16.51 5.28
N GLN M 151 -50.15 16.85 4.14
CA GLN M 151 -50.42 16.14 2.89
C GLN M 151 -49.67 14.82 2.77
N HIS M 152 -48.89 14.44 3.78
CA HIS M 152 -48.18 13.17 3.70
C HIS M 152 -48.94 12.03 4.34
N GLU M 153 -49.75 12.28 5.37
CA GLU M 153 -50.57 11.22 5.95
C GLU M 153 -51.68 10.81 4.99
N THR M 154 -52.34 11.78 4.37
CA THR M 154 -53.36 11.54 3.37
C THR M 154 -52.74 11.73 1.99
N SER M 155 -52.80 10.69 1.17
CA SER M 155 -52.23 10.71 -0.19
C SER M 155 -50.72 10.97 -0.04
N GLU M 156 -50.11 11.76 -0.91
CA GLU M 156 -48.68 12.02 -0.83
C GLU M 156 -48.44 13.51 -1.10
N CYS M 157 -47.32 14.00 -0.58
CA CYS M 157 -46.90 15.37 -0.81
C CYS M 157 -46.36 15.51 -2.22
N GLN M 158 -46.88 16.48 -2.98
CA GLN M 158 -46.47 16.64 -4.37
C GLN M 158 -45.01 17.06 -4.50
N ARG M 159 -44.41 17.60 -3.45
CA ARG M 159 -43.01 18.02 -3.48
C ARG M 159 -42.06 16.84 -3.32
N GLY M 160 -42.54 15.68 -2.90
CA GLY M 160 -41.66 14.54 -2.76
C GLY M 160 -40.78 14.65 -1.54
N GLY M 161 -39.58 14.05 -1.62
CA GLY M 161 -38.66 14.07 -0.51
C GLY M 161 -38.07 15.43 -0.23
N LEU M 162 -38.18 16.37 -1.17
CA LEU M 162 -37.68 17.73 -0.99
C LEU M 162 -38.65 18.63 -0.25
N CYS M 163 -39.66 18.06 0.41
CA CYS M 163 -40.59 18.85 1.20
C CYS M 163 -39.88 19.47 2.40
N ASN M 164 -40.25 20.71 2.71
CA ASN M 164 -39.64 21.41 3.84
C ASN M 164 -40.24 21.00 5.18
N PHE M 165 -41.29 20.18 5.18
CA PHE M 165 -41.87 19.66 6.40
C PHE M 165 -41.38 18.23 6.65
N MET M 166 -41.57 17.76 7.87
CA MET M 166 -41.06 16.46 8.26
C MET M 166 -41.88 15.34 7.61
N HIS M 167 -41.19 14.51 6.82
CA HIS M 167 -41.77 13.28 6.29
C HIS M 167 -41.31 12.13 7.19
N ALA M 168 -41.97 12.02 8.33
CA ALA M 168 -41.55 11.07 9.36
C ALA M 168 -41.70 9.63 8.86
N LYS M 169 -40.63 8.85 9.01
CA LYS M 169 -40.63 7.43 8.66
C LYS M 169 -41.05 6.65 9.91
N LYS M 170 -42.25 6.09 9.88
CA LYS M 170 -42.80 5.40 11.04
C LYS M 170 -42.34 3.94 11.07
N PRO M 171 -42.00 3.43 12.25
CA PRO M 171 -41.64 2.02 12.37
C PRO M 171 -42.88 1.13 12.41
N SER M 172 -42.71 -0.15 12.73
CA SER M 172 -43.86 -1.02 12.89
C SER M 172 -44.61 -0.63 14.16
N PRO M 173 -45.94 -0.65 14.14
CA PRO M 173 -46.70 -0.28 15.36
C PRO M 173 -46.44 -1.20 16.54
N GLN M 174 -46.08 -2.46 16.29
CA GLN M 174 -45.79 -3.37 17.40
C GLN M 174 -44.52 -2.97 18.12
N LEU M 175 -43.48 -2.56 17.38
CA LEU M 175 -42.22 -2.17 18.00
C LEU M 175 -42.36 -0.88 18.80
N LEU M 176 -43.13 0.09 18.27
CA LEU M 176 -43.30 1.35 18.97
C LEU M 176 -44.00 1.15 20.31
N ARG M 177 -44.99 0.27 20.36
CA ARG M 177 -45.66 -0.03 21.63
C ARG M 177 -44.76 -0.83 22.55
N ASP M 178 -43.98 -1.77 22.02
CA ASP M 178 -43.08 -2.56 22.85
C ASP M 178 -41.96 -1.71 23.43
N LEU M 179 -41.62 -0.59 22.77
CA LEU M 179 -40.58 0.29 23.29
C LEU M 179 -41.12 1.15 24.44
N VAL M 180 -42.37 1.58 24.35
CA VAL M 180 -42.96 2.37 25.42
C VAL M 180 -43.19 1.51 26.65
N LEU M 181 -43.62 0.25 26.46
CA LEU M 181 -43.80 -0.65 27.58
C LEU M 181 -42.47 -0.98 28.24
N ALA M 182 -41.40 -1.10 27.45
CA ALA M 182 -40.09 -1.36 28.04
C ALA M 182 -39.58 -0.14 28.78
N GLN M 183 -39.88 1.06 28.28
CA GLN M 183 -39.50 2.28 29.00
C GLN M 183 -40.34 2.45 30.25
N ARG M 184 -41.62 2.06 30.18
CA ARG M 184 -42.48 2.14 31.35
C ARG M 184 -42.01 1.20 32.46
N LYS M 185 -41.41 0.07 32.09
CA LYS M 185 -40.85 -0.82 33.11
C LYS M 185 -39.56 -0.25 33.68
N TYR M 186 -38.74 0.37 32.84
CA TYR M 186 -37.50 0.97 33.30
C TYR M 186 -37.77 2.15 34.25
N LEU M 187 -38.83 2.91 33.97
CA LEU M 187 -39.20 4.04 34.82
C LEU M 187 -39.91 3.60 36.09
N ALA M 188 -40.72 2.54 36.02
CA ALA M 188 -41.41 2.06 37.22
C ALA M 188 -40.42 1.44 38.20
N LEU M 189 -39.40 0.75 37.70
CA LEU M 189 -38.37 0.21 38.58
C LEU M 189 -37.51 1.33 39.17
N ASN M 190 -37.25 2.38 38.40
CA ASN M 190 -36.55 3.55 38.92
C ASN M 190 -37.52 4.54 39.56
N ALA M 191 -38.36 4.02 40.44
CA ALA M 191 -39.28 4.81 41.24
C ALA M 191 -39.46 4.28 42.66
N ALA M 192 -39.36 2.97 42.87
CA ALA M 192 -39.34 2.42 44.22
C ALA M 192 -37.96 2.54 44.85
N GLU M 193 -36.92 2.71 44.02
CA GLU M 193 -35.57 2.90 44.54
C GLU M 193 -35.49 4.15 45.40
N GLU M 194 -35.87 5.31 44.83
CA GLU M 194 -35.96 6.59 45.52
C GLU M 194 -34.83 6.85 46.51
N SER N 16 -49.08 7.79 46.27
CA SER N 16 -48.58 7.55 44.93
C SER N 16 -47.89 6.20 44.83
N VAL N 17 -47.68 5.56 45.98
CA VAL N 17 -47.03 4.25 46.01
C VAL N 17 -47.93 3.20 45.37
N ARG N 18 -49.25 3.31 45.60
CA ARG N 18 -50.18 2.40 44.95
C ARG N 18 -50.21 2.60 43.45
N SER N 19 -50.01 3.83 42.98
CA SER N 19 -50.00 4.07 41.54
C SER N 19 -48.79 3.46 40.85
N ILE N 20 -47.77 3.09 41.62
CA ILE N 20 -46.59 2.42 41.06
C ILE N 20 -46.79 0.91 41.04
N GLU N 21 -47.27 0.34 42.15
CA GLU N 21 -47.51 -1.09 42.20
C GLU N 21 -48.66 -1.50 41.30
N GLN N 22 -49.60 -0.58 41.03
CA GLN N 22 -50.66 -0.86 40.08
C GLN N 22 -50.16 -0.80 38.65
N GLU N 23 -49.04 -0.10 38.42
CA GLU N 23 -48.45 -0.04 37.09
C GLU N 23 -47.57 -1.26 36.84
N LEU N 24 -46.93 -1.77 37.89
CA LEU N 24 -46.09 -2.96 37.76
C LEU N 24 -46.95 -4.19 37.43
N GLU N 25 -48.16 -4.25 37.97
CA GLU N 25 -49.04 -5.38 37.73
C GLU N 25 -49.48 -5.49 36.28
N GLN N 26 -49.58 -4.38 35.55
CA GLN N 26 -49.97 -4.46 34.15
C GLN N 26 -48.88 -5.08 33.29
N LEU N 27 -47.65 -4.60 33.45
CA LEU N 27 -46.49 -5.12 32.73
C LEU N 27 -45.67 -6.02 33.66
N ARG N 28 -46.28 -7.16 34.00
CA ARG N 28 -45.68 -8.13 34.90
C ARG N 28 -44.72 -9.09 34.21
N ASP N 29 -44.64 -9.07 32.87
CA ASP N 29 -43.78 -10.00 32.14
C ASP N 29 -43.07 -9.30 30.99
N VAL N 30 -42.82 -8.00 31.11
CA VAL N 30 -42.12 -7.22 30.09
C VAL N 30 -40.77 -6.80 30.67
N THR N 31 -39.72 -6.95 29.87
CA THR N 31 -38.34 -6.63 30.24
C THR N 31 -38.09 -5.12 30.11
N PRO N 32 -37.40 -4.53 31.08
CA PRO N 32 -37.10 -3.09 31.01
C PRO N 32 -36.14 -2.76 29.88
N ILE N 33 -36.18 -1.49 29.47
CA ILE N 33 -35.40 -1.06 28.30
C ILE N 33 -33.90 -1.12 28.57
N ASN N 34 -33.48 -1.02 29.84
CA ASN N 34 -32.06 -1.05 30.15
C ASN N 34 -31.47 -2.46 30.10
N GLN N 35 -32.28 -3.47 29.83
CA GLN N 35 -31.81 -4.85 29.72
C GLN N 35 -32.12 -5.46 28.36
N TRP N 36 -32.38 -4.62 27.36
CA TRP N 36 -32.60 -5.12 26.00
C TRP N 36 -31.28 -5.50 25.37
N LYS N 37 -31.19 -6.74 24.89
CA LYS N 37 -29.97 -7.21 24.23
C LYS N 37 -30.02 -6.77 22.77
N ARG N 38 -29.46 -5.58 22.52
CA ARG N 38 -29.45 -5.02 21.17
C ARG N 38 -28.41 -5.74 20.33
N LYS N 39 -28.86 -6.55 19.37
CA LYS N 39 -27.95 -7.27 18.49
C LYS N 39 -27.44 -6.33 17.41
N ARG N 40 -26.13 -6.30 17.22
CA ARG N 40 -25.48 -5.43 16.23
C ARG N 40 -25.86 -3.96 16.46
N SER N 41 -25.28 -3.41 17.52
CA SER N 41 -25.45 -2.00 17.86
C SER N 41 -24.34 -1.18 17.21
N LEU N 42 -24.72 -0.12 16.51
CA LEU N 42 -23.76 0.70 15.79
C LEU N 42 -23.29 1.91 16.60
N TRP N 43 -23.58 1.94 17.89
CA TRP N 43 -23.14 3.06 18.73
C TRP N 43 -21.67 2.89 19.11
N ASP N 44 -20.99 4.02 19.22
CA ASP N 44 -19.58 4.11 19.62
C ASP N 44 -18.65 3.36 18.67
N ILE N 45 -19.13 2.97 17.50
CA ILE N 45 -18.29 2.27 16.52
C ILE N 45 -17.51 3.32 15.73
N LYS N 46 -16.20 3.27 15.84
CA LYS N 46 -15.34 4.22 15.14
C LYS N 46 -14.77 3.60 13.88
N PRO N 47 -14.50 4.41 12.85
CA PRO N 47 -13.93 3.87 11.61
C PRO N 47 -12.53 3.33 11.83
N PRO N 48 -12.06 2.44 10.96
CA PRO N 48 -10.73 1.87 11.14
C PRO N 48 -9.64 2.93 11.02
N GLY N 49 -8.73 2.94 12.00
CA GLY N 49 -7.66 3.90 12.05
C GLY N 49 -7.89 5.06 13.00
N TYR N 50 -9.14 5.34 13.35
CA TYR N 50 -9.51 6.48 14.19
C TYR N 50 -9.46 6.15 15.68
N GLU N 51 -8.54 5.30 16.11
CA GLU N 51 -8.47 4.94 17.52
C GLU N 51 -8.02 6.11 18.38
N LEU N 52 -7.18 6.99 17.84
CA LEU N 52 -6.67 8.13 18.59
C LEU N 52 -7.40 9.42 18.26
N VAL N 53 -8.34 9.41 17.34
CA VAL N 53 -9.09 10.60 16.95
C VAL N 53 -10.38 10.67 17.76
N THR N 54 -10.58 11.79 18.44
CA THR N 54 -11.81 12.01 19.19
C THR N 54 -12.92 12.49 18.25
N ALA N 55 -14.14 12.53 18.78
CA ALA N 55 -15.26 13.00 17.99
C ALA N 55 -15.13 14.49 17.67
N ASP N 56 -14.50 15.25 18.56
CA ASP N 56 -14.31 16.68 18.31
C ASP N 56 -13.29 16.92 17.22
N GLN N 57 -12.22 16.12 17.19
CA GLN N 57 -11.19 16.29 16.17
C GLN N 57 -11.72 15.94 14.78
N ALA N 58 -12.73 15.06 14.70
CA ALA N 58 -13.32 14.72 13.41
C ALA N 58 -14.21 15.85 12.89
N LYS N 59 -14.88 16.58 13.79
CA LYS N 59 -15.72 17.68 13.36
C LYS N 59 -14.88 18.87 12.89
N MET N 60 -13.73 19.10 13.52
CA MET N 60 -12.87 20.21 13.13
C MET N 60 -12.10 19.93 11.85
N SER N 61 -11.92 18.65 11.49
CA SER N 61 -11.17 18.32 10.29
C SER N 61 -11.95 18.57 9.01
N GLY N 62 -13.28 18.58 9.08
CA GLY N 62 -14.08 18.80 7.90
C GLY N 62 -14.33 17.56 7.05
N VAL N 63 -13.84 16.39 7.48
CA VAL N 63 -14.05 15.17 6.70
C VAL N 63 -15.45 14.61 6.88
N PHE N 64 -16.17 15.01 7.93
CA PHE N 64 -17.55 14.58 8.16
C PHE N 64 -18.43 15.82 8.26
N PRO N 65 -18.73 16.46 7.14
CA PRO N 65 -19.58 17.66 7.17
C PRO N 65 -21.06 17.33 6.99
N LEU N 66 -21.89 18.23 7.50
CA LEU N 66 -23.33 18.10 7.32
C LEU N 66 -23.75 18.65 5.96
N PRO N 67 -24.87 18.17 5.40
CA PRO N 67 -25.38 18.65 4.12
C PRO N 67 -25.69 20.14 4.12
N ALA P 2 -23.88 0.09 43.04
CA ALA P 2 -22.79 1.05 43.00
C ALA P 2 -21.85 0.85 44.18
N SER P 3 -21.66 -0.40 44.59
CA SER P 3 -20.80 -0.70 45.72
C SER P 3 -19.34 -0.78 45.31
N HIS P 4 -19.07 -1.35 44.13
CA HIS P 4 -17.71 -1.53 43.64
C HIS P 4 -17.63 -1.08 42.19
N LEU P 5 -16.42 -0.73 41.77
CA LEU P 5 -16.21 -0.30 40.39
C LEU P 5 -16.31 -1.47 39.43
N ALA P 6 -16.98 -1.25 38.31
CA ALA P 6 -17.17 -2.30 37.32
C ALA P 6 -15.86 -2.56 36.57
N SER P 7 -15.40 -3.81 36.60
CA SER P 7 -14.17 -4.19 35.93
C SER P 7 -14.46 -4.74 34.54
N ILE P 8 -13.41 -4.85 33.73
CA ILE P 8 -13.52 -5.35 32.37
C ILE P 8 -12.22 -6.07 32.01
N TYR P 9 -11.32 -6.17 32.98
CA TYR P 9 -10.03 -6.80 32.75
C TYR P 9 -10.18 -8.32 32.67
N GLY P 10 -9.46 -8.92 31.74
CA GLY P 10 -9.43 -10.37 31.62
C GLY P 10 -10.71 -11.00 31.12
N THR P 11 -11.53 -10.26 30.39
CA THR P 11 -12.79 -10.75 29.85
C THR P 11 -12.74 -10.71 28.33
N GLU P 12 -13.79 -11.25 27.70
CA GLU P 12 -13.90 -11.16 26.24
C GLU P 12 -14.14 -9.74 25.77
N GLN P 13 -14.56 -8.84 26.66
CA GLN P 13 -14.66 -7.44 26.32
C GLN P 13 -13.32 -6.71 26.44
N ASP P 14 -12.35 -7.32 27.10
CA ASP P 14 -11.02 -6.73 27.24
C ASP P 14 -10.29 -6.80 25.90
N LYS P 15 -10.14 -5.65 25.24
CA LYS P 15 -9.46 -5.59 23.96
C LYS P 15 -7.95 -5.46 24.09
N VAL P 16 -7.41 -5.71 25.29
CA VAL P 16 -5.98 -5.60 25.53
C VAL P 16 -5.41 -6.97 25.87
N ASN P 17 -5.75 -7.47 27.05
CA ASN P 17 -5.33 -8.81 27.46
C ASN P 17 -6.26 -9.87 26.91
N CYS P 18 -5.68 -11.00 26.51
CA CYS P 18 -6.44 -12.12 25.98
C CYS P 18 -7.12 -12.88 27.11
N SER P 19 -8.45 -12.95 27.05
CA SER P 19 -9.20 -13.63 28.11
C SER P 19 -8.97 -15.14 28.07
N PHE P 20 -8.84 -15.71 26.86
CA PHE P 20 -8.70 -17.15 26.76
C PHE P 20 -7.37 -17.63 27.32
N TYR P 21 -6.31 -16.84 27.17
CA TYR P 21 -5.03 -17.21 27.78
C TYR P 21 -4.99 -16.90 29.27
N TYR P 22 -5.73 -15.88 29.71
CA TYR P 22 -5.76 -15.53 31.12
C TYR P 22 -6.61 -16.51 31.93
N LYS P 23 -7.62 -17.12 31.31
CA LYS P 23 -8.52 -18.04 31.99
C LYS P 23 -8.19 -19.50 31.73
N ILE P 24 -7.96 -19.87 30.47
CA ILE P 24 -7.69 -21.27 30.12
C ILE P 24 -6.21 -21.60 30.07
N GLY P 25 -5.34 -20.59 29.91
CA GLY P 25 -3.92 -20.84 29.83
C GLY P 25 -3.40 -21.24 28.46
N ALA P 26 -4.24 -21.17 27.43
CA ALA P 26 -3.83 -21.53 26.08
C ALA P 26 -4.82 -20.92 25.09
N CYS P 27 -4.31 -20.24 24.08
CA CYS P 27 -5.13 -19.60 23.07
C CYS P 27 -4.97 -20.31 21.73
N ARG P 28 -6.05 -20.28 20.94
CA ARG P 28 -6.06 -20.94 19.65
C ARG P 28 -5.11 -20.28 18.66
N HIS P 29 -4.82 -18.99 18.85
CA HIS P 29 -3.93 -18.26 17.95
C HIS P 29 -2.48 -18.30 18.41
N GLY P 30 -2.23 -18.45 19.70
CA GLY P 30 -0.86 -18.54 20.18
C GLY P 30 -0.18 -17.19 20.11
N GLU P 31 1.03 -17.18 19.55
CA GLU P 31 1.81 -15.95 19.44
C GLU P 31 1.27 -15.02 18.36
N ARG P 32 0.35 -15.48 17.53
CA ARG P 32 -0.26 -14.66 16.48
C ARG P 32 -1.54 -13.98 16.94
N CYS P 33 -1.89 -14.10 18.22
CA CYS P 33 -3.12 -13.51 18.73
C CYS P 33 -3.03 -11.99 18.75
N SER P 34 -4.18 -11.35 18.50
CA SER P 34 -4.22 -9.89 18.52
C SER P 34 -4.18 -9.33 19.93
N ARG P 35 -4.52 -10.12 20.94
CA ARG P 35 -4.50 -9.69 22.32
C ARG P 35 -3.27 -10.23 23.05
N LYS P 36 -2.93 -9.59 24.16
CA LYS P 36 -1.69 -9.89 24.87
C LYS P 36 -1.82 -11.16 25.71
N HIS P 37 -0.77 -11.97 25.69
CA HIS P 37 -0.65 -13.16 26.55
C HIS P 37 0.39 -12.84 27.63
N VAL P 38 -0.09 -12.49 28.82
CA VAL P 38 0.80 -12.13 29.92
C VAL P 38 1.24 -13.42 30.61
N LYS P 39 2.54 -13.70 30.57
CA LYS P 39 3.09 -14.89 31.21
C LYS P 39 3.46 -14.57 32.66
N PRO P 40 2.86 -15.23 33.64
CA PRO P 40 3.15 -14.90 35.04
C PRO P 40 4.53 -15.39 35.45
N ASN P 41 5.19 -14.61 36.30
CA ASN P 41 6.48 -15.00 36.85
C ASN P 41 6.34 -15.83 38.11
N PHE P 42 5.30 -15.60 38.91
CA PHE P 42 5.01 -16.38 40.11
C PHE P 42 3.60 -16.93 39.98
N SER P 43 3.47 -18.26 40.08
CA SER P 43 2.16 -18.88 39.96
C SER P 43 2.18 -20.24 40.65
N GLN P 44 0.98 -20.72 40.99
CA GLN P 44 0.82 -22.03 41.61
C GLN P 44 0.50 -23.12 40.59
N THR P 45 0.11 -22.76 39.38
CA THR P 45 -0.31 -23.72 38.36
C THR P 45 0.77 -23.83 37.29
N ILE P 46 1.09 -25.06 36.89
CA ILE P 46 2.05 -25.33 35.84
C ILE P 46 1.33 -26.00 34.67
N LEU P 47 1.93 -25.88 33.49
CA LEU P 47 1.35 -26.40 32.26
C LEU P 47 2.37 -27.25 31.53
N CYS P 48 1.95 -28.43 31.10
CA CYS P 48 2.74 -29.33 30.25
C CYS P 48 1.97 -29.57 28.96
N PRO P 49 2.18 -28.74 27.94
CA PRO P 49 1.39 -28.86 26.71
C PRO P 49 1.73 -30.13 25.93
N ASN P 50 0.69 -30.75 25.38
CA ASN P 50 0.79 -31.93 24.52
C ASN P 50 1.51 -33.07 25.24
N MET P 51 0.98 -33.44 26.40
CA MET P 51 1.53 -34.54 27.18
C MET P 51 0.66 -35.79 27.16
N TYR P 52 -0.66 -35.65 27.16
CA TYR P 52 -1.56 -36.80 27.15
C TYR P 52 -1.93 -37.15 25.71
N LYS P 53 -1.45 -38.31 25.26
CA LYS P 53 -1.78 -38.83 23.94
C LYS P 53 -2.90 -39.85 24.13
N ASN P 54 -4.13 -39.43 23.86
CA ASN P 54 -5.29 -40.32 23.99
C ASN P 54 -5.22 -41.42 22.96
N PRO P 55 -5.21 -42.70 23.35
CA PRO P 55 -5.14 -43.78 22.35
C PRO P 55 -6.31 -43.80 21.38
N ILE P 56 -7.44 -43.19 21.75
CA ILE P 56 -8.60 -43.17 20.85
C ILE P 56 -8.27 -42.41 19.57
N HIS P 57 -7.35 -41.46 19.64
CA HIS P 57 -6.96 -40.68 18.48
C HIS P 57 -5.70 -41.26 17.84
N GLY P 61 -5.82 -47.74 16.89
CA GLY P 61 -7.18 -47.54 16.46
C GLY P 61 -8.21 -47.81 17.55
N LYS P 62 -9.35 -48.35 17.17
CA LYS P 62 -10.41 -48.71 18.11
C LYS P 62 -10.33 -50.20 18.48
N LYS P 63 -9.15 -50.64 18.94
CA LYS P 63 -8.99 -52.03 19.32
C LYS P 63 -9.19 -52.26 20.81
N PHE P 64 -9.12 -51.22 21.62
CA PHE P 64 -9.23 -51.38 23.06
C PHE P 64 -10.70 -51.32 23.45
N THR P 65 -11.05 -52.05 24.50
CA THR P 65 -12.42 -52.08 24.98
C THR P 65 -12.66 -50.95 25.98
N GLN P 66 -13.92 -50.82 26.39
CA GLN P 66 -14.29 -49.73 27.29
C GLN P 66 -13.59 -49.86 28.63
N ARG P 67 -13.42 -51.09 29.11
CA ARG P 67 -12.70 -51.29 30.37
C ARG P 67 -11.22 -51.03 30.20
N GLU P 68 -10.65 -51.40 29.06
CA GLU P 68 -9.22 -51.20 28.84
C GLU P 68 -8.89 -49.71 28.69
N LEU P 69 -9.79 -48.95 28.06
CA LEU P 69 -9.55 -47.52 27.89
C LEU P 69 -9.60 -46.80 29.23
N ALA P 70 -10.47 -47.23 30.14
CA ALA P 70 -10.56 -46.61 31.45
C ALA P 70 -9.34 -46.94 32.30
N GLU P 71 -8.87 -48.19 32.23
CA GLU P 71 -7.70 -48.60 32.99
C GLU P 71 -6.43 -47.98 32.43
N GLN P 72 -6.39 -47.72 31.13
CA GLN P 72 -5.21 -47.12 30.54
C GLN P 72 -5.06 -45.66 30.96
N PHE P 73 -6.17 -44.93 31.07
CA PHE P 73 -6.11 -43.54 31.51
C PHE P 73 -5.77 -43.44 32.99
N ASP P 74 -6.26 -44.39 33.80
CA ASP P 74 -5.91 -44.38 35.22
C ASP P 74 -4.42 -44.57 35.42
N ALA P 75 -3.79 -45.40 34.59
CA ALA P 75 -2.35 -45.55 34.67
C ALA P 75 -1.63 -44.26 34.30
N PHE P 76 -2.22 -43.45 33.41
CA PHE P 76 -1.62 -42.17 33.06
C PHE P 76 -1.80 -41.16 34.17
N TYR P 77 -3.03 -41.04 34.69
CA TYR P 77 -3.29 -40.09 35.76
C TYR P 77 -2.51 -40.46 37.02
N GLU P 78 -2.39 -41.76 37.31
CA GLU P 78 -1.55 -42.21 38.41
C GLU P 78 -0.09 -41.87 38.17
N ASP P 79 0.38 -42.03 36.93
CA ASP P 79 1.77 -41.73 36.61
C ASP P 79 2.06 -40.24 36.70
N MET P 80 1.05 -39.40 36.50
CA MET P 80 1.24 -37.95 36.60
C MET P 80 1.23 -37.48 38.05
N PHE P 81 0.20 -37.88 38.81
CA PHE P 81 0.05 -37.40 40.17
C PHE P 81 1.23 -37.83 41.05
N CYS P 82 1.74 -39.03 40.84
CA CYS P 82 2.84 -39.53 41.67
C CYS P 82 4.14 -38.80 41.36
N GLU P 83 4.39 -38.49 40.09
CA GLU P 83 5.64 -37.82 39.73
C GLU P 83 5.61 -36.35 40.10
N PHE P 84 4.46 -35.68 39.96
CA PHE P 84 4.35 -34.29 40.35
C PHE P 84 4.37 -34.09 41.87
N SER P 85 4.12 -35.16 42.63
CA SER P 85 4.08 -35.04 44.08
C SER P 85 5.45 -34.81 44.70
N LYS P 86 6.53 -35.17 44.01
CA LYS P 86 7.87 -34.95 44.56
C LYS P 86 8.29 -33.48 44.54
N TYR P 87 7.52 -32.61 43.90
CA TYR P 87 7.81 -31.19 43.86
C TYR P 87 6.95 -30.39 44.84
N GLY P 88 6.32 -31.06 45.79
CA GLY P 88 5.46 -30.42 46.77
C GLY P 88 4.04 -30.96 46.72
N GLU P 89 3.17 -30.28 47.46
CA GLU P 89 1.77 -30.70 47.56
C GLU P 89 1.00 -30.31 46.31
N VAL P 90 0.26 -31.27 45.77
CA VAL P 90 -0.57 -31.05 44.58
C VAL P 90 -2.02 -30.89 45.03
N GLU P 91 -2.62 -29.76 44.68
CA GLU P 91 -4.00 -29.49 45.05
C GLU P 91 -5.00 -30.03 44.02
N GLN P 92 -4.69 -29.93 42.74
CA GLN P 92 -5.59 -30.40 41.70
C GLN P 92 -4.79 -30.73 40.45
N LEU P 93 -5.19 -31.79 39.76
CA LEU P 93 -4.56 -32.23 38.52
C LEU P 93 -5.63 -32.37 37.46
N VAL P 94 -5.50 -31.63 36.36
CA VAL P 94 -6.49 -31.60 35.29
C VAL P 94 -5.79 -31.99 33.99
N VAL P 95 -6.43 -32.90 33.24
CA VAL P 95 -5.92 -33.37 31.95
C VAL P 95 -6.95 -33.04 30.89
N CYS P 96 -6.51 -32.35 29.84
CA CYS P 96 -7.40 -31.92 28.77
C CYS P 96 -7.49 -32.98 27.68
N ASP P 97 -8.72 -33.23 27.22
CA ASP P 97 -9.00 -34.20 26.17
C ASP P 97 -9.43 -33.50 24.88
N ASN P 98 -8.82 -32.35 24.58
CA ASN P 98 -9.17 -31.58 23.40
C ASN P 98 -8.33 -32.02 22.20
N VAL P 99 -8.69 -31.49 21.04
CA VAL P 99 -7.97 -31.75 19.80
C VAL P 99 -7.34 -30.50 19.21
N GLY P 100 -7.69 -29.31 19.71
CA GLY P 100 -7.06 -28.10 19.22
C GLY P 100 -5.56 -28.11 19.43
N ASP P 101 -4.84 -27.49 18.49
CA ASP P 101 -3.39 -27.54 18.45
C ASP P 101 -2.73 -26.88 19.67
N HIS P 102 -3.53 -26.28 20.56
CA HIS P 102 -3.00 -25.65 21.75
C HIS P 102 -3.58 -26.19 23.06
N LEU P 103 -4.59 -27.05 23.01
CA LEU P 103 -5.13 -27.69 24.20
C LEU P 103 -5.13 -29.21 24.13
N VAL P 104 -4.45 -29.79 23.15
CA VAL P 104 -4.43 -31.24 23.00
C VAL P 104 -3.49 -31.83 24.04
N GLY P 105 -4.03 -32.69 24.91
CA GLY P 105 -3.21 -33.37 25.90
C GLY P 105 -2.53 -32.45 26.89
N ASN P 106 -3.12 -31.29 27.16
CA ASN P 106 -2.52 -30.38 28.14
C ASN P 106 -2.73 -30.92 29.56
N VAL P 107 -1.72 -30.74 30.39
CA VAL P 107 -1.73 -31.22 31.77
C VAL P 107 -1.49 -30.03 32.69
N TYR P 108 -2.49 -29.69 33.49
CA TYR P 108 -2.40 -28.59 34.44
C TYR P 108 -2.24 -29.16 35.86
N VAL P 109 -1.32 -28.59 36.62
CA VAL P 109 -1.05 -29.01 37.98
C VAL P 109 -0.98 -27.77 38.86
N ARG P 110 -1.83 -27.71 39.89
CA ARG P 110 -1.84 -26.60 40.83
C ARG P 110 -1.22 -27.04 42.14
N PHE P 111 -0.12 -26.40 42.51
CA PHE P 111 0.55 -26.69 43.78
C PHE P 111 -0.01 -25.78 44.88
N LYS P 112 0.33 -26.12 46.13
CA LYS P 112 -0.12 -25.30 47.25
C LYS P 112 0.74 -24.06 47.40
N TYR P 113 2.04 -24.17 47.14
CA TYR P 113 2.97 -23.06 47.26
C TYR P 113 3.49 -22.67 45.88
N GLU P 114 3.80 -21.38 45.73
CA GLU P 114 4.31 -20.89 44.44
C GLU P 114 5.73 -21.36 44.19
N GLU P 115 6.53 -21.57 45.25
CA GLU P 115 7.88 -22.06 45.07
C GLU P 115 7.89 -23.51 44.59
N SER P 116 6.85 -24.28 44.94
CA SER P 116 6.75 -25.66 44.47
C SER P 116 6.59 -25.72 42.96
N ALA P 117 5.91 -24.73 42.37
CA ALA P 117 5.72 -24.72 40.93
C ALA P 117 6.98 -24.30 40.19
N GLN P 118 7.79 -23.42 40.78
CA GLN P 118 9.01 -22.96 40.13
C GLN P 118 10.05 -24.09 40.06
N ASN P 119 10.14 -24.89 41.12
CA ASN P 119 11.09 -26.01 41.11
C ASN P 119 10.68 -27.11 40.14
N ALA P 120 9.40 -27.18 39.77
CA ALA P 120 8.96 -28.21 38.83
C ALA P 120 9.39 -27.89 37.40
N ILE P 121 9.18 -26.65 36.96
CA ILE P 121 9.52 -26.29 35.58
C ILE P 121 11.02 -26.27 35.39
N ASP P 122 11.80 -26.03 36.45
CA ASP P 122 13.25 -26.05 36.33
C ASP P 122 13.80 -27.47 36.16
N ASP P 123 13.04 -28.48 36.57
CA ASP P 123 13.47 -29.88 36.45
C ASP P 123 12.78 -30.61 35.32
N LEU P 124 11.52 -30.29 35.03
CA LEU P 124 10.79 -30.98 33.97
C LEU P 124 11.35 -30.62 32.59
N ASN P 125 11.89 -29.42 32.43
CA ASN P 125 12.45 -29.01 31.14
C ASN P 125 13.73 -29.75 30.78
N SER P 126 14.25 -30.60 31.66
CA SER P 126 15.43 -31.40 31.38
C SER P 126 15.14 -32.89 31.43
N ARG P 127 13.88 -33.30 31.54
CA ARG P 127 13.50 -34.70 31.62
C ARG P 127 12.72 -35.11 30.36
N TRP P 128 12.39 -36.39 30.31
CA TRP P 128 11.67 -36.97 29.19
C TRP P 128 10.43 -37.70 29.69
N TYR P 129 9.49 -37.94 28.77
CA TYR P 129 8.32 -38.75 29.07
C TYR P 129 7.77 -39.33 27.78
N SER P 130 7.70 -40.66 27.71
CA SER P 130 7.17 -41.37 26.55
C SER P 130 7.89 -40.98 25.28
N GLN P 131 9.22 -41.00 25.34
CA GLN P 131 10.09 -40.73 24.20
C GLN P 131 9.88 -39.33 23.62
N ARG P 132 9.56 -38.36 24.47
CA ARG P 132 9.36 -36.98 24.04
C ARG P 132 9.84 -36.05 25.14
N PRO P 133 10.54 -34.97 24.79
CA PRO P 133 10.99 -34.02 25.82
C PRO P 133 9.81 -33.26 26.41
N VAL P 134 9.89 -33.01 27.72
CA VAL P 134 8.80 -32.39 28.45
C VAL P 134 8.97 -30.88 28.43
N TYR P 135 7.94 -30.17 27.93
CA TYR P 135 7.88 -28.72 27.98
C TYR P 135 7.09 -28.29 29.20
N ALA P 136 7.68 -27.43 30.02
CA ALA P 136 7.03 -26.97 31.23
C ALA P 136 7.19 -25.46 31.38
N GLU P 137 6.12 -24.80 31.80
CA GLU P 137 6.14 -23.36 32.04
C GLU P 137 5.00 -23.03 33.00
N LEU P 138 5.12 -21.87 33.65
CA LEU P 138 4.09 -21.43 34.57
C LEU P 138 2.87 -20.96 33.81
N SER P 139 1.69 -21.34 34.32
CA SER P 139 0.42 -21.00 33.68
C SER P 139 -0.39 -20.08 34.58
N PRO P 140 -1.03 -19.06 34.01
CA PRO P 140 -1.85 -18.13 34.81
C PRO P 140 -3.21 -18.66 35.22
N VAL P 141 -3.49 -19.95 35.03
CA VAL P 141 -4.78 -20.51 35.38
C VAL P 141 -4.89 -20.57 36.91
N THR P 142 -5.97 -19.99 37.44
CA THR P 142 -6.23 -20.00 38.88
C THR P 142 -7.46 -20.83 39.22
N ASP P 143 -8.61 -20.50 38.66
CA ASP P 143 -9.85 -21.24 38.91
C ASP P 143 -10.16 -22.12 37.71
N PHE P 144 -10.21 -23.44 37.94
CA PHE P 144 -10.54 -24.36 36.87
C PHE P 144 -12.01 -24.31 36.50
N ARG P 145 -12.86 -23.80 37.41
CA ARG P 145 -14.29 -23.68 37.10
C ARG P 145 -14.51 -22.65 35.99
N GLU P 146 -13.72 -21.58 35.98
CA GLU P 146 -13.80 -20.58 34.92
C GLU P 146 -13.11 -21.02 33.65
N ALA P 147 -12.45 -22.17 33.64
CA ALA P 147 -11.75 -22.66 32.46
C ALA P 147 -12.36 -23.91 31.85
N CYS P 148 -13.12 -24.69 32.63
CA CYS P 148 -13.77 -25.86 32.09
C CYS P 148 -15.03 -25.48 31.32
N CYS P 149 -15.40 -26.33 30.37
CA CYS P 149 -16.61 -26.09 29.57
C CYS P 149 -17.84 -26.46 30.39
N ARG P 150 -18.80 -25.54 30.47
CA ARG P 150 -20.01 -25.80 31.24
C ARG P 150 -20.92 -26.79 30.52
N GLN P 151 -20.92 -26.78 29.19
CA GLN P 151 -21.74 -27.67 28.39
C GLN P 151 -21.15 -29.07 28.25
N HIS P 152 -20.00 -29.34 28.88
CA HIS P 152 -19.36 -30.66 28.80
C HIS P 152 -19.78 -31.60 29.91
N GLU P 153 -20.20 -31.08 31.07
CA GLU P 153 -20.64 -31.96 32.16
C GLU P 153 -21.87 -32.77 31.76
N THR P 154 -22.76 -32.16 30.98
CA THR P 154 -23.94 -32.87 30.49
C THR P 154 -23.73 -33.44 29.09
N SER P 155 -22.51 -33.33 28.55
CA SER P 155 -22.16 -33.88 27.23
C SER P 155 -23.05 -33.29 26.13
N GLU P 156 -22.99 -31.96 26.02
CA GLU P 156 -23.81 -31.27 25.03
C GLU P 156 -23.05 -30.18 24.28
N CYS P 157 -21.72 -30.21 24.28
CA CYS P 157 -20.96 -29.24 23.52
C CYS P 157 -21.02 -29.58 22.04
N GLN P 158 -21.53 -28.65 21.23
CA GLN P 158 -21.65 -28.89 19.79
C GLN P 158 -20.32 -28.83 19.06
N ARG P 159 -19.29 -28.23 19.67
CA ARG P 159 -18.00 -28.09 19.01
C ARG P 159 -17.15 -29.36 19.05
N GLY P 160 -17.50 -30.34 19.87
CA GLY P 160 -16.70 -31.55 19.87
C GLY P 160 -15.36 -31.34 20.55
N GLY P 161 -14.37 -32.12 20.11
CA GLY P 161 -13.04 -32.02 20.70
C GLY P 161 -12.31 -30.73 20.39
N LEU P 162 -12.77 -29.98 19.39
CA LEU P 162 -12.16 -28.71 19.02
C LEU P 162 -12.66 -27.54 19.86
N CYS P 163 -13.30 -27.82 21.00
CA CYS P 163 -13.75 -26.73 21.88
C CYS P 163 -12.54 -25.98 22.43
N ASN P 164 -12.68 -24.66 22.51
CA ASN P 164 -11.60 -23.83 23.02
C ASN P 164 -11.51 -23.83 24.54
N PHE P 165 -12.47 -24.45 25.22
CA PHE P 165 -12.44 -24.61 26.67
C PHE P 165 -11.99 -26.02 27.03
N MET P 166 -11.61 -26.18 28.30
CA MET P 166 -11.04 -27.45 28.76
C MET P 166 -12.11 -28.53 28.80
N HIS P 167 -11.89 -29.61 28.06
CA HIS P 167 -12.71 -30.82 28.17
C HIS P 167 -11.94 -31.80 29.04
N ALA P 168 -12.00 -31.56 30.35
CA ALA P 168 -11.21 -32.35 31.30
C ALA P 168 -11.66 -33.80 31.32
N LYS P 169 -10.70 -34.71 31.18
CA LYS P 169 -10.97 -36.14 31.27
C LYS P 169 -10.76 -36.58 32.72
N LYS P 170 -11.85 -36.94 33.39
CA LYS P 170 -11.78 -37.28 34.79
C LYS P 170 -11.38 -38.75 34.97
N PRO P 171 -10.50 -39.06 35.92
CA PRO P 171 -10.15 -40.45 36.18
C PRO P 171 -11.22 -41.17 36.98
N SER P 172 -10.93 -42.38 37.44
CA SER P 172 -11.87 -43.10 38.29
C SER P 172 -11.93 -42.45 39.67
N PRO P 173 -13.12 -42.38 40.29
CA PRO P 173 -13.21 -41.79 41.63
C PRO P 173 -12.40 -42.54 42.67
N GLN P 174 -12.17 -43.84 42.48
CA GLN P 174 -11.35 -44.60 43.42
C GLN P 174 -9.90 -44.15 43.37
N LEU P 175 -9.38 -43.88 42.17
CA LEU P 175 -8.00 -43.45 42.04
C LEU P 175 -7.80 -42.04 42.60
N LEU P 176 -8.76 -41.15 42.35
CA LEU P 176 -8.64 -39.78 42.86
C LEU P 176 -8.65 -39.75 44.38
N ARG P 177 -9.48 -40.60 45.00
CA ARG P 177 -9.52 -40.66 46.46
C ARG P 177 -8.26 -41.31 47.03
N ASP P 178 -7.77 -42.37 46.38
CA ASP P 178 -6.56 -43.03 46.85
C ASP P 178 -5.34 -42.15 46.71
N LEU P 179 -5.35 -41.21 45.76
CA LEU P 179 -4.21 -40.32 45.56
C LEU P 179 -4.19 -39.20 46.60
N VAL P 180 -5.36 -38.67 46.97
CA VAL P 180 -5.40 -37.61 47.97
C VAL P 180 -5.04 -38.15 49.35
N LEU P 181 -5.54 -39.35 49.68
CA LEU P 181 -5.19 -39.96 50.96
C LEU P 181 -3.71 -40.34 51.01
N ALA P 182 -3.16 -40.78 49.88
CA ALA P 182 -1.74 -41.13 49.84
C ALA P 182 -0.85 -39.91 49.95
N GLN P 183 -1.26 -38.79 49.36
CA GLN P 183 -0.47 -37.56 49.46
C GLN P 183 -0.53 -36.99 50.87
N ARG P 184 -1.70 -37.05 51.52
CA ARG P 184 -1.81 -36.56 52.88
C ARG P 184 -0.97 -37.38 53.86
N LYS P 185 -0.80 -38.69 53.59
CA LYS P 185 0.07 -39.49 54.42
C LYS P 185 1.53 -39.16 54.17
N TYR P 186 1.89 -38.89 52.92
CA TYR P 186 3.25 -38.49 52.59
C TYR P 186 3.61 -37.15 53.23
N LEU P 187 2.64 -36.23 53.28
CA LEU P 187 2.88 -34.93 53.90
C LEU P 187 2.85 -35.02 55.42
N ALA P 188 2.01 -35.89 55.98
CA ALA P 188 2.00 -36.08 57.43
C ALA P 188 3.30 -36.72 57.91
N LEU P 189 3.86 -37.63 57.10
CA LEU P 189 5.15 -38.22 57.46
C LEU P 189 6.28 -37.20 57.38
N ASN P 190 6.20 -36.27 56.44
CA ASN P 190 7.15 -35.16 56.38
C ASN P 190 6.71 -34.01 57.27
N ALA P 191 6.37 -34.34 58.51
CA ALA P 191 6.01 -33.35 59.53
C ALA P 191 6.48 -33.70 60.93
N ALA P 192 6.60 -35.00 61.27
CA ALA P 192 7.16 -35.41 62.54
C ALA P 192 8.68 -35.34 62.56
N GLU P 193 9.31 -35.06 61.43
CA GLU P 193 10.76 -34.94 61.36
C GLU P 193 11.20 -33.49 61.59
N SER Q 16 0.47 -28.41 65.37
CA SER Q 16 -0.19 -29.61 64.86
C SER Q 16 0.55 -30.86 65.27
N VAL Q 17 1.28 -30.79 66.39
CA VAL Q 17 2.06 -31.94 66.85
C VAL Q 17 1.15 -33.09 67.23
N ARG Q 18 0.03 -32.79 67.90
CA ARG Q 18 -0.92 -33.82 68.30
C ARG Q 18 -1.76 -34.31 67.12
N SER Q 19 -2.03 -33.43 66.15
CA SER Q 19 -2.85 -33.77 64.99
C SER Q 19 -2.16 -34.74 64.04
N ILE Q 20 -0.87 -35.02 64.21
CA ILE Q 20 -0.18 -35.93 63.30
C ILE Q 20 -0.38 -37.38 63.74
N GLU Q 21 -0.23 -37.66 65.03
CA GLU Q 21 -0.41 -39.04 65.49
C GLU Q 21 -1.87 -39.47 65.37
N GLN Q 22 -2.80 -38.51 65.43
CA GLN Q 22 -4.22 -38.83 65.22
C GLN Q 22 -4.54 -39.04 63.75
N GLU Q 23 -3.77 -38.46 62.84
CA GLU Q 23 -3.99 -38.63 61.41
C GLU Q 23 -3.32 -39.87 60.85
N LEU Q 24 -2.16 -40.25 61.38
CA LEU Q 24 -1.48 -41.44 60.88
C LEU Q 24 -2.26 -42.70 61.23
N GLU Q 25 -2.86 -42.76 62.43
CA GLU Q 25 -3.66 -43.91 62.80
C GLU Q 25 -4.94 -43.99 61.98
N GLN Q 26 -5.49 -42.84 61.57
CA GLN Q 26 -6.66 -42.84 60.70
C GLN Q 26 -6.29 -43.27 59.29
N LEU Q 27 -5.13 -42.84 58.79
CA LEU Q 27 -4.71 -43.18 57.43
C LEU Q 27 -3.83 -44.44 57.44
N ARG Q 28 -4.41 -45.51 57.95
CA ARG Q 28 -3.78 -46.82 57.93
C ARG Q 28 -4.22 -47.55 56.66
N ASP Q 29 -3.44 -48.56 56.28
CA ASP Q 29 -3.65 -49.31 55.04
C ASP Q 29 -3.58 -48.42 53.82
N VAL Q 30 -2.90 -47.27 53.93
CA VAL Q 30 -2.69 -46.36 52.82
C VAL Q 30 -1.19 -46.29 52.53
N THR Q 31 -0.83 -46.45 51.27
CA THR Q 31 0.57 -46.33 50.90
C THR Q 31 0.92 -44.87 50.66
N PRO Q 32 2.02 -44.37 51.21
CA PRO Q 32 2.42 -42.98 50.93
C PRO Q 32 2.84 -42.84 49.48
N ILE Q 33 2.75 -41.60 48.99
CA ILE Q 33 2.98 -41.36 47.56
C ILE Q 33 4.43 -41.66 47.17
N ASN Q 34 5.36 -41.55 48.11
CA ASN Q 34 6.76 -41.84 47.81
C ASN Q 34 7.06 -43.34 47.80
N GLN Q 35 6.07 -44.18 48.12
CA GLN Q 35 6.25 -45.62 48.14
C GLN Q 35 5.27 -46.34 47.23
N TRP Q 36 4.68 -45.64 46.27
CA TRP Q 36 3.78 -46.26 45.30
C TRP Q 36 4.58 -47.03 44.26
N LYS Q 37 4.25 -48.32 44.11
CA LYS Q 37 4.93 -49.15 43.11
C LYS Q 37 4.24 -48.90 41.77
N ARG Q 38 4.77 -47.92 41.05
CA ARG Q 38 4.21 -47.51 39.76
C ARG Q 38 4.56 -48.53 38.68
N LYS Q 39 3.54 -49.24 38.20
CA LYS Q 39 3.75 -50.28 37.19
C LYS Q 39 3.92 -49.65 35.81
N ARG Q 40 5.05 -49.92 35.17
CA ARG Q 40 5.37 -49.42 33.83
C ARG Q 40 5.23 -47.89 33.79
N SER Q 41 6.20 -47.19 34.35
CA SER Q 41 6.21 -45.73 34.33
C SER Q 41 6.97 -45.24 33.11
N LEU Q 42 6.36 -44.32 32.37
CA LEU Q 42 6.94 -43.81 31.13
C LEU Q 42 7.78 -42.55 31.33
N TRP Q 43 8.12 -42.22 32.56
CA TRP Q 43 8.95 -41.04 32.82
C TRP Q 43 10.41 -41.36 32.53
N ASP Q 44 11.13 -40.35 32.04
CA ASP Q 44 12.56 -40.41 31.72
C ASP Q 44 12.88 -41.45 30.64
N ILE Q 45 11.86 -41.97 29.95
CA ILE Q 45 12.09 -42.94 28.88
C ILE Q 45 12.40 -42.18 27.60
N LYS Q 46 13.60 -42.40 27.06
CA LYS Q 46 14.04 -41.75 25.84
C LYS Q 46 13.89 -42.68 24.65
N PRO Q 47 13.67 -42.12 23.45
CA PRO Q 47 13.53 -42.96 22.26
C PRO Q 47 14.81 -43.71 21.95
N PRO Q 48 14.74 -44.79 21.18
CA PRO Q 48 15.95 -45.58 20.90
C PRO Q 48 16.99 -44.76 20.15
N GLY Q 49 18.22 -44.76 20.67
CA GLY Q 49 19.31 -44.01 20.11
C GLY Q 49 19.59 -42.70 20.82
N TYR Q 50 18.61 -42.14 21.54
CA TYR Q 50 18.73 -40.85 22.19
C TYR Q 50 19.27 -40.95 23.61
N GLU Q 51 20.15 -41.92 23.87
CA GLU Q 51 20.69 -42.10 25.21
C GLU Q 51 21.61 -40.95 25.62
N LEU Q 52 22.29 -40.34 24.64
CA LEU Q 52 23.23 -39.26 24.90
C LEU Q 52 22.65 -37.88 24.60
N VAL Q 53 21.41 -37.80 24.13
CA VAL Q 53 20.78 -36.52 23.80
C VAL Q 53 20.00 -36.03 25.01
N THR Q 54 20.28 -34.79 25.42
CA THR Q 54 19.56 -34.17 26.52
C THR Q 54 18.23 -33.60 26.02
N ALA Q 55 17.39 -33.19 26.98
CA ALA Q 55 16.10 -32.62 26.63
C ALA Q 55 16.26 -31.28 25.92
N ASP Q 56 17.31 -30.52 26.24
CA ASP Q 56 17.53 -29.24 25.58
C ASP Q 56 17.95 -29.43 24.13
N GLN Q 57 18.78 -30.45 23.86
CA GLN Q 57 19.22 -30.70 22.50
C GLN Q 57 18.08 -31.17 21.61
N ALA Q 58 17.07 -31.83 22.20
CA ALA Q 58 15.92 -32.28 21.42
C ALA Q 58 14.96 -31.16 21.08
N LYS Q 59 14.81 -30.18 21.98
CA LYS Q 59 13.90 -29.07 21.71
C LYS Q 59 14.45 -28.12 20.66
N MET Q 60 15.76 -27.90 20.65
CA MET Q 60 16.38 -27.01 19.67
C MET Q 60 16.53 -27.66 18.30
N SER Q 61 16.51 -28.99 18.23
CA SER Q 61 16.66 -29.67 16.95
C SER Q 61 15.41 -29.57 16.08
N GLY Q 62 14.24 -29.35 16.67
CA GLY Q 62 13.02 -29.23 15.93
C GLY Q 62 12.35 -30.53 15.56
N VAL Q 63 12.90 -31.68 15.95
CA VAL Q 63 12.27 -32.95 15.63
C VAL Q 63 11.11 -33.26 16.56
N PHE Q 64 11.03 -32.59 17.72
CA PHE Q 64 9.92 -32.75 18.66
C PHE Q 64 9.30 -31.38 18.89
N PRO Q 65 8.52 -30.87 17.94
CA PRO Q 65 7.88 -29.57 18.12
C PRO Q 65 6.49 -29.69 18.72
N LEU Q 66 6.05 -28.60 19.33
CA LEU Q 66 4.69 -28.59 19.85
C LEU Q 66 3.69 -28.36 18.72
N PRO Q 67 2.46 -28.85 18.86
CA PRO Q 67 1.46 -28.63 17.81
C PRO Q 67 1.20 -27.15 17.59
N GLY Q 68 1.18 -26.75 16.32
CA GLY Q 68 0.94 -25.36 15.97
C GLY Q 68 2.21 -24.53 15.86
N ALA S 6 31.64 -16.55 -6.96
CA ALA S 6 30.72 -16.71 -5.83
C ALA S 6 29.29 -16.86 -6.31
N SER S 7 28.81 -18.10 -6.36
CA SER S 7 27.46 -18.41 -6.78
C SER S 7 26.62 -18.86 -5.59
N ILE S 8 25.32 -18.99 -5.83
CA ILE S 8 24.36 -19.41 -4.81
C ILE S 8 23.78 -20.78 -5.12
N TYR S 9 24.35 -21.49 -6.08
CA TYR S 9 23.87 -22.84 -6.40
C TYR S 9 24.24 -23.80 -5.28
N GLY S 10 23.25 -24.56 -4.79
CA GLY S 10 23.47 -25.55 -3.76
C GLY S 10 23.69 -25.01 -2.38
N THR S 11 23.53 -23.70 -2.17
CA THR S 11 23.73 -23.11 -0.85
C THR S 11 22.40 -23.06 -0.11
N GLU S 12 22.45 -22.54 1.13
CA GLU S 12 21.24 -22.45 1.94
C GLU S 12 20.23 -21.43 1.40
N GLN S 13 20.64 -20.57 0.46
CA GLN S 13 19.71 -19.65 -0.19
C GLN S 13 19.17 -20.20 -1.50
N ASP S 14 19.52 -21.43 -1.87
CA ASP S 14 18.97 -22.06 -3.06
C ASP S 14 17.55 -22.52 -2.75
N LYS S 15 16.57 -21.86 -3.35
CA LYS S 15 15.16 -22.10 -3.03
C LYS S 15 14.58 -23.31 -3.75
N VAL S 16 15.33 -23.96 -4.65
CA VAL S 16 14.85 -25.13 -5.35
C VAL S 16 15.71 -26.36 -5.07
N ASN S 17 17.03 -26.20 -5.02
CA ASN S 17 17.93 -27.29 -4.65
C ASN S 17 18.08 -27.36 -3.14
N CYS S 18 18.10 -28.57 -2.61
CA CYS S 18 18.33 -28.77 -1.18
C CYS S 18 19.82 -28.68 -0.89
N SER S 19 20.20 -27.73 -0.05
CA SER S 19 21.62 -27.56 0.27
C SER S 19 22.11 -28.71 1.14
N PHE S 20 21.28 -29.21 2.06
CA PHE S 20 21.71 -30.25 2.97
C PHE S 20 21.90 -31.59 2.26
N TYR S 21 21.07 -31.89 1.26
CA TYR S 21 21.25 -33.12 0.51
C TYR S 21 22.36 -33.02 -0.53
N TYR S 22 22.59 -31.82 -1.08
CA TYR S 22 23.65 -31.65 -2.06
C TYR S 22 25.03 -31.63 -1.40
N LYS S 23 25.10 -31.20 -0.15
CA LYS S 23 26.35 -31.08 0.59
C LYS S 23 26.60 -32.26 1.52
N ILE S 24 25.62 -32.62 2.34
CA ILE S 24 25.78 -33.70 3.31
C ILE S 24 25.28 -35.05 2.79
N GLY S 25 24.42 -35.07 1.77
CA GLY S 25 23.89 -36.30 1.24
C GLY S 25 22.70 -36.88 1.97
N ALA S 26 22.14 -36.16 2.94
CA ALA S 26 20.98 -36.66 3.67
C ALA S 26 20.31 -35.49 4.38
N CYS S 27 19.00 -35.37 4.19
CA CYS S 27 18.20 -34.33 4.84
C CYS S 27 17.25 -34.96 5.84
N ARG S 28 16.97 -34.21 6.92
CA ARG S 28 16.11 -34.72 7.97
C ARG S 28 14.65 -34.87 7.53
N HIS S 29 14.23 -34.16 6.49
CA HIS S 29 12.85 -34.23 6.03
C HIS S 29 12.62 -35.36 5.03
N GLY S 30 13.64 -35.75 4.29
CA GLY S 30 13.47 -36.86 3.35
C GLY S 30 12.63 -36.46 2.16
N GLU S 31 11.64 -37.30 1.84
CA GLU S 31 10.78 -37.05 0.70
C GLU S 31 9.77 -35.94 0.92
N ARG S 32 9.61 -35.45 2.15
CA ARG S 32 8.69 -34.36 2.43
C ARG S 32 9.38 -33.00 2.41
N CYS S 33 10.65 -32.96 2.00
CA CYS S 33 11.38 -31.70 1.97
C CYS S 33 10.83 -30.78 0.89
N SER S 34 10.88 -29.47 1.16
CA SER S 34 10.39 -28.48 0.21
C SER S 34 11.33 -28.28 -0.97
N ARG S 35 12.60 -28.63 -0.83
CA ARG S 35 13.57 -28.49 -1.90
C ARG S 35 13.87 -29.84 -2.53
N LYS S 36 14.43 -29.79 -3.73
CA LYS S 36 14.62 -31.00 -4.53
C LYS S 36 15.85 -31.78 -4.07
N HIS S 37 15.69 -33.11 -4.00
CA HIS S 37 16.81 -34.02 -3.74
C HIS S 37 17.11 -34.75 -5.04
N VAL S 38 18.13 -34.28 -5.76
CA VAL S 38 18.51 -34.87 -7.04
C VAL S 38 19.46 -36.03 -6.77
N LYS S 39 19.03 -37.25 -7.12
CA LYS S 39 19.87 -38.42 -6.93
C LYS S 39 20.74 -38.64 -8.16
N PRO S 40 22.08 -38.58 -8.02
CA PRO S 40 22.94 -38.72 -9.20
C PRO S 40 22.96 -40.16 -9.71
N ASN S 41 23.03 -40.30 -11.04
CA ASN S 41 23.16 -41.60 -11.67
C ASN S 41 24.60 -42.05 -11.79
N PHE S 42 25.54 -41.11 -11.94
CA PHE S 42 26.97 -41.40 -12.00
C PHE S 42 27.65 -40.59 -10.91
N SER S 43 28.37 -41.27 -10.02
CA SER S 43 29.05 -40.60 -8.91
C SER S 43 30.17 -41.48 -8.42
N GLN S 44 31.13 -40.86 -7.73
CA GLN S 44 32.25 -41.57 -7.13
C GLN S 44 32.00 -41.93 -5.67
N THR S 45 31.02 -41.33 -5.03
CA THR S 45 30.75 -41.55 -3.62
C THR S 45 29.47 -42.36 -3.46
N ILE S 46 29.51 -43.37 -2.58
CA ILE S 46 28.36 -44.21 -2.30
C ILE S 46 27.94 -44.00 -0.85
N LEU S 47 26.68 -44.29 -0.57
CA LEU S 47 26.10 -44.12 0.75
C LEU S 47 25.42 -45.42 1.19
N CYS S 48 25.71 -45.83 2.42
CA CYS S 48 25.06 -46.98 3.04
C CYS S 48 24.38 -46.52 4.32
N PRO S 49 23.12 -46.10 4.24
CA PRO S 49 22.44 -45.54 5.43
C PRO S 49 22.19 -46.59 6.49
N ASN S 50 22.39 -46.19 7.75
CA ASN S 50 22.10 -47.02 8.91
C ASN S 50 22.84 -48.36 8.85
N MET S 51 24.15 -48.29 8.72
CA MET S 51 25.01 -49.47 8.68
C MET S 51 25.81 -49.66 9.96
N TYR S 52 26.25 -48.57 10.59
CA TYR S 52 27.03 -48.64 11.82
C TYR S 52 26.09 -48.57 13.02
N LYS S 53 26.01 -49.67 13.77
CA LYS S 53 25.22 -49.74 14.99
C LYS S 53 26.17 -49.46 16.15
N ASN S 54 26.14 -48.23 16.64
CA ASN S 54 27.00 -47.84 17.77
C ASN S 54 26.57 -48.59 19.01
N PRO S 55 27.46 -49.36 19.66
CA PRO S 55 27.05 -50.12 20.84
C PRO S 55 26.52 -49.26 21.97
N ILE S 56 26.89 -47.98 22.03
CA ILE S 56 26.40 -47.10 23.09
C ILE S 56 24.88 -46.95 23.00
N HIS S 57 24.33 -47.04 21.78
CA HIS S 57 22.89 -46.92 21.56
C HIS S 57 22.20 -48.28 21.45
N GLU S 58 22.71 -49.29 22.14
CA GLU S 58 22.17 -50.64 22.10
C GLU S 58 21.70 -51.07 23.48
N PRO S 59 20.80 -52.05 23.56
CA PRO S 59 20.31 -52.47 24.90
C PRO S 59 21.40 -53.01 25.80
N ASN S 60 22.17 -54.00 25.33
CA ASN S 60 23.31 -54.54 26.08
C ASN S 60 24.57 -53.70 25.92
N GLY S 61 24.43 -52.40 25.71
CA GLY S 61 25.58 -51.56 25.46
C GLY S 61 25.84 -50.49 26.50
N LYS S 62 25.65 -50.83 27.78
CA LYS S 62 26.06 -49.97 28.87
C LYS S 62 26.97 -50.70 29.84
N LYS S 63 27.51 -51.84 29.44
CA LYS S 63 28.43 -52.65 30.24
C LYS S 63 29.89 -52.50 29.83
N PHE S 64 30.16 -51.90 28.68
CA PHE S 64 31.51 -51.85 28.12
C PHE S 64 32.29 -50.64 28.62
N THR S 65 33.60 -50.83 28.74
CA THR S 65 34.55 -49.80 29.16
C THR S 65 35.11 -49.06 27.94
N GLN S 66 35.92 -48.03 28.23
CA GLN S 66 36.46 -47.18 27.17
C GLN S 66 37.41 -47.93 26.25
N ARG S 67 38.21 -48.85 26.80
CA ARG S 67 39.13 -49.60 25.96
C ARG S 67 38.38 -50.59 25.06
N GLU S 68 37.30 -51.19 25.59
CA GLU S 68 36.54 -52.14 24.78
C GLU S 68 35.79 -51.43 23.66
N LEU S 69 35.31 -50.22 23.91
CA LEU S 69 34.59 -49.48 22.88
C LEU S 69 35.51 -49.03 21.76
N ALA S 70 36.76 -48.69 22.07
CA ALA S 70 37.68 -48.22 21.04
C ALA S 70 38.11 -49.36 20.11
N GLU S 71 38.40 -50.53 20.67
CA GLU S 71 38.79 -51.66 19.83
C GLU S 71 37.61 -52.23 19.06
N GLN S 72 36.41 -52.09 19.61
CA GLN S 72 35.22 -52.60 18.92
C GLN S 72 34.91 -51.75 17.69
N PHE S 73 35.09 -50.43 17.79
CA PHE S 73 34.87 -49.56 16.63
C PHE S 73 35.96 -49.73 15.59
N ASP S 74 37.21 -49.97 16.03
CA ASP S 74 38.29 -50.21 15.09
C ASP S 74 38.06 -51.50 14.30
N ALA S 75 37.46 -52.52 14.94
CA ALA S 75 37.13 -53.75 14.23
C ALA S 75 36.06 -53.50 13.16
N PHE S 76 35.19 -52.51 13.38
CA PHE S 76 34.18 -52.19 12.38
C PHE S 76 34.81 -51.46 11.19
N TYR S 77 35.63 -50.43 11.47
CA TYR S 77 36.27 -49.68 10.40
C TYR S 77 37.22 -50.57 9.61
N GLU S 78 37.92 -51.49 10.29
CA GLU S 78 38.75 -52.46 9.58
C GLU S 78 37.90 -53.36 8.70
N ASP S 79 36.74 -53.79 9.21
CA ASP S 79 35.85 -54.64 8.42
C ASP S 79 35.25 -53.88 7.24
N MET S 80 35.12 -52.56 7.35
CA MET S 80 34.56 -51.77 6.26
C MET S 80 35.60 -51.48 5.18
N PHE S 81 36.77 -50.97 5.58
CA PHE S 81 37.78 -50.56 4.60
C PHE S 81 38.24 -51.75 3.75
N CYS S 82 38.36 -52.93 4.36
CA CYS S 82 38.82 -54.10 3.63
C CYS S 82 37.76 -54.59 2.64
N GLU S 83 36.49 -54.53 3.02
CA GLU S 83 35.42 -55.02 2.14
C GLU S 83 35.15 -54.06 0.99
N PHE S 84 35.22 -52.75 1.25
CA PHE S 84 35.01 -51.78 0.18
C PHE S 84 36.18 -51.74 -0.80
N SER S 85 37.34 -52.26 -0.42
CA SER S 85 38.50 -52.24 -1.30
C SER S 85 38.38 -53.23 -2.46
N LYS S 86 37.53 -54.25 -2.35
CA LYS S 86 37.39 -55.20 -3.44
C LYS S 86 36.63 -54.63 -4.62
N TYR S 87 36.01 -53.46 -4.49
CA TYR S 87 35.31 -52.80 -5.57
C TYR S 87 36.14 -51.68 -6.20
N GLY S 88 37.43 -51.65 -5.96
CA GLY S 88 38.32 -50.62 -6.46
C GLY S 88 39.01 -49.89 -5.33
N GLU S 89 39.69 -48.80 -5.69
CA GLU S 89 40.45 -48.03 -4.74
C GLU S 89 39.52 -47.18 -3.88
N VAL S 90 39.73 -47.22 -2.57
CA VAL S 90 38.93 -46.45 -1.62
C VAL S 90 39.74 -45.22 -1.21
N GLU S 91 39.19 -44.04 -1.45
CA GLU S 91 39.88 -42.79 -1.13
C GLU S 91 39.63 -42.33 0.30
N GLN S 92 38.40 -42.46 0.80
CA GLN S 92 38.08 -41.99 2.14
C GLN S 92 36.88 -42.77 2.66
N LEU S 93 36.90 -43.08 3.96
CA LEU S 93 35.80 -43.77 4.62
C LEU S 93 35.39 -42.98 5.85
N VAL S 94 34.12 -42.55 5.87
CA VAL S 94 33.58 -41.72 6.95
C VAL S 94 32.38 -42.45 7.56
N VAL S 95 32.35 -42.51 8.88
CA VAL S 95 31.25 -43.14 9.63
C VAL S 95 30.63 -42.09 10.53
N CYS S 96 29.31 -41.91 10.41
CA CYS S 96 28.59 -40.90 11.18
C CYS S 96 28.11 -41.47 12.51
N ASP S 97 28.29 -40.68 13.58
CA ASP S 97 27.86 -41.06 14.92
C ASP S 97 26.69 -40.19 15.38
N ASN S 98 25.79 -39.86 14.45
CA ASN S 98 24.65 -39.01 14.75
C ASN S 98 23.47 -39.84 15.25
N VAL S 99 22.42 -39.13 15.67
CA VAL S 99 21.20 -39.78 16.15
C VAL S 99 20.00 -39.45 15.27
N GLY S 100 20.10 -38.46 14.38
CA GLY S 100 19.00 -38.19 13.47
C GLY S 100 18.69 -39.38 12.59
N ASP S 101 17.41 -39.55 12.28
CA ASP S 101 16.95 -40.73 11.55
C ASP S 101 17.52 -40.82 10.14
N HIS S 102 18.14 -39.76 9.64
N HIS S 102 18.12 -39.74 9.64
CA HIS S 102 18.73 -39.76 8.30
CA HIS S 102 18.72 -39.71 8.31
C HIS S 102 20.25 -39.65 8.32
C HIS S 102 20.24 -39.79 8.33
N LEU S 103 20.87 -39.68 9.50
CA LEU S 103 22.32 -39.68 9.60
C LEU S 103 22.85 -40.65 10.65
N VAL S 104 22.01 -41.52 11.19
CA VAL S 104 22.45 -42.47 12.21
C VAL S 104 23.24 -43.59 11.54
N GLY S 105 24.50 -43.74 11.94
CA GLY S 105 25.32 -44.82 11.43
C GLY S 105 25.55 -44.80 9.94
N ASN S 106 25.52 -43.62 9.32
CA ASN S 106 25.74 -43.52 7.89
C ASN S 106 27.22 -43.75 7.56
N VAL S 107 27.45 -44.46 6.46
CA VAL S 107 28.80 -44.80 6.00
C VAL S 107 28.97 -44.28 4.57
N TYR S 108 29.89 -43.35 4.39
CA TYR S 108 30.19 -42.79 3.08
C TYR S 108 31.52 -43.34 2.59
N VAL S 109 31.56 -43.76 1.32
CA VAL S 109 32.76 -44.29 0.69
C VAL S 109 32.90 -43.65 -0.68
N ARG S 110 34.03 -43.00 -0.92
CA ARG S 110 34.33 -42.36 -2.19
C ARG S 110 35.38 -43.19 -2.95
N PHE S 111 35.00 -43.67 -4.12
CA PHE S 111 35.91 -44.44 -4.97
C PHE S 111 36.67 -43.51 -5.92
N LYS S 112 37.69 -44.07 -6.57
CA LYS S 112 38.49 -43.28 -7.51
C LYS S 112 37.79 -43.13 -8.85
N TYR S 113 37.11 -44.18 -9.32
CA TYR S 113 36.41 -44.17 -10.60
C TYR S 113 34.91 -44.26 -10.37
N GLU S 114 34.14 -43.68 -11.30
CA GLU S 114 32.69 -43.74 -11.20
C GLU S 114 32.18 -45.16 -11.45
N GLU S 115 32.89 -45.92 -12.28
CA GLU S 115 32.48 -47.31 -12.53
C GLU S 115 32.70 -48.18 -11.29
N SER S 116 33.68 -47.83 -10.47
CA SER S 116 33.91 -48.58 -9.22
C SER S 116 32.75 -48.42 -8.27
N ALA S 117 32.10 -47.26 -8.26
CA ALA S 117 30.97 -47.03 -7.36
C ALA S 117 29.71 -47.73 -7.85
N GLN S 118 29.52 -47.82 -9.16
CA GLN S 118 28.33 -48.47 -9.69
C GLN S 118 28.36 -49.97 -9.45
N ASN S 119 29.54 -50.59 -9.59
CA ASN S 119 29.66 -52.02 -9.31
C ASN S 119 29.52 -52.33 -7.83
N ALA S 120 29.76 -51.36 -6.95
CA ALA S 120 29.63 -51.60 -5.52
C ALA S 120 28.17 -51.65 -5.10
N ILE S 121 27.37 -50.68 -5.56
CA ILE S 121 25.96 -50.63 -5.17
C ILE S 121 25.19 -51.77 -5.82
N ASP S 122 25.65 -52.27 -6.97
CA ASP S 122 24.98 -53.39 -7.62
C ASP S 122 25.19 -54.69 -6.87
N ASP S 123 26.26 -54.80 -6.07
CA ASP S 123 26.54 -56.00 -5.30
C ASP S 123 26.18 -55.86 -3.83
N LEU S 124 26.34 -54.67 -3.25
CA LEU S 124 26.02 -54.49 -1.84
C LEU S 124 24.52 -54.55 -1.60
N ASN S 125 23.71 -54.11 -2.58
CA ASN S 125 22.26 -54.14 -2.44
C ASN S 125 21.69 -55.55 -2.46
N SER S 126 22.52 -56.57 -2.69
CA SER S 126 22.08 -57.96 -2.67
C SER S 126 22.78 -58.78 -1.59
N ARG S 127 23.53 -58.12 -0.70
CA ARG S 127 24.26 -58.78 0.37
C ARG S 127 23.67 -58.41 1.73
N TRP S 128 24.24 -59.01 2.77
CA TRP S 128 23.80 -58.79 4.14
C TRP S 128 24.98 -58.36 4.99
N TYR S 129 24.67 -57.78 6.15
CA TYR S 129 25.70 -57.43 7.13
C TYR S 129 25.07 -57.37 8.51
N SER S 130 25.58 -58.20 9.43
CA SER S 130 25.10 -58.24 10.81
C SER S 130 23.60 -58.49 10.88
N GLN S 131 23.16 -59.52 10.13
CA GLN S 131 21.76 -59.96 10.13
C GLN S 131 20.82 -58.84 9.66
N ARG S 132 21.28 -58.01 8.73
CA ARG S 132 20.51 -56.92 8.16
C ARG S 132 20.86 -56.74 6.70
N PRO S 133 19.88 -56.53 5.83
CA PRO S 133 20.19 -56.28 4.42
C PRO S 133 20.85 -54.93 4.25
N VAL S 134 21.81 -54.87 3.33
CA VAL S 134 22.62 -53.68 3.13
C VAL S 134 21.94 -52.79 2.11
N TYR S 135 21.68 -51.54 2.49
CA TYR S 135 21.16 -50.54 1.57
C TYR S 135 22.32 -49.74 1.00
N ALA S 136 22.40 -49.66 -0.32
CA ALA S 136 23.49 -48.97 -1.00
C ALA S 136 22.92 -48.11 -2.12
N GLU S 137 23.44 -46.89 -2.23
CA GLU S 137 23.03 -45.97 -3.28
C GLU S 137 24.13 -44.95 -3.47
N LEU S 138 24.13 -44.32 -4.65
CA LEU S 138 25.11 -43.29 -4.96
C LEU S 138 24.76 -42.00 -4.23
N SER S 139 25.78 -41.36 -3.66
CA SER S 139 25.57 -40.14 -2.90
C SER S 139 26.27 -38.97 -3.57
N PRO S 140 25.63 -37.79 -3.61
CA PRO S 140 26.24 -36.62 -4.25
C PRO S 140 27.30 -35.92 -3.41
N VAL S 141 27.74 -36.52 -2.29
CA VAL S 141 28.74 -35.88 -1.46
C VAL S 141 30.09 -35.93 -2.16
N THR S 142 30.73 -34.77 -2.28
CA THR S 142 32.05 -34.67 -2.92
C THR S 142 33.13 -34.29 -1.91
N ASP S 143 32.99 -33.14 -1.25
CA ASP S 143 33.95 -32.67 -0.27
C ASP S 143 33.40 -32.88 1.14
N PHE S 144 34.09 -33.69 1.94
CA PHE S 144 33.67 -33.92 3.31
C PHE S 144 33.94 -32.73 4.22
N ARG S 145 34.86 -31.83 3.81
CA ARG S 145 35.16 -30.67 4.63
C ARG S 145 33.97 -29.72 4.71
N GLU S 146 33.26 -29.54 3.60
CA GLU S 146 32.06 -28.71 3.60
C GLU S 146 30.83 -29.42 4.15
N ALA S 147 30.94 -30.71 4.48
CA ALA S 147 29.80 -31.48 4.99
C ALA S 147 29.94 -31.90 6.45
N CYS S 148 31.15 -31.97 6.97
CA CYS S 148 31.33 -32.33 8.37
C CYS S 148 31.04 -31.12 9.26
N CYS S 149 30.64 -31.40 10.50
CA CYS S 149 30.34 -30.33 11.44
C CYS S 149 31.64 -29.74 11.98
N ARG S 150 31.80 -28.42 11.83
CA ARG S 150 33.01 -27.76 12.31
C ARG S 150 33.02 -27.62 13.82
N GLN S 151 31.85 -27.45 14.44
CA GLN S 151 31.78 -27.29 15.89
C GLN S 151 31.92 -28.61 16.63
N HIS S 152 32.03 -29.73 15.92
CA HIS S 152 32.25 -31.02 16.56
C HIS S 152 33.73 -31.38 16.61
N GLU S 153 34.52 -30.90 15.64
CA GLU S 153 35.95 -31.16 15.66
C GLU S 153 36.62 -30.45 16.83
N THR S 154 36.23 -29.19 17.07
CA THR S 154 36.72 -28.40 18.20
C THR S 154 35.66 -28.41 19.30
N SER S 155 36.00 -29.00 20.44
CA SER S 155 35.10 -29.08 21.61
C SER S 155 33.84 -29.84 21.19
N GLU S 156 32.65 -29.36 21.56
CA GLU S 156 31.40 -30.03 21.24
C GLU S 156 30.35 -29.04 20.77
N CYS S 157 29.58 -29.45 19.77
CA CYS S 157 28.45 -28.64 19.27
C CYS S 157 27.29 -28.75 20.24
N GLN S 158 26.68 -27.60 20.56
CA GLN S 158 25.60 -27.58 21.54
C GLN S 158 24.37 -28.37 21.10
N ARG S 159 24.26 -28.70 19.81
CA ARG S 159 23.11 -29.46 19.33
C ARG S 159 23.19 -30.94 19.67
N GLY S 160 24.35 -31.44 20.08
CA GLY S 160 24.45 -32.84 20.45
C GLY S 160 24.43 -33.77 19.25
N GLY S 161 23.95 -34.99 19.51
CA GLY S 161 23.89 -36.00 18.46
C GLY S 161 22.85 -35.72 17.39
N LEU S 162 21.93 -34.81 17.64
CA LEU S 162 20.90 -34.44 16.68
C LEU S 162 21.37 -33.40 15.67
N CYS S 163 22.68 -33.19 15.55
CA CYS S 163 23.21 -32.25 14.57
C CYS S 163 22.95 -32.75 13.16
N ASN S 164 22.60 -31.82 12.26
CA ASN S 164 22.31 -32.17 10.87
C ASN S 164 23.57 -32.34 10.03
N PHE S 165 24.75 -32.07 10.58
CA PHE S 165 26.00 -32.29 9.87
C PHE S 165 26.67 -33.57 10.35
N MET S 166 27.64 -34.03 9.57
CA MET S 166 28.30 -35.30 9.85
C MET S 166 29.18 -35.19 11.08
N HIS S 167 28.89 -36.03 12.08
CA HIS S 167 29.75 -36.18 13.26
C HIS S 167 30.60 -37.44 13.07
N ALA S 168 31.66 -37.30 12.26
CA ALA S 168 32.48 -38.45 11.92
C ALA S 168 33.21 -38.97 13.14
N LYS S 169 33.08 -40.28 13.39
CA LYS S 169 33.79 -40.95 14.47
C LYS S 169 35.10 -41.50 13.94
N LYS S 170 36.21 -40.91 14.35
CA LYS S 170 37.49 -41.33 13.81
C LYS S 170 38.05 -42.53 14.56
N PRO S 171 38.64 -43.49 13.84
CA PRO S 171 39.29 -44.63 14.49
C PRO S 171 40.64 -44.25 15.05
N SER S 172 41.43 -45.24 15.45
CA SER S 172 42.78 -44.96 15.90
C SER S 172 43.63 -44.54 14.70
N PRO S 173 44.52 -43.55 14.87
CA PRO S 173 45.36 -43.11 13.73
C PRO S 173 46.28 -44.20 13.21
N GLN S 174 46.66 -45.17 14.04
CA GLN S 174 47.53 -46.24 13.58
C GLN S 174 46.82 -47.15 12.59
N LEU S 175 45.54 -47.45 12.83
CA LEU S 175 44.79 -48.34 11.94
C LEU S 175 44.57 -47.69 10.58
N LEU S 176 44.29 -46.39 10.56
CA LEU S 176 44.06 -45.70 9.29
C LEU S 176 45.33 -45.70 8.43
N ARG S 177 46.49 -45.56 9.06
CA ARG S 177 47.75 -45.56 8.32
C ARG S 177 48.06 -46.95 7.77
N ASP S 178 47.80 -48.00 8.56
CA ASP S 178 48.07 -49.35 8.09
C ASP S 178 47.14 -49.76 6.96
N LEU S 179 45.95 -49.15 6.88
CA LEU S 179 45.02 -49.50 5.82
C LEU S 179 45.39 -48.83 4.51
N VAL S 180 45.87 -47.59 4.55
CA VAL S 180 46.26 -46.91 3.33
C VAL S 180 47.52 -47.54 2.74
N LEU S 181 48.47 -47.92 3.59
CA LEU S 181 49.67 -48.58 3.11
C LEU S 181 49.36 -49.97 2.56
N ALA S 182 48.40 -50.66 3.17
CA ALA S 182 48.01 -51.98 2.68
C ALA S 182 47.27 -51.91 1.36
N GLN S 183 46.46 -50.86 1.16
CA GLN S 183 45.78 -50.71 -0.11
C GLN S 183 46.78 -50.37 -1.22
N ARG S 184 47.78 -49.56 -0.90
CA ARG S 184 48.84 -49.25 -1.86
C ARG S 184 49.63 -50.49 -2.22
N LYS S 185 49.77 -51.43 -1.29
CA LYS S 185 50.43 -52.70 -1.58
C LYS S 185 49.54 -53.60 -2.44
N TYR S 186 48.24 -53.61 -2.18
CA TYR S 186 47.32 -54.42 -2.98
C TYR S 186 47.23 -53.92 -4.41
N LEU S 187 47.31 -52.61 -4.61
CA LEU S 187 47.24 -52.05 -5.95
C LEU S 187 48.54 -52.23 -6.73
N ALA S 188 49.69 -52.23 -6.04
CA ALA S 188 50.96 -52.45 -6.72
C ALA S 188 51.06 -53.87 -7.26
N LEU S 189 50.52 -54.85 -6.53
CA LEU S 189 50.52 -56.21 -7.05
C LEU S 189 49.58 -56.36 -8.23
N ASN S 190 48.44 -55.66 -8.20
CA ASN S 190 47.53 -55.63 -9.34
C ASN S 190 47.91 -54.52 -10.31
N ALA S 191 49.20 -54.49 -10.68
CA ALA S 191 49.72 -53.56 -11.67
C ALA S 191 50.82 -54.15 -12.54
N ALA S 192 51.62 -55.08 -12.04
CA ALA S 192 52.61 -55.76 -12.87
C ALA S 192 51.98 -56.85 -13.71
N GLU S 193 51.07 -57.62 -13.13
CA GLU S 193 50.37 -58.69 -13.85
C GLU S 193 49.03 -58.20 -14.37
N GLN T 22 59.75 -48.85 -7.27
CA GLN T 22 60.39 -48.19 -6.15
C GLN T 22 59.47 -48.15 -4.94
N GLU T 23 58.17 -48.28 -5.18
CA GLU T 23 57.18 -48.28 -4.11
C GLU T 23 56.95 -49.67 -3.54
N LEU T 24 57.01 -50.71 -4.37
CA LEU T 24 56.78 -52.06 -3.89
C LEU T 24 57.86 -52.48 -2.90
N GLU T 25 59.11 -52.07 -3.13
CA GLU T 25 60.17 -52.42 -2.21
C GLU T 25 60.09 -51.63 -0.92
N GLN T 26 59.48 -50.44 -0.95
CA GLN T 26 59.37 -49.63 0.26
C GLN T 26 58.36 -50.22 1.23
N LEU T 27 57.28 -50.82 0.71
CA LEU T 27 56.26 -51.41 1.57
C LEU T 27 56.32 -52.93 1.50
N ARG T 28 57.48 -53.50 1.80
CA ARG T 28 57.64 -54.96 1.83
C ARG T 28 57.25 -55.57 3.16
N ASP T 29 56.82 -54.75 4.13
CA ASP T 29 56.44 -55.23 5.45
C ASP T 29 54.96 -55.02 5.73
N VAL T 30 54.13 -54.92 4.69
CA VAL T 30 52.70 -54.70 4.83
C VAL T 30 51.96 -55.79 4.06
N THR T 31 50.85 -56.26 4.64
CA THR T 31 50.02 -57.33 4.09
C THR T 31 48.98 -56.75 3.14
N PRO T 32 48.80 -57.34 1.95
CA PRO T 32 47.79 -56.82 1.02
C PRO T 32 46.38 -56.95 1.58
N ILE T 33 45.47 -56.16 1.02
CA ILE T 33 44.12 -56.03 1.57
C ILE T 33 43.33 -57.34 1.45
N ASN T 34 43.57 -58.11 0.40
CA ASN T 34 42.82 -59.36 0.22
C ASN T 34 43.28 -60.47 1.15
N GLN T 35 44.34 -60.25 1.94
CA GLN T 35 44.87 -61.24 2.86
C GLN T 35 44.94 -60.71 4.29
N TRP T 36 44.03 -59.81 4.65
CA TRP T 36 43.97 -59.28 6.01
C TRP T 36 43.26 -60.25 6.93
N LYS T 37 43.78 -60.37 8.16
CA LYS T 37 43.28 -61.33 9.14
C LYS T 37 41.97 -60.80 9.73
N ARG T 38 40.89 -61.03 9.00
CA ARG T 38 39.55 -60.65 9.42
C ARG T 38 39.13 -61.57 10.56
N LYS T 39 39.20 -61.09 11.80
CA LYS T 39 38.92 -61.94 12.95
C LYS T 39 37.47 -62.40 12.95
N ARG T 40 36.54 -61.45 13.12
CA ARG T 40 35.10 -61.73 13.13
C ARG T 40 34.43 -60.73 12.21
N SER T 41 34.39 -61.04 10.92
CA SER T 41 33.67 -60.18 9.98
C SER T 41 32.19 -60.51 10.01
N LEU T 42 31.36 -59.47 9.89
CA LEU T 42 29.92 -59.62 9.94
C LEU T 42 29.27 -59.54 8.57
N TRP T 43 30.05 -59.60 7.50
CA TRP T 43 29.52 -59.52 6.15
C TRP T 43 28.87 -60.84 5.74
N ASP T 44 27.84 -60.74 4.90
CA ASP T 44 27.11 -61.88 4.35
C ASP T 44 26.48 -62.75 5.43
N ILE T 45 26.33 -62.22 6.64
CA ILE T 45 25.73 -62.96 7.74
C ILE T 45 24.24 -62.66 7.77
N LYS T 46 23.43 -63.71 7.67
CA LYS T 46 21.98 -63.60 7.66
C LYS T 46 21.39 -64.08 8.98
N PRO T 47 20.22 -63.59 9.38
CA PRO T 47 19.57 -64.09 10.60
C PRO T 47 19.18 -65.54 10.43
N PRO T 48 18.94 -66.26 11.53
CA PRO T 48 18.61 -67.69 11.43
C PRO T 48 17.28 -67.88 10.70
N GLY T 49 17.29 -68.81 9.74
CA GLY T 49 16.13 -69.12 8.93
C GLY T 49 16.09 -68.39 7.60
N TYR T 50 16.85 -67.31 7.45
CA TYR T 50 16.85 -66.50 6.24
C TYR T 50 17.85 -67.01 5.19
N GLU T 51 18.07 -68.33 5.14
CA GLU T 51 19.04 -68.87 4.19
C GLU T 51 18.60 -68.67 2.75
N LEU T 52 17.31 -68.85 2.48
CA LEU T 52 16.78 -68.68 1.12
C LEU T 52 16.25 -67.28 0.86
N VAL T 53 16.26 -66.41 1.85
CA VAL T 53 15.75 -65.05 1.70
C VAL T 53 16.89 -64.16 1.24
N THR T 54 16.76 -63.60 0.04
CA THR T 54 17.77 -62.68 -0.48
C THR T 54 17.54 -61.28 0.10
N ALA T 55 18.49 -60.39 -0.18
CA ALA T 55 18.39 -59.02 0.34
C ALA T 55 17.23 -58.26 -0.29
N ASP T 56 16.91 -58.55 -1.55
CA ASP T 56 15.80 -57.85 -2.20
C ASP T 56 14.46 -58.24 -1.59
N GLN T 57 14.30 -59.52 -1.24
CA GLN T 57 13.05 -59.97 -0.63
C GLN T 57 12.90 -59.42 0.78
N ALA T 58 14.01 -59.14 1.47
CA ALA T 58 13.93 -58.59 2.82
C ALA T 58 13.53 -57.13 2.79
N LYS T 59 13.94 -56.39 1.77
CA LYS T 59 13.56 -54.99 1.67
C LYS T 59 12.09 -54.84 1.29
N MET T 60 11.62 -55.67 0.36
CA MET T 60 10.22 -55.63 -0.05
C MET T 60 9.29 -56.09 1.06
N SER T 61 9.78 -56.88 2.01
CA SER T 61 8.95 -57.35 3.12
C SER T 61 8.74 -56.27 4.17
N GLY T 62 9.57 -55.23 4.20
CA GLY T 62 9.44 -54.18 5.19
C GLY T 62 9.88 -54.56 6.58
N VAL T 63 10.42 -55.76 6.79
CA VAL T 63 10.83 -56.18 8.12
C VAL T 63 12.09 -55.44 8.56
N PHE T 64 12.91 -54.99 7.60
CA PHE T 64 14.15 -54.26 7.89
C PHE T 64 14.06 -52.89 7.24
N PRO T 65 13.36 -51.94 7.86
CA PRO T 65 13.22 -50.61 7.28
C PRO T 65 14.31 -49.65 7.75
N LEU T 66 14.48 -48.57 6.97
CA LEU T 66 15.39 -47.51 7.33
C LEU T 66 14.76 -46.60 8.38
N PRO T 67 15.57 -45.93 9.22
CA PRO T 67 15.01 -45.04 10.24
C PRO T 67 14.19 -43.90 9.65
N GLY T 68 12.88 -43.91 9.90
CA GLY T 68 12.00 -42.88 9.38
C GLY T 68 10.74 -43.44 8.77
N VAL V 16 -28.73 79.73 -13.82
CA VAL V 16 -28.64 78.93 -15.03
C VAL V 16 -27.81 77.68 -14.78
N ASN V 17 -26.77 77.82 -13.95
CA ASN V 17 -25.97 76.68 -13.54
C ASN V 17 -26.61 75.96 -12.37
N CYS V 18 -26.50 74.63 -12.36
CA CYS V 18 -27.05 73.84 -11.27
C CYS V 18 -26.13 73.92 -10.06
N SER V 19 -26.66 74.46 -8.95
CA SER V 19 -25.87 74.60 -7.74
C SER V 19 -25.62 73.26 -7.08
N PHE V 20 -26.58 72.34 -7.14
CA PHE V 20 -26.45 71.08 -6.43
C PHE V 20 -25.36 70.19 -7.02
N TYR V 21 -25.17 70.23 -8.34
CA TYR V 21 -24.09 69.45 -8.93
C TYR V 21 -22.73 70.13 -8.76
N TYR V 22 -22.71 71.46 -8.71
CA TYR V 22 -21.44 72.16 -8.54
C TYR V 22 -20.91 72.09 -7.11
N LYS V 23 -21.80 71.97 -6.12
CA LYS V 23 -21.41 71.90 -4.72
C LYS V 23 -21.40 70.48 -4.18
N ILE V 24 -22.47 69.70 -4.43
CA ILE V 24 -22.57 68.36 -3.88
C ILE V 24 -22.06 67.29 -4.84
N GLY V 25 -21.98 67.59 -6.14
CA GLY V 25 -21.52 66.62 -7.10
C GLY V 25 -22.56 65.64 -7.60
N ALA V 26 -23.82 65.83 -7.24
CA ALA V 26 -24.89 64.94 -7.69
C ALA V 26 -26.23 65.65 -7.54
N CYS V 27 -27.03 65.62 -8.59
CA CYS V 27 -28.34 66.26 -8.59
C CYS V 27 -29.43 65.19 -8.63
N ARG V 28 -30.58 65.52 -8.02
CA ARG V 28 -31.69 64.58 -7.95
C ARG V 28 -32.31 64.33 -9.31
N HIS V 29 -32.19 65.27 -10.25
CA HIS V 29 -32.77 65.10 -11.57
C HIS V 29 -31.81 64.48 -12.57
N GLY V 30 -30.51 64.65 -12.39
CA GLY V 30 -29.54 64.03 -13.28
C GLY V 30 -29.53 64.71 -14.64
N GLU V 31 -29.60 63.91 -15.71
CA GLU V 31 -29.54 64.45 -17.05
C GLU V 31 -30.84 65.15 -17.46
N ARG V 32 -31.90 65.00 -16.67
CA ARG V 32 -33.18 65.66 -16.95
C ARG V 32 -33.30 67.00 -16.23
N CYS V 33 -32.24 67.47 -15.60
CA CYS V 33 -32.28 68.72 -14.85
C CYS V 33 -32.41 69.91 -15.79
N SER V 34 -33.12 70.94 -15.33
CA SER V 34 -33.31 72.15 -16.13
C SER V 34 -32.05 73.02 -16.18
N ARG V 35 -31.15 72.85 -15.23
CA ARG V 35 -29.90 73.60 -15.22
C ARG V 35 -28.73 72.73 -15.66
N LYS V 36 -27.63 73.39 -16.04
CA LYS V 36 -26.50 72.71 -16.64
C LYS V 36 -25.66 72.02 -15.57
N HIS V 37 -25.20 70.81 -15.89
CA HIS V 37 -24.26 70.06 -15.06
C HIS V 37 -22.92 70.11 -15.78
N VAL V 38 -22.04 71.00 -15.32
CA VAL V 38 -20.73 71.18 -15.96
C VAL V 38 -19.79 70.12 -15.39
N LYS V 39 -19.32 69.24 -16.28
CA LYS V 39 -18.41 68.17 -15.87
C LYS V 39 -16.97 68.68 -15.94
N PRO V 40 -16.25 68.72 -14.82
CA PRO V 40 -14.90 69.28 -14.84
C PRO V 40 -13.91 68.34 -15.52
N ASN V 41 -12.96 68.95 -16.25
CA ASN V 41 -11.88 68.19 -16.87
C ASN V 41 -10.68 68.01 -15.95
N PHE V 42 -10.42 68.97 -15.08
CA PHE V 42 -9.34 68.91 -14.10
C PHE V 42 -9.93 69.11 -12.71
N SER V 43 -9.69 68.15 -11.82
CA SER V 43 -10.21 68.22 -10.46
C SER V 43 -9.37 67.34 -9.56
N GLN V 44 -9.43 67.63 -8.26
CA GLN V 44 -8.75 66.83 -7.26
C GLN V 44 -9.65 65.77 -6.63
N THR V 45 -10.97 65.89 -6.79
CA THR V 45 -11.93 64.99 -6.17
C THR V 45 -12.54 64.09 -7.24
N ILE V 46 -12.63 62.80 -6.94
CA ILE V 46 -13.22 61.81 -7.81
C ILE V 46 -14.47 61.26 -7.11
N LEU V 47 -15.40 60.74 -7.92
CA LEU V 47 -16.67 60.23 -7.42
C LEU V 47 -16.89 58.81 -7.92
N CYS V 48 -17.28 57.92 -7.00
CA CYS V 48 -17.66 56.54 -7.33
C CYS V 48 -19.11 56.35 -6.91
N PRO V 49 -20.06 56.62 -7.80
CA PRO V 49 -21.48 56.55 -7.41
C PRO V 49 -21.94 55.12 -7.17
N ASN V 50 -22.76 54.96 -6.13
CA ASN V 50 -23.41 53.70 -5.78
C ASN V 50 -22.39 52.58 -5.58
N MET V 51 -21.45 52.83 -4.67
CA MET V 51 -20.43 51.83 -4.32
C MET V 51 -20.66 51.20 -2.97
N TYR V 52 -21.14 51.96 -1.98
CA TYR V 52 -21.39 51.44 -0.64
C TYR V 52 -22.86 51.02 -0.55
N LYS V 53 -23.10 49.72 -0.46
CA LYS V 53 -24.44 49.18 -0.27
C LYS V 53 -24.62 48.93 1.23
N ASN V 54 -25.24 49.87 1.91
CA ASN V 54 -25.44 49.76 3.36
C ASN V 54 -26.47 48.68 3.66
N PRO V 55 -26.12 47.62 4.42
CA PRO V 55 -27.10 46.57 4.71
C PRO V 55 -28.29 47.04 5.54
N ILE V 56 -28.15 48.14 6.28
CA ILE V 56 -29.23 48.63 7.14
C ILE V 56 -30.48 49.03 6.35
N HIS V 57 -30.34 49.35 5.06
CA HIS V 57 -31.47 49.75 4.24
C HIS V 57 -32.11 48.57 3.51
N GLU V 58 -32.06 47.37 4.09
CA GLU V 58 -32.75 46.22 3.53
C GLU V 58 -33.67 45.58 4.55
N LYS V 62 -32.04 43.81 10.27
CA LYS V 62 -32.09 43.81 11.72
C LYS V 62 -31.51 42.53 12.31
N LYS V 63 -30.66 41.86 11.54
CA LYS V 63 -30.01 40.64 12.03
C LYS V 63 -28.66 40.92 12.64
N PHE V 64 -28.06 42.06 12.32
CA PHE V 64 -26.78 42.49 12.89
C PHE V 64 -27.04 43.40 14.08
N THR V 65 -26.14 43.36 15.06
CA THR V 65 -26.25 44.23 16.21
C THR V 65 -25.49 45.54 15.95
N GLN V 66 -25.58 46.47 16.90
CA GLN V 66 -24.92 47.77 16.72
C GLN V 66 -23.41 47.60 16.63
N ARG V 67 -22.86 46.64 17.39
CA ARG V 67 -21.42 46.38 17.33
C ARG V 67 -21.01 45.77 16.00
N GLU V 68 -21.85 44.87 15.46
CA GLU V 68 -21.52 44.25 14.18
C GLU V 68 -21.63 45.24 13.03
N LEU V 69 -22.61 46.15 13.10
CA LEU V 69 -22.76 47.14 12.04
C LEU V 69 -21.60 48.13 12.03
N ALA V 70 -21.06 48.46 13.20
CA ALA V 70 -19.93 49.39 13.25
C ALA V 70 -18.67 48.75 12.69
N GLU V 71 -18.44 47.47 13.00
CA GLU V 71 -17.26 46.79 12.47
C GLU V 71 -17.39 46.51 10.98
N GLN V 72 -18.61 46.35 10.48
CA GLN V 72 -18.79 46.10 9.05
C GLN V 72 -18.49 47.34 8.23
N PHE V 73 -18.88 48.52 8.72
CA PHE V 73 -18.57 49.75 8.00
C PHE V 73 -17.10 50.12 8.12
N ASP V 74 -16.47 49.82 9.27
CA ASP V 74 -15.05 50.08 9.43
C ASP V 74 -14.23 49.24 8.45
N ALA V 75 -14.66 48.00 8.19
CA ALA V 75 -14.00 47.17 7.20
C ALA V 75 -14.16 47.76 5.79
N PHE V 76 -15.26 48.44 5.53
CA PHE V 76 -15.45 49.07 4.23
C PHE V 76 -14.58 50.32 4.08
N TYR V 77 -14.60 51.19 5.09
CA TYR V 77 -13.79 52.41 5.03
C TYR V 77 -12.31 52.08 4.97
N GLU V 78 -11.88 51.04 5.71
CA GLU V 78 -10.51 50.58 5.61
C GLU V 78 -10.20 50.05 4.22
N ASP V 79 -11.15 49.32 3.63
CA ASP V 79 -10.96 48.78 2.29
C ASP V 79 -10.92 49.88 1.24
N MET V 80 -11.57 51.01 1.51
CA MET V 80 -11.56 52.12 0.57
C MET V 80 -10.29 52.95 0.67
N PHE V 81 -9.93 53.35 1.89
CA PHE V 81 -8.77 54.23 2.07
C PHE V 81 -7.49 53.57 1.59
N CYS V 82 -7.36 52.25 1.81
CA CYS V 82 -6.14 51.57 1.40
C CYS V 82 -6.05 51.45 -0.11
N GLU V 83 -7.18 51.21 -0.78
CA GLU V 83 -7.16 51.06 -2.23
C GLU V 83 -7.01 52.40 -2.94
N PHE V 84 -7.63 53.45 -2.41
CA PHE V 84 -7.48 54.78 -3.00
C PHE V 84 -6.08 55.36 -2.78
N SER V 85 -5.33 54.81 -1.83
CA SER V 85 -3.99 55.32 -1.56
C SER V 85 -3.00 54.97 -2.66
N LYS V 86 -3.31 53.97 -3.49
CA LYS V 86 -2.42 53.59 -4.58
C LYS V 86 -2.43 54.61 -5.71
N TYR V 87 -3.35 55.57 -5.71
CA TYR V 87 -3.43 56.60 -6.73
C TYR V 87 -2.87 57.94 -6.26
N GLY V 88 -2.13 57.96 -5.17
CA GLY V 88 -1.58 59.19 -4.63
C GLY V 88 -2.05 59.45 -3.22
N GLU V 89 -1.77 60.66 -2.75
CA GLU V 89 -2.10 61.07 -1.40
C GLU V 89 -3.60 61.34 -1.26
N VAL V 90 -4.20 60.78 -0.22
CA VAL V 90 -5.62 60.95 0.05
C VAL V 90 -5.78 62.01 1.14
N GLU V 91 -6.52 63.07 0.84
CA GLU V 91 -6.74 64.15 1.79
C GLU V 91 -7.98 63.91 2.66
N GLN V 92 -9.06 63.41 2.06
CA GLN V 92 -10.30 63.18 2.79
C GLN V 92 -11.10 62.12 2.07
N LEU V 93 -11.78 61.26 2.84
CA LEU V 93 -12.62 60.21 2.29
C LEU V 93 -14.00 60.32 2.94
N VAL V 94 -15.03 60.54 2.12
CA VAL V 94 -16.39 60.74 2.58
C VAL V 94 -17.29 59.70 1.94
N VAL V 95 -18.13 59.07 2.75
CA VAL V 95 -19.08 58.07 2.28
C VAL V 95 -20.49 58.54 2.62
N CYS V 96 -21.35 58.62 1.61
CA CYS V 96 -22.71 59.12 1.79
C CYS V 96 -23.66 57.97 2.14
N ASP V 97 -24.53 58.22 3.11
CA ASP V 97 -25.52 57.26 3.57
C ASP V 97 -26.93 57.69 3.17
N ASN V 98 -27.07 58.27 1.99
CA ASN V 98 -28.36 58.76 1.51
C ASN V 98 -29.11 57.65 0.77
N VAL V 99 -30.37 57.95 0.45
CA VAL V 99 -31.21 57.01 -0.29
C VAL V 99 -31.62 57.54 -1.65
N GLY V 100 -31.39 58.82 -1.94
CA GLY V 100 -31.72 59.35 -3.26
C GLY V 100 -30.98 58.62 -4.35
N ASP V 101 -31.65 58.49 -5.51
CA ASP V 101 -31.14 57.69 -6.61
C ASP V 101 -29.82 58.21 -7.18
N HIS V 102 -29.35 59.37 -6.75
CA HIS V 102 -28.07 59.91 -7.21
C HIS V 102 -27.10 60.21 -6.07
N LEU V 103 -27.46 59.93 -4.83
CA LEU V 103 -26.55 60.06 -3.71
C LEU V 103 -26.48 58.79 -2.86
N VAL V 104 -27.03 57.69 -3.34
CA VAL V 104 -27.04 56.44 -2.58
C VAL V 104 -25.66 55.80 -2.67
N GLY V 105 -25.02 55.62 -1.52
CA GLY V 105 -23.73 54.95 -1.47
C GLY V 105 -22.61 55.64 -2.23
N ASN V 106 -22.70 56.96 -2.39
CA ASN V 106 -21.63 57.67 -3.08
C ASN V 106 -20.41 57.77 -2.19
N VAL V 107 -19.23 57.64 -2.81
CA VAL V 107 -17.95 57.68 -2.11
C VAL V 107 -17.12 58.78 -2.75
N TYR V 108 -16.83 59.83 -1.98
CA TYR V 108 -16.01 60.93 -2.43
C TYR V 108 -14.64 60.87 -1.77
N VAL V 109 -13.59 61.02 -2.56
CA VAL V 109 -12.21 61.02 -2.07
C VAL V 109 -11.46 62.14 -2.78
N ARG V 110 -10.85 63.04 -2.00
CA ARG V 110 -10.11 64.17 -2.53
C ARG V 110 -8.61 63.90 -2.43
N PHE V 111 -7.94 63.90 -3.57
CA PHE V 111 -6.51 63.69 -3.64
C PHE V 111 -5.74 65.00 -3.47
N LYS V 112 -4.43 64.87 -3.28
CA LYS V 112 -3.57 66.05 -3.10
C LYS V 112 -3.26 66.73 -4.43
N TYR V 113 -3.05 65.95 -5.49
CA TYR V 113 -2.71 66.47 -6.80
C TYR V 113 -3.83 66.20 -7.80
N GLU V 114 -3.95 67.08 -8.79
CA GLU V 114 -4.98 66.90 -9.81
C GLU V 114 -4.67 65.72 -10.72
N GLU V 115 -3.39 65.43 -10.92
CA GLU V 115 -3.01 64.27 -11.73
C GLU V 115 -3.37 62.96 -11.03
N SER V 116 -3.41 62.97 -9.69
CA SER V 116 -3.78 61.77 -8.96
C SER V 116 -5.22 61.36 -9.24
N ALA V 117 -6.11 62.32 -9.47
CA ALA V 117 -7.51 62.00 -9.75
C ALA V 117 -7.69 61.44 -11.15
N GLN V 118 -6.91 61.92 -12.12
CA GLN V 118 -7.03 61.42 -13.49
C GLN V 118 -6.57 59.97 -13.59
N ASN V 119 -5.50 59.62 -12.89
CA ASN V 119 -5.03 58.24 -12.88
C ASN V 119 -6.01 57.31 -12.17
N ALA V 120 -6.86 57.85 -11.31
CA ALA V 120 -7.85 57.03 -10.60
C ALA V 120 -8.98 56.61 -11.53
N ILE V 121 -9.53 57.56 -12.30
CA ILE V 121 -10.65 57.23 -13.17
C ILE V 121 -10.22 56.29 -14.30
N ASP V 122 -8.94 56.34 -14.69
CA ASP V 122 -8.45 55.46 -15.75
C ASP V 122 -8.32 54.02 -15.28
N ASP V 123 -8.14 53.77 -13.99
CA ASP V 123 -7.99 52.42 -13.47
C ASP V 123 -9.24 51.88 -12.77
N LEU V 124 -9.99 52.75 -12.08
CA LEU V 124 -11.18 52.28 -11.37
C LEU V 124 -12.29 51.88 -12.31
N ASN V 125 -12.40 52.54 -13.47
CA ASN V 125 -13.45 52.22 -14.44
C ASN V 125 -13.25 50.88 -15.12
N SER V 126 -12.15 50.18 -14.86
CA SER V 126 -11.91 48.86 -15.44
C SER V 126 -11.78 47.78 -14.38
N ARG V 127 -12.10 48.07 -13.13
CA ARG V 127 -12.00 47.12 -12.04
C ARG V 127 -13.39 46.80 -11.50
N TRP V 128 -13.44 45.88 -10.54
CA TRP V 128 -14.68 45.43 -9.93
C TRP V 128 -14.60 45.59 -8.42
N TYR V 129 -15.76 45.61 -7.77
CA TYR V 129 -15.83 45.64 -6.32
C TYR V 129 -17.17 45.07 -5.88
N SER V 130 -17.13 44.00 -5.07
CA SER V 130 -18.33 43.36 -4.53
C SER V 130 -19.29 42.94 -5.64
N GLN V 131 -18.73 42.26 -6.65
CA GLN V 131 -19.51 41.71 -7.76
C GLN V 131 -20.26 42.80 -8.53
N ARG V 132 -19.67 43.99 -8.63
CA ARG V 132 -20.28 45.10 -9.37
C ARG V 132 -19.18 45.91 -10.04
N PRO V 133 -19.38 46.33 -11.29
CA PRO V 133 -18.37 47.17 -11.95
C PRO V 133 -18.33 48.55 -11.32
N VAL V 134 -17.12 49.11 -11.23
CA VAL V 134 -16.91 50.38 -10.55
C VAL V 134 -17.06 51.51 -11.55
N TYR V 135 -17.96 52.45 -11.25
CA TYR V 135 -18.10 53.67 -12.02
C TYR V 135 -17.29 54.78 -11.36
N ALA V 136 -16.44 55.44 -12.15
CA ALA V 136 -15.58 56.49 -11.65
C ALA V 136 -15.61 57.68 -12.60
N GLU V 137 -15.67 58.88 -12.02
CA GLU V 137 -15.67 60.11 -12.81
C GLU V 137 -15.20 61.25 -11.93
N LEU V 138 -14.72 62.30 -12.57
CA LEU V 138 -14.25 63.47 -11.84
C LEU V 138 -15.43 64.28 -11.32
N SER V 139 -15.32 64.73 -10.06
CA SER V 139 -16.38 65.48 -9.42
C SER V 139 -15.92 66.90 -9.09
N PRO V 140 -16.76 67.91 -9.31
CA PRO V 140 -16.39 69.29 -9.01
C PRO V 140 -16.45 69.66 -7.54
N VAL V 141 -16.62 68.70 -6.64
CA VAL V 141 -16.69 69.00 -5.21
C VAL V 141 -15.32 69.41 -4.71
N THR V 142 -15.26 70.56 -4.03
CA THR V 142 -14.01 71.06 -3.47
C THR V 142 -14.04 71.06 -1.95
N ASP V 143 -15.00 71.74 -1.33
CA ASP V 143 -15.13 71.80 0.12
C ASP V 143 -16.27 70.89 0.57
N PHE V 144 -15.94 69.89 1.38
CA PHE V 144 -16.96 68.98 1.89
C PHE V 144 -17.82 69.62 2.97
N ARG V 145 -17.35 70.70 3.60
CA ARG V 145 -18.15 71.38 4.61
C ARG V 145 -19.37 72.06 3.99
N GLU V 146 -19.23 72.56 2.77
CA GLU V 146 -20.34 73.18 2.04
C GLU V 146 -21.33 72.16 1.49
N ALA V 147 -21.07 70.87 1.65
CA ALA V 147 -21.93 69.82 1.12
C ALA V 147 -22.67 69.03 2.19
N CYS V 148 -22.20 69.04 3.44
CA CYS V 148 -22.86 68.29 4.49
C CYS V 148 -24.13 69.00 4.97
N CYS V 149 -25.06 68.20 5.48
CA CYS V 149 -26.33 68.72 6.00
C CYS V 149 -26.12 69.33 7.38
N ARG V 150 -26.63 70.55 7.57
CA ARG V 150 -26.46 71.22 8.86
C ARG V 150 -27.35 70.60 9.93
N GLN V 151 -28.55 70.15 9.56
CA GLN V 151 -29.46 69.54 10.51
C GLN V 151 -29.14 68.08 10.79
N HIS V 152 -28.11 67.52 10.16
CA HIS V 152 -27.71 66.15 10.39
C HIS V 152 -26.64 66.01 11.47
N GLU V 153 -25.87 67.07 11.72
CA GLU V 153 -24.83 67.02 12.75
C GLU V 153 -25.43 66.79 14.13
N THR V 154 -26.57 67.42 14.42
CA THR V 154 -27.25 67.22 15.70
C THR V 154 -28.37 66.19 15.61
N SER V 155 -28.43 65.44 14.52
CA SER V 155 -29.45 64.40 14.32
C SER V 155 -30.85 64.99 14.36
N GLU V 156 -31.07 66.01 13.53
CA GLU V 156 -32.36 66.69 13.49
C GLU V 156 -32.82 66.95 12.06
N CYS V 157 -32.27 66.25 11.08
CA CYS V 157 -32.68 66.39 9.69
C CYS V 157 -34.02 65.69 9.52
N GLN V 158 -35.10 66.49 9.50
CA GLN V 158 -36.45 65.93 9.37
C GLN V 158 -36.69 65.34 7.99
N ARG V 159 -35.85 65.65 7.01
CA ARG V 159 -36.02 65.15 5.65
C ARG V 159 -35.57 63.71 5.50
N GLY V 160 -34.85 63.17 6.48
CA GLY V 160 -34.44 61.77 6.47
C GLY V 160 -33.33 61.47 5.47
N GLY V 161 -33.30 60.21 5.04
CA GLY V 161 -32.29 59.76 4.09
C GLY V 161 -32.44 60.31 2.70
N LEU V 162 -33.61 60.85 2.38
CA LEU V 162 -33.87 61.44 1.06
C LEU V 162 -33.39 62.88 0.96
N CYS V 163 -32.57 63.32 1.91
CA CYS V 163 -32.02 64.67 1.87
C CYS V 163 -31.09 64.83 0.68
N ASN V 164 -31.13 65.98 0.03
CA ASN V 164 -30.29 66.25 -1.12
C ASN V 164 -28.86 66.64 -0.74
N PHE V 165 -28.58 66.79 0.56
CA PHE V 165 -27.24 67.07 1.03
C PHE V 165 -26.58 65.79 1.56
N MET V 166 -25.27 65.85 1.73
CA MET V 166 -24.50 64.67 2.11
C MET V 166 -24.79 64.28 3.56
N HIS V 167 -25.28 63.06 3.76
CA HIS V 167 -25.39 62.46 5.09
C HIS V 167 -24.21 61.53 5.26
N ALA V 168 -23.05 62.12 5.53
CA ALA V 168 -21.81 61.36 5.61
C ALA V 168 -21.84 60.40 6.79
N LYS V 169 -21.53 59.14 6.52
CA LYS V 169 -21.43 58.12 7.57
C LYS V 169 -19.98 58.05 8.02
N LYS V 170 -19.71 58.53 9.23
CA LYS V 170 -18.33 58.58 9.70
C LYS V 170 -17.91 57.24 10.30
N PRO V 171 -16.69 56.80 10.04
CA PRO V 171 -16.20 55.55 10.65
C PRO V 171 -15.79 55.75 12.09
N SER V 172 -15.13 54.76 12.68
CA SER V 172 -14.64 54.92 14.04
C SER V 172 -13.49 55.92 14.06
N PRO V 173 -13.42 56.77 15.10
CA PRO V 173 -12.31 57.74 15.17
C PRO V 173 -10.94 57.10 15.27
N GLN V 174 -10.86 55.89 15.82
CA GLN V 174 -9.57 55.22 15.91
C GLN V 174 -9.05 54.82 14.54
N LEU V 175 -9.94 54.34 13.67
CA LEU V 175 -9.53 53.92 12.33
C LEU V 175 -9.12 55.11 11.48
N LEU V 176 -9.84 56.23 11.59
CA LEU V 176 -9.51 57.40 10.79
C LEU V 176 -8.14 57.96 11.12
N ARG V 177 -7.77 57.95 12.41
CA ARG V 177 -6.45 58.43 12.80
C ARG V 177 -5.36 57.43 12.38
N ASP V 178 -5.63 56.14 12.52
CA ASP V 178 -4.63 55.13 12.16
C ASP V 178 -4.36 55.12 10.65
N LEU V 179 -5.35 55.54 9.85
CA LEU V 179 -5.15 55.56 8.40
C LEU V 179 -4.33 56.78 7.98
N VAL V 180 -4.55 57.92 8.61
CA VAL V 180 -3.79 59.13 8.27
C VAL V 180 -2.35 58.99 8.72
N LEU V 181 -2.13 58.42 9.91
CA LEU V 181 -0.76 58.23 10.40
C LEU V 181 -0.01 57.22 9.54
N ALA V 182 -0.71 56.17 9.08
CA ALA V 182 -0.08 55.19 8.21
C ALA V 182 0.18 55.78 6.82
N GLN V 183 -0.71 56.66 6.36
CA GLN V 183 -0.49 57.33 5.08
C GLN V 183 0.65 58.32 5.17
N ARG V 184 0.78 59.00 6.32
CA ARG V 184 1.88 59.94 6.51
C ARG V 184 3.23 59.23 6.50
N LYS V 185 3.29 57.98 6.96
CA LYS V 185 4.54 57.23 6.91
C LYS V 185 4.86 56.77 5.49
N TYR V 186 3.84 56.38 4.72
CA TYR V 186 4.09 55.91 3.36
C TYR V 186 4.67 57.02 2.48
N LEU V 187 4.21 58.26 2.68
CA LEU V 187 4.76 59.37 1.92
C LEU V 187 6.11 59.82 2.47
N ALA V 188 6.30 59.73 3.79
CA ALA V 188 7.58 60.06 4.39
C ALA V 188 8.66 59.06 4.02
N LEU V 189 8.28 57.79 3.84
CA LEU V 189 9.23 56.77 3.41
C LEU V 189 9.72 57.03 1.99
N ASN V 190 8.90 57.64 1.15
CA ASN V 190 9.32 58.02 -0.20
C ASN V 190 10.08 59.33 -0.10
N ALA V 191 11.38 59.22 0.18
CA ALA V 191 12.29 60.35 0.25
C ALA V 191 13.67 60.06 -0.32
N ALA V 192 14.14 58.81 -0.32
CA ALA V 192 15.41 58.46 -0.95
C ALA V 192 15.23 58.34 -2.46
N SER W 16 15.64 70.32 3.29
CA SER W 16 14.46 69.50 3.07
C SER W 16 14.60 68.14 3.76
N VAL W 17 15.83 67.62 3.81
CA VAL W 17 16.06 66.33 4.45
C VAL W 17 15.87 66.44 5.96
N ARG W 18 16.15 67.60 6.55
CA ARG W 18 15.94 67.77 7.98
C ARG W 18 14.46 67.74 8.35
N SER W 19 13.60 68.27 7.48
CA SER W 19 12.17 68.24 7.74
C SER W 19 11.55 66.86 7.57
N ILE W 20 12.29 65.91 6.97
CA ILE W 20 11.78 64.56 6.79
C ILE W 20 12.08 63.68 8.00
N GLU W 21 13.31 63.76 8.52
CA GLU W 21 13.69 62.94 9.67
C GLU W 21 12.92 63.31 10.92
N GLN W 22 12.40 64.54 11.00
CA GLN W 22 11.60 64.93 12.16
C GLN W 22 10.23 64.27 12.16
N GLU W 23 9.72 63.87 10.99
CA GLU W 23 8.43 63.17 10.92
C GLU W 23 8.57 61.67 11.11
N LEU W 24 9.66 61.07 10.62
CA LEU W 24 9.84 59.63 10.78
C LEU W 24 10.05 59.24 12.24
N GLU W 25 10.77 60.07 12.99
CA GLU W 25 11.01 59.75 14.40
C GLU W 25 9.72 59.77 15.21
N GLN W 26 8.76 60.62 14.84
CA GLN W 26 7.48 60.61 15.55
C GLN W 26 6.64 59.39 15.15
N LEU W 27 6.58 59.09 13.86
CA LEU W 27 5.80 57.96 13.36
C LEU W 27 6.70 56.76 13.07
N ARG W 28 7.42 56.29 14.10
CA ARG W 28 8.24 55.10 13.93
C ARG W 28 7.52 53.82 14.33
N ASP W 29 6.45 53.92 15.11
CA ASP W 29 5.72 52.75 15.59
C ASP W 29 4.39 52.57 14.88
N VAL W 30 4.27 53.09 13.66
CA VAL W 30 3.07 52.92 12.83
C VAL W 30 3.46 52.15 11.58
N THR W 31 2.62 51.18 11.21
CA THR W 31 2.88 50.41 10.00
C THR W 31 2.41 51.20 8.78
N PRO W 32 3.21 51.26 7.72
CA PRO W 32 2.80 52.01 6.52
C PRO W 32 1.60 51.38 5.82
N ILE W 33 0.93 52.21 5.02
CA ILE W 33 -0.32 51.81 4.38
C ILE W 33 -0.09 50.69 3.36
N ASN W 34 1.10 50.60 2.78
CA ASN W 34 1.38 49.59 1.77
C ASN W 34 1.56 48.19 2.35
N GLN W 35 1.52 48.05 3.68
CA GLN W 35 1.66 46.74 4.31
C GLN W 35 0.47 46.40 5.21
N TRP W 36 -0.67 47.05 5.00
CA TRP W 36 -1.87 46.71 5.76
C TRP W 36 -2.50 45.45 5.19
N LYS W 37 -2.69 44.45 6.04
CA LYS W 37 -3.26 43.17 5.64
C LYS W 37 -4.79 43.23 5.70
N ARG W 38 -5.41 43.60 4.59
CA ARG W 38 -6.87 43.59 4.52
C ARG W 38 -7.34 42.15 4.44
N LYS W 39 -8.07 41.70 5.46
CA LYS W 39 -8.41 40.29 5.57
C LYS W 39 -9.47 39.88 4.55
N ARG W 40 -10.52 40.68 4.37
CA ARG W 40 -11.59 40.36 3.42
C ARG W 40 -11.87 41.62 2.61
N SER W 41 -10.99 41.89 1.64
CA SER W 41 -11.15 43.02 0.74
C SER W 41 -11.97 42.56 -0.47
N LEU W 42 -13.01 43.32 -0.79
CA LEU W 42 -13.94 42.97 -1.86
C LEU W 42 -13.55 43.59 -3.19
N TRP W 43 -12.32 44.08 -3.32
CA TRP W 43 -11.89 44.67 -4.58
C TRP W 43 -11.56 43.58 -5.58
N ASP W 44 -11.83 43.87 -6.85
CA ASP W 44 -11.59 42.98 -7.98
C ASP W 44 -12.37 41.66 -7.88
N ILE W 45 -13.34 41.57 -6.97
CA ILE W 45 -14.16 40.37 -6.85
C ILE W 45 -15.27 40.44 -7.89
N LYS W 46 -15.27 39.48 -8.80
CA LYS W 46 -16.25 39.45 -9.87
C LYS W 46 -17.37 38.47 -9.53
N PRO W 47 -18.59 38.72 -10.02
CA PRO W 47 -19.70 37.81 -9.74
C PRO W 47 -19.48 36.45 -10.39
N PRO W 48 -20.14 35.41 -9.90
CA PRO W 48 -19.96 34.08 -10.49
C PRO W 48 -20.44 34.06 -11.93
N GLY W 49 -19.58 33.54 -12.82
CA GLY W 49 -19.85 33.48 -14.23
C GLY W 49 -19.19 34.57 -15.06
N TYR W 50 -18.85 35.71 -14.44
CA TYR W 50 -18.28 36.85 -15.13
C TYR W 50 -16.75 36.84 -15.15
N GLU W 51 -16.13 35.67 -15.22
CA GLU W 51 -14.67 35.61 -15.19
C GLU W 51 -14.04 36.19 -16.44
N LEU W 52 -14.71 36.08 -17.59
CA LEU W 52 -14.19 36.58 -18.85
C LEU W 52 -14.78 37.92 -19.27
N VAL W 53 -15.70 38.47 -18.48
CA VAL W 53 -16.34 39.74 -18.80
C VAL W 53 -15.57 40.87 -18.13
N THR W 54 -15.15 41.86 -18.91
CA THR W 54 -14.48 43.02 -18.36
C THR W 54 -15.51 44.02 -17.84
N ALA W 55 -15.02 45.02 -17.10
CA ALA W 55 -15.91 46.03 -16.54
C ALA W 55 -16.57 46.89 -17.61
N ASP W 56 -15.88 47.13 -18.74
CA ASP W 56 -16.47 47.98 -19.77
C ASP W 56 -17.62 47.30 -20.50
N GLN W 57 -17.48 46.03 -20.83
CA GLN W 57 -18.57 45.32 -21.50
C GLN W 57 -19.74 45.08 -20.57
N ALA W 58 -19.48 44.98 -19.26
CA ALA W 58 -20.57 44.75 -18.31
C ALA W 58 -21.39 46.02 -18.05
N LYS W 59 -20.75 47.19 -18.04
CA LYS W 59 -21.49 48.43 -17.82
C LYS W 59 -22.33 48.82 -19.02
N MET W 60 -21.83 48.55 -20.24
CA MET W 60 -22.57 48.90 -21.44
C MET W 60 -23.73 47.94 -21.71
N SER W 61 -23.72 46.75 -21.11
CA SER W 61 -24.79 45.79 -21.33
C SER W 61 -26.08 46.19 -20.64
N GLY W 62 -26.01 47.04 -19.63
CA GLY W 62 -27.18 47.47 -18.90
C GLY W 62 -27.60 46.56 -17.77
N VAL W 63 -26.86 45.48 -17.50
CA VAL W 63 -27.20 44.59 -16.40
C VAL W 63 -26.79 45.19 -15.06
N PHE W 64 -25.89 46.16 -15.05
CA PHE W 64 -25.46 46.87 -13.84
C PHE W 64 -25.70 48.35 -14.06
N PRO W 65 -26.94 48.82 -13.98
CA PRO W 65 -27.23 50.23 -14.19
C PRO W 65 -27.22 51.03 -12.89
N LEU W 66 -27.02 52.33 -13.04
CA LEU W 66 -27.07 53.21 -11.89
C LEU W 66 -28.54 53.49 -11.52
N PRO W 67 -28.81 53.82 -10.26
CA PRO W 67 -30.20 54.09 -9.85
C PRO W 67 -30.85 55.23 -10.61
N GLY W 68 -30.07 56.11 -11.24
CA GLY W 68 -30.62 57.21 -11.99
C GLY W 68 -30.89 56.87 -13.44
N VAL Y 16 -44.63 45.73 -32.44
CA VAL Y 16 -44.88 45.68 -31.00
C VAL Y 16 -44.34 44.36 -30.43
N ASN Y 17 -44.43 43.29 -31.23
CA ASN Y 17 -43.87 42.01 -30.83
C ASN Y 17 -42.39 42.14 -30.54
N CYS Y 18 -41.92 41.38 -29.55
CA CYS Y 18 -40.52 41.42 -29.18
C CYS Y 18 -39.68 40.70 -30.22
N SER Y 19 -38.78 41.46 -30.88
CA SER Y 19 -37.95 40.89 -31.93
C SER Y 19 -36.91 39.93 -31.37
N PHE Y 20 -36.37 40.24 -30.18
CA PHE Y 20 -35.28 39.44 -29.63
C PHE Y 20 -35.75 38.03 -29.25
N TYR Y 21 -37.00 37.89 -28.80
CA TYR Y 21 -37.50 36.57 -28.46
C TYR Y 21 -37.87 35.76 -29.70
N TYR Y 22 -38.30 36.42 -30.77
CA TYR Y 22 -38.68 35.69 -31.98
C TYR Y 22 -37.48 35.17 -32.76
N LYS Y 23 -36.32 35.85 -32.67
CA LYS Y 23 -35.13 35.46 -33.40
C LYS Y 23 -34.14 34.69 -32.54
N ILE Y 24 -33.86 35.15 -31.32
CA ILE Y 24 -32.88 34.48 -30.48
C ILE Y 24 -33.52 33.44 -29.57
N GLY Y 25 -34.83 33.54 -29.32
CA GLY Y 25 -35.50 32.62 -28.44
C GLY Y 25 -35.39 32.94 -26.96
N ALA Y 26 -34.80 34.07 -26.61
CA ALA Y 26 -34.63 34.46 -25.22
C ALA Y 26 -34.35 35.95 -25.15
N CYS Y 27 -35.07 36.66 -24.29
CA CYS Y 27 -34.89 38.08 -24.08
C CYS Y 27 -34.28 38.33 -22.71
N ARG Y 28 -33.50 39.41 -22.60
CA ARG Y 28 -32.80 39.71 -21.35
C ARG Y 28 -33.74 40.06 -20.22
N HIS Y 29 -34.96 40.52 -20.52
CA HIS Y 29 -35.89 40.90 -19.46
C HIS Y 29 -36.77 39.74 -19.01
N GLY Y 30 -37.02 38.76 -19.88
CA GLY Y 30 -37.80 37.60 -19.46
C GLY Y 30 -39.26 37.97 -19.29
N GLU Y 31 -39.82 37.57 -18.15
CA GLU Y 31 -41.23 37.83 -17.86
C GLU Y 31 -41.50 39.29 -17.51
N ARG Y 32 -40.45 40.09 -17.29
CA ARG Y 32 -40.61 41.51 -16.99
C ARG Y 32 -40.55 42.37 -18.25
N CYS Y 33 -40.50 41.76 -19.43
CA CYS Y 33 -40.40 42.52 -20.66
C CYS Y 33 -41.71 43.24 -20.96
N SER Y 34 -41.59 44.44 -21.54
CA SER Y 34 -42.77 45.21 -21.91
C SER Y 34 -43.43 44.68 -23.19
N ARG Y 35 -42.70 43.93 -24.00
CA ARG Y 35 -43.23 43.37 -25.24
C ARG Y 35 -43.55 41.89 -25.06
N LYS Y 36 -44.39 41.38 -25.95
CA LYS Y 36 -44.93 40.03 -25.82
C LYS Y 36 -43.92 38.98 -26.31
N HIS Y 37 -43.84 37.87 -25.58
CA HIS Y 37 -43.06 36.71 -25.96
C HIS Y 37 -44.04 35.63 -26.43
N VAL Y 38 -44.21 35.51 -27.74
CA VAL Y 38 -45.16 34.57 -28.32
C VAL Y 38 -44.48 33.21 -28.46
N LYS Y 39 -45.01 32.21 -27.76
CA LYS Y 39 -44.49 30.86 -27.82
C LYS Y 39 -45.16 30.09 -28.96
N PRO Y 40 -44.41 29.60 -29.95
CA PRO Y 40 -45.04 28.90 -31.06
C PRO Y 40 -45.54 27.53 -30.64
N ASN Y 41 -46.66 27.13 -31.23
CA ASN Y 41 -47.23 25.80 -30.96
C ASN Y 41 -46.63 24.71 -31.83
N PHE Y 42 -46.22 25.04 -33.06
CA PHE Y 42 -45.57 24.10 -33.95
C PHE Y 42 -44.22 24.67 -34.35
N SER Y 43 -43.15 23.92 -34.06
CA SER Y 43 -41.80 24.36 -34.38
C SER Y 43 -40.89 23.15 -34.45
N GLN Y 44 -39.77 23.33 -35.16
CA GLN Y 44 -38.75 22.29 -35.27
C GLN Y 44 -37.62 22.46 -34.26
N THR Y 45 -37.50 23.62 -33.63
CA THR Y 45 -36.41 23.92 -32.72
C THR Y 45 -36.90 23.92 -31.28
N ILE Y 46 -36.14 23.27 -30.40
CA ILE Y 46 -36.44 23.21 -28.97
C ILE Y 46 -35.32 23.92 -28.22
N LEU Y 47 -35.63 24.35 -27.00
CA LEU Y 47 -34.69 25.09 -26.17
C LEU Y 47 -34.58 24.42 -24.81
N CYS Y 48 -33.33 24.21 -24.35
CA CYS Y 48 -33.03 23.70 -23.02
C CYS Y 48 -32.21 24.75 -22.29
N PRO Y 49 -32.85 25.66 -21.57
CA PRO Y 49 -32.11 26.77 -20.94
C PRO Y 49 -31.21 26.30 -19.82
N ASN Y 50 -30.01 26.89 -19.75
CA ASN Y 50 -29.04 26.66 -18.68
C ASN Y 50 -28.69 25.18 -18.56
N MET Y 51 -28.24 24.60 -19.67
CA MET Y 51 -27.81 23.21 -19.69
C MET Y 51 -26.31 23.03 -19.78
N TYR Y 52 -25.61 23.89 -20.53
CA TYR Y 52 -24.16 23.79 -20.65
C TYR Y 52 -23.52 24.72 -19.63
N LYS Y 53 -22.87 24.15 -18.62
CA LYS Y 53 -22.13 24.90 -17.62
C LYS Y 53 -20.66 24.92 -18.03
N ASN Y 54 -20.22 26.01 -18.65
CA ASN Y 54 -18.84 26.12 -19.08
C ASN Y 54 -17.93 26.14 -17.86
N PRO Y 55 -16.99 25.22 -17.73
CA PRO Y 55 -16.14 25.19 -16.53
C PRO Y 55 -15.31 26.45 -16.28
N ILE Y 56 -15.06 27.28 -17.30
CA ILE Y 56 -14.19 28.44 -17.08
C ILE Y 56 -14.74 29.35 -15.99
N HIS Y 57 -16.06 29.45 -15.88
CA HIS Y 57 -16.69 30.23 -14.82
C HIS Y 57 -17.23 29.36 -13.69
N GLU Y 58 -16.59 28.24 -13.41
CA GLU Y 58 -17.05 27.27 -12.43
C GLU Y 58 -16.06 27.17 -11.28
N PRO Y 59 -16.47 26.62 -10.13
CA PRO Y 59 -15.55 26.58 -8.97
C PRO Y 59 -14.27 25.81 -9.22
N ASN Y 60 -14.28 24.79 -10.08
CA ASN Y 60 -13.07 24.04 -10.38
C ASN Y 60 -12.67 24.22 -11.84
N GLY Y 61 -12.62 25.46 -12.30
CA GLY Y 61 -12.47 25.70 -13.72
C GLY Y 61 -11.33 26.58 -14.17
N LYS Y 62 -10.34 26.81 -13.30
CA LYS Y 62 -9.10 27.43 -13.74
C LYS Y 62 -7.92 26.48 -13.54
N LYS Y 63 -8.20 25.18 -13.38
CA LYS Y 63 -7.19 24.16 -13.22
C LYS Y 63 -6.89 23.40 -14.49
N PHE Y 64 -7.76 23.49 -15.49
CA PHE Y 64 -7.61 22.76 -16.74
C PHE Y 64 -6.81 23.56 -17.77
N THR Y 65 -6.10 22.83 -18.62
CA THR Y 65 -5.33 23.44 -19.69
C THR Y 65 -6.17 23.57 -20.95
N GLN Y 66 -5.60 24.22 -21.96
CA GLN Y 66 -6.34 24.49 -23.19
C GLN Y 66 -6.71 23.19 -23.92
N ARG Y 67 -5.81 22.20 -23.87
CA ARG Y 67 -6.11 20.92 -24.50
C ARG Y 67 -7.19 20.17 -23.73
N GLU Y 68 -7.17 20.25 -22.40
CA GLU Y 68 -8.17 19.55 -21.60
C GLU Y 68 -9.55 20.21 -21.75
N LEU Y 69 -9.57 21.54 -21.89
CA LEU Y 69 -10.84 22.24 -22.04
C LEU Y 69 -11.52 21.93 -23.36
N ALA Y 70 -10.74 21.71 -24.43
CA ALA Y 70 -11.33 21.40 -25.72
C ALA Y 70 -11.95 20.00 -25.72
N GLU Y 71 -11.30 19.05 -25.06
CA GLU Y 71 -11.82 17.69 -25.02
C GLU Y 71 -13.07 17.59 -24.16
N GLN Y 72 -13.20 18.47 -23.16
CA GLN Y 72 -14.38 18.42 -22.31
C GLN Y 72 -15.64 18.90 -23.04
N PHE Y 73 -15.48 19.92 -23.89
CA PHE Y 73 -16.64 20.40 -24.65
C PHE Y 73 -17.03 19.42 -25.75
N ASP Y 74 -16.05 18.75 -26.36
CA ASP Y 74 -16.37 17.74 -27.37
C ASP Y 74 -17.12 16.58 -26.75
N ALA Y 75 -16.77 16.21 -25.51
CA ALA Y 75 -17.52 15.19 -24.80
C ALA Y 75 -18.94 15.65 -24.48
N PHE Y 76 -19.13 16.95 -24.27
CA PHE Y 76 -20.47 17.48 -24.01
C PHE Y 76 -21.29 17.51 -25.30
N TYR Y 77 -20.71 18.02 -26.38
CA TYR Y 77 -21.41 18.07 -27.66
C TYR Y 77 -21.75 16.67 -28.15
N GLU Y 78 -20.85 15.71 -27.92
CA GLU Y 78 -21.15 14.32 -28.24
C GLU Y 78 -22.29 13.79 -27.38
N ASP Y 79 -22.31 14.14 -26.10
CA ASP Y 79 -23.38 13.68 -25.21
C ASP Y 79 -24.72 14.31 -25.57
N MET Y 80 -24.70 15.50 -26.17
CA MET Y 80 -25.95 16.15 -26.57
C MET Y 80 -26.48 15.59 -27.88
N PHE Y 81 -25.63 15.56 -28.91
CA PHE Y 81 -26.08 15.14 -30.23
C PHE Y 81 -26.57 13.70 -30.22
N CYS Y 82 -25.91 12.82 -29.45
CA CYS Y 82 -26.30 11.43 -29.42
C CYS Y 82 -27.63 11.23 -28.71
N GLU Y 83 -27.86 11.97 -27.63
CA GLU Y 83 -29.10 11.81 -26.88
C GLU Y 83 -30.27 12.46 -27.59
N PHE Y 84 -30.05 13.62 -28.23
CA PHE Y 84 -31.11 14.28 -28.97
C PHE Y 84 -31.44 13.55 -30.26
N SER Y 85 -30.54 12.69 -30.75
CA SER Y 85 -30.80 11.95 -31.97
C SER Y 85 -31.83 10.84 -31.77
N LYS Y 86 -32.04 10.40 -30.53
CA LYS Y 86 -33.02 9.36 -30.26
C LYS Y 86 -34.46 9.85 -30.36
N TYR Y 87 -34.67 11.17 -30.48
CA TYR Y 87 -35.99 11.75 -30.67
C TYR Y 87 -36.26 12.14 -32.11
N GLY Y 88 -35.47 11.61 -33.04
CA GLY Y 88 -35.61 11.92 -34.45
C GLY Y 88 -34.33 12.53 -35.01
N GLU Y 89 -34.42 13.01 -36.25
CA GLU Y 89 -33.25 13.56 -36.93
C GLU Y 89 -32.96 14.96 -36.41
N VAL Y 90 -31.69 15.21 -36.09
CA VAL Y 90 -31.22 16.51 -35.61
C VAL Y 90 -30.54 17.21 -36.77
N GLU Y 91 -31.02 18.40 -37.11
CA GLU Y 91 -30.46 19.15 -38.23
C GLU Y 91 -29.28 20.03 -37.80
N GLN Y 92 -29.37 20.65 -36.63
CA GLN Y 92 -28.32 21.53 -36.14
C GLN Y 92 -28.37 21.57 -34.63
N LEU Y 93 -27.19 21.64 -34.01
CA LEU Y 93 -27.05 21.72 -32.55
C LEU Y 93 -26.20 22.93 -32.22
N VAL Y 94 -26.76 23.86 -31.45
CA VAL Y 94 -26.10 25.11 -31.09
C VAL Y 94 -26.03 25.19 -29.58
N VAL Y 95 -24.85 25.53 -29.06
CA VAL Y 95 -24.62 25.69 -27.63
C VAL Y 95 -24.14 27.11 -27.38
N CYS Y 96 -24.82 27.82 -26.49
CA CYS Y 96 -24.50 29.21 -26.21
C CYS Y 96 -23.50 29.31 -25.06
N ASP Y 97 -22.50 30.17 -25.24
CA ASP Y 97 -21.46 30.40 -24.25
C ASP Y 97 -21.58 31.80 -23.65
N ASN Y 98 -22.82 32.26 -23.45
CA ASN Y 98 -23.07 33.58 -22.91
C ASN Y 98 -23.11 33.56 -21.39
N VAL Y 99 -23.17 34.76 -20.80
CA VAL Y 99 -23.25 34.92 -19.36
C VAL Y 99 -24.55 35.57 -18.92
N GLY Y 100 -25.33 36.14 -19.85
CA GLY Y 100 -26.60 36.71 -19.47
C GLY Y 100 -27.53 35.68 -18.86
N ASP Y 101 -28.33 36.13 -17.88
CA ASP Y 101 -29.15 35.23 -17.09
C ASP Y 101 -30.21 34.49 -17.91
N HIS Y 102 -30.38 34.84 -19.19
CA HIS Y 102 -31.38 34.19 -20.02
C HIS Y 102 -30.81 33.55 -21.28
N LEU Y 103 -29.49 33.60 -21.48
CA LEU Y 103 -28.85 32.91 -22.59
C LEU Y 103 -27.61 32.12 -22.14
N VAL Y 104 -27.42 31.95 -20.84
CA VAL Y 104 -26.24 31.23 -20.34
C VAL Y 104 -26.45 29.73 -20.52
N GLY Y 105 -25.55 29.11 -21.28
CA GLY Y 105 -25.60 27.66 -21.46
C GLY Y 105 -26.84 27.15 -22.14
N ASN Y 106 -27.50 27.96 -22.97
CA ASN Y 106 -28.68 27.50 -23.68
C ASN Y 106 -28.29 26.54 -24.79
N VAL Y 107 -29.12 25.51 -24.98
CA VAL Y 107 -28.89 24.47 -25.98
C VAL Y 107 -30.09 24.45 -26.91
N TYR Y 108 -29.86 24.77 -28.18
CA TYR Y 108 -30.90 24.76 -29.20
C TYR Y 108 -30.72 23.55 -30.11
N VAL Y 109 -31.81 22.86 -30.40
CA VAL Y 109 -31.80 21.68 -31.26
C VAL Y 109 -32.95 21.81 -32.24
N ARG Y 110 -32.63 21.75 -33.53
CA ARG Y 110 -33.63 21.83 -34.59
C ARG Y 110 -33.81 20.44 -35.20
N PHE Y 111 -35.03 19.91 -35.09
CA PHE Y 111 -35.34 18.62 -35.68
C PHE Y 111 -35.84 18.79 -37.12
N LYS Y 112 -35.93 17.67 -37.83
CA LYS Y 112 -36.43 17.72 -39.20
C LYS Y 112 -37.95 17.79 -39.24
N TYR Y 113 -38.63 17.12 -38.32
CA TYR Y 113 -40.07 17.09 -38.26
C TYR Y 113 -40.56 17.81 -37.01
N GLU Y 114 -41.75 18.42 -37.10
CA GLU Y 114 -42.31 19.13 -35.97
C GLU Y 114 -42.78 18.17 -34.89
N GLU Y 115 -43.22 16.97 -35.26
CA GLU Y 115 -43.65 15.98 -34.27
C GLU Y 115 -42.48 15.47 -33.45
N SER Y 116 -41.28 15.44 -34.04
CA SER Y 116 -40.10 15.00 -33.30
C SER Y 116 -39.76 15.96 -32.17
N ALA Y 117 -40.03 17.26 -32.36
CA ALA Y 117 -39.72 18.24 -31.33
C ALA Y 117 -40.71 18.19 -30.18
N GLN Y 118 -41.98 17.89 -30.46
CA GLN Y 118 -42.98 17.84 -29.40
C GLN Y 118 -42.75 16.66 -28.48
N ASN Y 119 -42.37 15.51 -29.04
CA ASN Y 119 -42.09 14.33 -28.21
C ASN Y 119 -40.84 14.49 -27.37
N ALA Y 120 -39.93 15.38 -27.76
CA ALA Y 120 -38.70 15.57 -26.99
C ALA Y 120 -38.95 16.37 -25.72
N ILE Y 121 -39.69 17.48 -25.83
CA ILE Y 121 -39.94 18.30 -24.65
C ILE Y 121 -40.86 17.58 -23.67
N ASP Y 122 -41.70 16.68 -24.17
CA ASP Y 122 -42.57 15.91 -23.27
C ASP Y 122 -41.80 14.89 -22.46
N ASP Y 123 -40.62 14.48 -22.93
CA ASP Y 123 -39.80 13.51 -22.23
C ASP Y 123 -38.62 14.14 -21.50
N LEU Y 124 -38.03 15.21 -22.05
CA LEU Y 124 -36.88 15.84 -21.41
C LEU Y 124 -37.26 16.55 -20.12
N ASN Y 125 -38.50 17.07 -20.04
CA ASN Y 125 -38.93 17.77 -18.84
C ASN Y 125 -39.12 16.85 -17.64
N SER Y 126 -38.95 15.54 -17.82
CA SER Y 126 -39.04 14.57 -16.73
C SER Y 126 -37.74 13.81 -16.52
N ARG Y 127 -36.66 14.22 -17.18
CA ARG Y 127 -35.36 13.57 -17.08
C ARG Y 127 -34.37 14.49 -16.37
N TRP Y 128 -33.16 13.97 -16.16
CA TRP Y 128 -32.10 14.69 -15.48
C TRP Y 128 -30.86 14.73 -16.36
N TYR Y 129 -29.98 15.67 -16.03
CA TYR Y 129 -28.67 15.76 -16.68
C TYR Y 129 -27.71 16.47 -15.73
N SER Y 130 -26.62 15.81 -15.36
CA SER Y 130 -25.60 16.38 -14.49
C SER Y 130 -26.20 16.86 -13.17
N GLN Y 131 -27.00 15.97 -12.55
CA GLN Y 131 -27.60 16.20 -11.24
C GLN Y 131 -28.50 17.44 -11.21
N ARG Y 132 -29.17 17.72 -12.33
CA ARG Y 132 -30.09 18.85 -12.41
C ARG Y 132 -31.26 18.50 -13.32
N PRO Y 133 -32.48 18.86 -12.96
CA PRO Y 133 -33.63 18.57 -13.83
C PRO Y 133 -33.57 19.39 -15.10
N VAL Y 134 -33.98 18.77 -16.20
CA VAL Y 134 -33.87 19.37 -17.53
C VAL Y 134 -35.13 20.18 -17.84
N TYR Y 135 -34.95 21.46 -18.15
CA TYR Y 135 -36.04 22.31 -18.62
C TYR Y 135 -36.05 22.33 -20.14
N ALA Y 136 -37.20 22.05 -20.72
CA ALA Y 136 -37.35 22.00 -22.18
C ALA Y 136 -38.61 22.74 -22.60
N GLU Y 137 -38.50 23.48 -23.70
CA GLU Y 137 -39.64 24.22 -24.23
C GLU Y 137 -39.40 24.50 -25.71
N LEU Y 138 -40.49 24.75 -26.42
CA LEU Y 138 -40.40 25.05 -27.85
C LEU Y 138 -39.87 26.47 -28.07
N SER Y 139 -38.96 26.61 -29.03
CA SER Y 139 -38.36 27.89 -29.33
C SER Y 139 -38.72 28.32 -30.75
N PRO Y 140 -39.04 29.61 -30.96
CA PRO Y 140 -39.39 30.09 -32.30
C PRO Y 140 -38.20 30.31 -33.22
N VAL Y 141 -37.00 29.88 -32.84
CA VAL Y 141 -35.82 30.08 -33.68
C VAL Y 141 -35.91 29.19 -34.91
N THR Y 142 -35.76 29.79 -36.09
CA THR Y 142 -35.77 29.06 -37.35
C THR Y 142 -34.39 29.08 -38.02
N ASP Y 143 -33.87 30.27 -38.30
CA ASP Y 143 -32.55 30.43 -38.92
C ASP Y 143 -31.57 30.87 -37.85
N PHE Y 144 -30.53 30.06 -37.60
CA PHE Y 144 -29.54 30.41 -36.60
C PHE Y 144 -28.60 31.52 -37.09
N ARG Y 145 -28.50 31.73 -38.40
CA ARG Y 145 -27.65 32.81 -38.90
C ARG Y 145 -28.22 34.18 -38.53
N GLU Y 146 -29.54 34.31 -38.50
CA GLU Y 146 -30.18 35.55 -38.08
C GLU Y 146 -30.18 35.71 -36.56
N ALA Y 147 -29.69 34.71 -35.82
CA ALA Y 147 -29.65 34.76 -34.37
C ALA Y 147 -28.24 34.86 -33.80
N CYS Y 148 -27.23 34.47 -34.57
CA CYS Y 148 -25.85 34.57 -34.10
C CYS Y 148 -25.35 36.00 -34.20
N CYS Y 149 -24.36 36.32 -33.38
CA CYS Y 149 -23.79 37.66 -33.36
C CYS Y 149 -22.89 37.87 -34.57
N ARG Y 150 -23.11 38.97 -35.29
CA ARG Y 150 -22.33 39.25 -36.48
C ARG Y 150 -20.90 39.65 -36.14
N GLN Y 151 -20.72 40.38 -35.05
CA GLN Y 151 -19.39 40.80 -34.62
C GLN Y 151 -18.63 39.73 -33.85
N HIS Y 152 -19.25 38.57 -33.61
CA HIS Y 152 -18.58 37.48 -32.91
C HIS Y 152 -17.92 36.49 -33.85
N GLU Y 153 -18.43 36.35 -35.07
CA GLU Y 153 -17.81 35.43 -36.03
C GLU Y 153 -16.42 35.93 -36.43
N THR Y 154 -16.29 37.24 -36.66
CA THR Y 154 -15.00 37.85 -36.97
C THR Y 154 -14.45 38.52 -35.72
N SER Y 155 -13.30 38.03 -35.24
CA SER Y 155 -12.59 38.57 -34.07
C SER Y 155 -13.53 38.49 -32.87
N GLU Y 156 -13.73 39.55 -32.10
CA GLU Y 156 -14.58 39.53 -30.92
C GLU Y 156 -15.45 40.77 -30.87
N CYS Y 157 -16.70 40.58 -30.46
CA CYS Y 157 -17.64 41.69 -30.29
C CYS Y 157 -17.34 42.46 -29.01
N GLN Y 158 -17.54 43.77 -29.06
CA GLN Y 158 -17.24 44.63 -27.92
C GLN Y 158 -18.13 44.35 -26.70
N ARG Y 159 -19.28 43.69 -26.90
CA ARG Y 159 -20.18 43.41 -25.80
C ARG Y 159 -19.74 42.22 -24.95
N GLY Y 160 -18.84 41.38 -25.46
CA GLY Y 160 -18.37 40.27 -24.67
C GLY Y 160 -19.41 39.16 -24.55
N GLY Y 161 -19.31 38.41 -23.45
CA GLY Y 161 -20.24 37.30 -23.22
C GLY Y 161 -21.65 37.73 -22.88
N LEU Y 162 -21.85 39.00 -22.51
CA LEU Y 162 -23.17 39.52 -22.19
C LEU Y 162 -23.94 39.97 -23.43
N CYS Y 163 -23.51 39.56 -24.62
CA CYS Y 163 -24.24 39.91 -25.83
C CYS Y 163 -25.61 39.24 -25.83
N ASN Y 164 -26.62 39.96 -26.30
CA ASN Y 164 -27.97 39.43 -26.33
C ASN Y 164 -28.21 38.48 -27.51
N PHE Y 165 -27.22 38.33 -28.40
CA PHE Y 165 -27.30 37.36 -29.48
C PHE Y 165 -26.48 36.13 -29.12
N MET Y 166 -26.72 35.06 -29.87
CA MET Y 166 -26.08 33.78 -29.57
C MET Y 166 -24.59 33.81 -29.89
N HIS Y 167 -23.76 33.55 -28.88
CA HIS Y 167 -22.33 33.32 -29.06
C HIS Y 167 -22.12 31.81 -29.06
N ALA Y 168 -22.42 31.20 -30.20
CA ALA Y 168 -22.37 29.75 -30.30
C ALA Y 168 -20.95 29.24 -30.13
N LYS Y 169 -20.78 28.27 -29.23
CA LYS Y 169 -19.50 27.63 -29.01
C LYS Y 169 -19.41 26.42 -29.94
N LYS Y 170 -18.58 26.52 -30.97
CA LYS Y 170 -18.51 25.47 -31.98
C LYS Y 170 -17.54 24.38 -31.55
N PRO Y 171 -17.89 23.11 -31.76
CA PRO Y 171 -16.96 22.01 -31.45
C PRO Y 171 -15.91 21.85 -32.53
N SER Y 172 -15.15 20.76 -32.46
CA SER Y 172 -14.17 20.48 -33.50
C SER Y 172 -14.88 20.08 -34.80
N PRO Y 173 -14.38 20.51 -35.95
CA PRO Y 173 -15.03 20.13 -37.21
C PRO Y 173 -15.02 18.64 -37.48
N GLN Y 174 -14.04 17.91 -36.94
CA GLN Y 174 -13.99 16.47 -37.13
C GLN Y 174 -15.15 15.78 -36.41
N LEU Y 175 -15.47 16.24 -35.19
CA LEU Y 175 -16.56 15.62 -34.45
C LEU Y 175 -17.91 15.90 -35.09
N LEU Y 176 -18.10 17.13 -35.62
CA LEU Y 176 -19.37 17.47 -36.25
C LEU Y 176 -19.61 16.62 -37.48
N ARG Y 177 -18.56 16.34 -38.26
CA ARG Y 177 -18.73 15.50 -39.44
C ARG Y 177 -18.98 14.05 -39.05
N ASP Y 178 -18.29 13.55 -38.02
CA ASP Y 178 -18.50 12.16 -37.59
C ASP Y 178 -19.90 11.96 -37.02
N LEU Y 179 -20.51 13.01 -36.50
CA LEU Y 179 -21.87 12.89 -35.96
C LEU Y 179 -22.90 12.90 -37.07
N VAL Y 180 -22.69 13.71 -38.11
CA VAL Y 180 -23.63 13.75 -39.22
C VAL Y 180 -23.56 12.47 -40.03
N LEU Y 181 -22.36 11.93 -40.23
CA LEU Y 181 -22.23 10.66 -40.95
C LEU Y 181 -22.85 9.51 -40.15
N ALA Y 182 -22.73 9.55 -38.82
CA ALA Y 182 -23.36 8.55 -37.99
C ALA Y 182 -24.88 8.71 -37.98
N GLN Y 183 -25.35 9.96 -38.06
CA GLN Y 183 -26.79 10.20 -38.10
C GLN Y 183 -27.39 9.76 -39.43
N ARG Y 184 -26.66 9.97 -40.53
CA ARG Y 184 -27.16 9.52 -41.83
C ARG Y 184 -27.23 8.00 -41.93
N LYS Y 185 -26.29 7.29 -41.30
CA LYS Y 185 -26.34 5.83 -41.31
C LYS Y 185 -27.44 5.30 -40.39
N TYR Y 186 -27.64 5.94 -39.24
CA TYR Y 186 -28.69 5.49 -38.32
C TYR Y 186 -30.07 5.64 -38.95
N LEU Y 187 -30.27 6.70 -39.73
CA LEU Y 187 -31.55 6.86 -40.43
C LEU Y 187 -31.65 5.97 -41.64
N ALA Y 188 -30.52 5.73 -42.33
CA ALA Y 188 -30.51 4.80 -43.44
C ALA Y 188 -30.69 3.37 -42.97
N LEU Y 189 -30.16 3.03 -41.80
CA LEU Y 189 -30.37 1.69 -41.25
C LEU Y 189 -31.83 1.49 -40.84
N ASN Y 190 -32.49 2.54 -40.34
CA ASN Y 190 -33.93 2.47 -40.09
C ASN Y 190 -34.71 2.84 -41.35
N ALA Y 191 -34.31 2.23 -42.47
CA ALA Y 191 -34.98 2.37 -43.75
C ALA Y 191 -34.95 1.12 -44.61
N ALA Y 192 -33.91 0.29 -44.50
CA ALA Y 192 -33.85 -1.00 -45.17
C ALA Y 192 -34.66 -2.07 -44.46
N GLU Y 193 -35.23 -1.76 -43.29
CA GLU Y 193 -36.06 -2.69 -42.55
C GLU Y 193 -37.52 -2.34 -42.75
N GLU Y 194 -37.97 -2.48 -43.99
CA GLU Y 194 -39.35 -2.18 -44.36
C GLU Y 194 -39.98 -3.35 -45.12
N GLU Z 23 -26.61 5.39 -51.06
CA GLU Z 23 -26.02 6.12 -49.95
C GLU Z 23 -25.52 5.17 -48.87
N LEU Z 24 -26.23 4.05 -48.70
CA LEU Z 24 -25.86 3.08 -47.66
C LEU Z 24 -24.47 2.51 -47.90
N GLU Z 25 -24.08 2.32 -49.16
CA GLU Z 25 -22.76 1.79 -49.47
C GLU Z 25 -21.65 2.79 -49.20
N GLN Z 26 -21.97 4.09 -49.20
CA GLN Z 26 -20.95 5.12 -48.97
C GLN Z 26 -20.49 5.15 -47.53
N LEU Z 27 -21.35 4.80 -46.58
CA LEU Z 27 -21.04 4.89 -45.16
C LEU Z 27 -20.71 3.51 -44.58
N ARG Z 28 -19.65 2.91 -45.09
CA ARG Z 28 -19.18 1.64 -44.58
C ARG Z 28 -18.31 1.84 -43.34
N THR Z 31 -19.55 3.67 -37.58
CA THR Z 31 -20.42 3.24 -36.50
C THR Z 31 -21.68 4.12 -36.45
N PRO Z 32 -22.84 3.48 -36.38
CA PRO Z 32 -24.09 4.25 -36.32
C PRO Z 32 -24.20 5.03 -35.01
N ILE Z 33 -25.04 6.07 -35.04
CA ILE Z 33 -25.12 6.97 -33.91
C ILE Z 33 -25.73 6.28 -32.69
N ASN Z 34 -26.65 5.33 -32.91
CA ASN Z 34 -27.27 4.60 -31.81
C ASN Z 34 -26.35 3.56 -31.22
N GLN Z 35 -25.15 3.37 -31.77
CA GLN Z 35 -24.20 2.37 -31.31
C GLN Z 35 -22.89 3.01 -30.88
N TRP Z 36 -22.94 4.28 -30.46
CA TRP Z 36 -21.74 4.94 -29.97
C TRP Z 36 -21.52 4.59 -28.50
N LYS Z 37 -20.28 4.22 -28.16
CA LYS Z 37 -19.95 3.83 -26.79
C LYS Z 37 -19.61 5.09 -26.00
N ARG Z 38 -20.66 5.75 -25.50
CA ARG Z 38 -20.49 6.92 -24.64
C ARG Z 38 -19.92 6.46 -23.31
N LYS Z 39 -18.64 6.75 -23.08
CA LYS Z 39 -17.91 6.22 -21.92
C LYS Z 39 -18.56 6.68 -20.61
N ARG Z 40 -18.57 7.98 -20.36
CA ARG Z 40 -19.15 8.53 -19.13
C ARG Z 40 -20.11 9.66 -19.50
N SER Z 41 -21.34 9.27 -19.83
CA SER Z 41 -22.41 10.22 -20.10
C SER Z 41 -23.04 10.70 -18.81
N LEU Z 42 -23.46 11.97 -18.82
CA LEU Z 42 -24.03 12.60 -17.64
C LEU Z 42 -25.56 12.65 -17.67
N TRP Z 43 -26.19 11.95 -18.60
CA TRP Z 43 -27.64 11.93 -18.66
C TRP Z 43 -28.23 11.02 -17.59
N ASP Z 44 -29.43 11.37 -17.13
CA ASP Z 44 -30.17 10.61 -16.13
C ASP Z 44 -29.41 10.47 -14.82
N ILE Z 45 -28.42 11.31 -14.58
CA ILE Z 45 -27.63 11.28 -13.35
C ILE Z 45 -28.26 12.25 -12.36
N LYS Z 46 -28.67 11.74 -11.20
CA LYS Z 46 -29.30 12.52 -10.16
C LYS Z 46 -28.33 12.77 -9.00
N PRO Z 47 -28.52 13.85 -8.24
CA PRO Z 47 -27.67 14.08 -7.07
C PRO Z 47 -27.90 13.00 -6.02
N PRO Z 48 -26.97 12.83 -5.08
CA PRO Z 48 -27.11 11.76 -4.08
C PRO Z 48 -28.34 11.95 -3.21
N GLY Z 49 -29.11 10.88 -3.05
CA GLY Z 49 -30.33 10.90 -2.27
C GLY Z 49 -31.59 11.08 -3.09
N TYR Z 50 -31.47 11.56 -4.33
CA TYR Z 50 -32.61 11.86 -5.19
C TYR Z 50 -33.11 10.63 -5.96
N GLU Z 51 -32.99 9.43 -5.38
CA GLU Z 51 -33.44 8.23 -6.08
C GLU Z 51 -34.95 8.24 -6.28
N LEU Z 52 -35.70 8.66 -5.25
CA LEU Z 52 -37.14 8.71 -5.32
C LEU Z 52 -37.67 10.09 -5.71
N VAL Z 53 -36.79 11.07 -5.90
CA VAL Z 53 -37.19 12.43 -6.26
C VAL Z 53 -37.27 12.53 -7.77
N THR Z 54 -38.47 12.80 -8.29
CA THR Z 54 -38.65 12.96 -9.73
C THR Z 54 -38.24 14.36 -10.16
N ALA Z 55 -38.20 14.58 -11.47
CA ALA Z 55 -37.82 15.88 -12.01
C ALA Z 55 -38.88 16.93 -11.69
N ASP Z 56 -40.15 16.54 -11.65
CA ASP Z 56 -41.21 17.50 -11.34
C ASP Z 56 -41.13 17.95 -9.89
N GLN Z 57 -40.78 17.04 -8.98
CA GLN Z 57 -40.68 17.40 -7.57
C GLN Z 57 -39.50 18.33 -7.31
N ALA Z 58 -38.45 18.23 -8.13
CA ALA Z 58 -37.28 19.09 -7.96
C ALA Z 58 -37.52 20.51 -8.45
N LYS Z 59 -38.31 20.68 -9.50
CA LYS Z 59 -38.57 22.02 -10.02
C LYS Z 59 -39.49 22.82 -9.10
N MET Z 60 -40.55 22.20 -8.60
CA MET Z 60 -41.45 22.89 -7.68
C MET Z 60 -40.81 23.18 -6.34
N SER Z 61 -39.75 22.45 -5.98
CA SER Z 61 -39.07 22.71 -4.71
C SER Z 61 -38.22 23.96 -4.75
N GLY Z 62 -37.90 24.47 -5.95
CA GLY Z 62 -37.08 25.65 -6.09
C GLY Z 62 -35.61 25.45 -5.81
N VAL Z 63 -35.17 24.22 -5.55
CA VAL Z 63 -33.76 23.98 -5.28
C VAL Z 63 -32.94 24.12 -6.56
N PHE Z 64 -33.56 23.88 -7.72
CA PHE Z 64 -32.90 23.99 -9.02
C PHE Z 64 -33.65 25.04 -9.84
N PRO Z 65 -33.40 26.32 -9.59
CA PRO Z 65 -34.09 27.37 -10.34
C PRO Z 65 -33.32 27.79 -11.58
N LEU Z 66 -34.06 28.42 -12.49
CA LEU Z 66 -33.44 28.98 -13.68
C LEU Z 66 -32.73 30.30 -13.34
N PRO Z 67 -31.69 30.66 -14.09
CA PRO Z 67 -30.98 31.92 -13.80
C PRO Z 67 -31.88 33.14 -13.91
N GLY Z 68 -32.13 33.79 -12.78
CA GLY Z 68 -33.00 34.96 -12.75
C GLY Z 68 -34.01 34.93 -11.62
#